data_7AFV
# 
_entry.id   7AFV 
# 
_audit_conform.dict_name       mmcif_pdbx.dic 
_audit_conform.dict_version    5.397 
_audit_conform.dict_location   http://mmcif.pdb.org/dictionaries/ascii/mmcif_pdbx.dic 
# 
loop_
_database_2.database_id 
_database_2.database_code 
_database_2.pdbx_database_accession 
_database_2.pdbx_DOI 
PDB   7AFV         pdb_00007afv 10.2210/pdb7afv/pdb 
WWPDB D_1292111280 ?            ?                   
# 
loop_
_pdbx_audit_revision_history.ordinal 
_pdbx_audit_revision_history.data_content_type 
_pdbx_audit_revision_history.major_revision 
_pdbx_audit_revision_history.minor_revision 
_pdbx_audit_revision_history.revision_date 
1 'Structure model' 1 0 2020-12-09 
2 'Structure model' 1 1 2020-12-16 
3 'Structure model' 1 2 2024-01-31 
4 'Structure model' 1 3 2024-10-16 
# 
_pdbx_audit_revision_details.ordinal             1 
_pdbx_audit_revision_details.revision_ordinal    1 
_pdbx_audit_revision_details.data_content_type   'Structure model' 
_pdbx_audit_revision_details.provider            repository 
_pdbx_audit_revision_details.type                'Initial release' 
_pdbx_audit_revision_details.description         ? 
_pdbx_audit_revision_details.details             ? 
# 
loop_
_pdbx_audit_revision_group.ordinal 
_pdbx_audit_revision_group.revision_ordinal 
_pdbx_audit_revision_group.data_content_type 
_pdbx_audit_revision_group.group 
1 2 'Structure model' 'Database references'    
2 3 'Structure model' 'Data collection'        
3 3 'Structure model' 'Database references'    
4 3 'Structure model' 'Refinement description' 
5 4 'Structure model' 'Structure summary'      
# 
loop_
_pdbx_audit_revision_category.ordinal 
_pdbx_audit_revision_category.revision_ordinal 
_pdbx_audit_revision_category.data_content_type 
_pdbx_audit_revision_category.category 
1 2 'Structure model' citation                      
2 2 'Structure model' citation_author               
3 3 'Structure model' chem_comp_atom                
4 3 'Structure model' chem_comp_bond                
5 3 'Structure model' database_2                    
6 3 'Structure model' pdbx_initial_refinement_model 
7 3 'Structure model' struct_ncs_dom_lim            
8 4 'Structure model' pdbx_entry_details            
9 4 'Structure model' pdbx_modification_feature     
# 
loop_
_pdbx_audit_revision_item.ordinal 
_pdbx_audit_revision_item.revision_ordinal 
_pdbx_audit_revision_item.data_content_type 
_pdbx_audit_revision_item.item 
1  2 'Structure model' '_citation.journal_volume'                     
2  2 'Structure model' '_citation.page_first'                         
3  2 'Structure model' '_citation.page_last'                          
4  2 'Structure model' '_citation_author.identifier_ORCID'            
5  3 'Structure model' '_database_2.pdbx_DOI'                         
6  3 'Structure model' '_database_2.pdbx_database_accession'          
7  3 'Structure model' '_struct_ncs_dom_lim.beg_auth_comp_id'         
8  3 'Structure model' '_struct_ncs_dom_lim.beg_label_asym_id'        
9  3 'Structure model' '_struct_ncs_dom_lim.beg_label_comp_id'        
10 3 'Structure model' '_struct_ncs_dom_lim.beg_label_seq_id'         
11 3 'Structure model' '_struct_ncs_dom_lim.end_auth_comp_id'         
12 3 'Structure model' '_struct_ncs_dom_lim.end_label_asym_id'        
13 3 'Structure model' '_struct_ncs_dom_lim.end_label_comp_id'        
14 3 'Structure model' '_struct_ncs_dom_lim.end_label_seq_id'         
15 4 'Structure model' '_pdbx_entry_details.has_protein_modification' 
# 
_pdbx_database_status.status_code                     REL 
_pdbx_database_status.status_code_sf                  REL 
_pdbx_database_status.status_code_mr                  ? 
_pdbx_database_status.entry_id                        7AFV 
_pdbx_database_status.recvd_initial_deposition_date   2020-09-20 
_pdbx_database_status.SG_entry                        N 
_pdbx_database_status.deposit_site                    PDBE 
_pdbx_database_status.process_site                    PDBE 
_pdbx_database_status.status_code_cs                  ? 
_pdbx_database_status.status_code_nmr_data            ? 
_pdbx_database_status.methods_development_category    ? 
_pdbx_database_status.pdb_format_compatible           Y 
# 
loop_
_audit_author.name 
_audit_author.pdbx_ordinal 
_audit_author.identifier_ORCID 
'Guthertz, N.'  1 0000-0001-7247-1176 
'Cawood, E.'    2 0000-0002-2707-8022 
'Karamanos, T.' 3 0000-0003-2297-540X 
# 
_citation.abstract                  ? 
_citation.abstract_id_CAS           ? 
_citation.book_id_ISBN              ? 
_citation.book_publisher            ? 
_citation.book_publisher_city       ? 
_citation.book_title                ? 
_citation.coordinate_linkage        ? 
_citation.country                   US 
_citation.database_id_Medline       ? 
_citation.details                   ? 
_citation.id                        primary 
_citation.journal_abbrev            J.Am.Chem.Soc. 
_citation.journal_id_ASTM           JACSAT 
_citation.journal_id_CSD            ? 
_citation.journal_id_ISSN           1520-5126 
_citation.journal_full              ? 
_citation.journal_issue             ? 
_citation.journal_volume            142 
_citation.language                  ? 
_citation.page_first                20845 
_citation.page_last                 20854 
_citation.title                     'Modulation of Amyloidogenic Protein Self-Assembly Using Tethered Small Molecules.' 
_citation.year                      2020 
_citation.database_id_CSD           ? 
_citation.pdbx_database_id_DOI      10.1021/jacs.0c10629 
_citation.pdbx_database_id_PubMed   33253560 
_citation.unpublished_flag          ? 
# 
loop_
_citation_author.citation_id 
_citation_author.name 
_citation_author.ordinal 
_citation_author.identifier_ORCID 
primary 'Cawood, E.E.'    1 ? 
primary 'Guthertz, N.'    2 ? 
primary 'Ebo, J.S.'       3 ? 
primary 'Karamanos, T.K.' 4 ? 
primary 'Radford, S.E.'   5 ? 
primary 'Wilson, A.J.'    6 ? 
# 
loop_
_entity.id 
_entity.type 
_entity.src_method 
_entity.pdbx_description 
_entity.formula_weight 
_entity.pdbx_number_of_molecules 
_entity.pdbx_ec 
_entity.pdbx_mutation 
_entity.pdbx_fragment 
_entity.details 
1 polymer     man Beta-2-microglobulin                                                                              10766.065 2  ? 
? ? ? 
2 non-polymer syn 2-AMINO-2-HYDROXYMETHYL-PROPANE-1,3-DIOL                                                          122.143   1  ? 
? ? ? 
3 non-polymer syn '5-oxidanylidene-~{N}-(2-sulfanylethyl)-2,3-dihydro-[1,3]thiazolo[3,2-a]pyrimidine-6-carboxamide' 257.333   2  ? 
? ? ? 
4 water       nat water                                                                                             18.015    33 ? 
? ? ? 
# 
_entity_poly.entity_id                      1 
_entity_poly.type                           'polypeptide(L)' 
_entity_poly.nstd_linkage                   no 
_entity_poly.nstd_monomer                   no 
_entity_poly.pdbx_seq_one_letter_code       
;MIQVYSRHPAENGKSNFLNCYVSGFHPSDIEVDLLKNGERIEKVEHCDLSFSKDWSFYLLYYTEFTPTEKDEYACRVNHV
TLSQPKIVKWD
;
_entity_poly.pdbx_seq_one_letter_code_can   
;MIQVYSRHPAENGKSNFLNCYVSGFHPSDIEVDLLKNGERIEKVEHCDLSFSKDWSFYLLYYTEFTPTEKDEYACRVNHV
TLSQPKIVKWD
;
_entity_poly.pdbx_strand_id                 A,B 
_entity_poly.pdbx_target_identifier         ? 
# 
loop_
_pdbx_entity_nonpoly.entity_id 
_pdbx_entity_nonpoly.name 
_pdbx_entity_nonpoly.comp_id 
2 2-AMINO-2-HYDROXYMETHYL-PROPANE-1,3-DIOL                                                          TRS 
3 '5-oxidanylidene-~{N}-(2-sulfanylethyl)-2,3-dihydro-[1,3]thiazolo[3,2-a]pyrimidine-6-carboxamide' SJK 
4 water                                                                                             HOH 
# 
loop_
_entity_poly_seq.entity_id 
_entity_poly_seq.num 
_entity_poly_seq.mon_id 
_entity_poly_seq.hetero 
1 1  MET n 
1 2  ILE n 
1 3  GLN n 
1 4  VAL n 
1 5  TYR n 
1 6  SER n 
1 7  ARG n 
1 8  HIS n 
1 9  PRO n 
1 10 ALA n 
1 11 GLU n 
1 12 ASN n 
1 13 GLY n 
1 14 LYS n 
1 15 SER n 
1 16 ASN n 
1 17 PHE n 
1 18 LEU n 
1 19 ASN n 
1 20 CYS n 
1 21 TYR n 
1 22 VAL n 
1 23 SER n 
1 24 GLY n 
1 25 PHE n 
1 26 HIS n 
1 27 PRO n 
1 28 SER n 
1 29 ASP n 
1 30 ILE n 
1 31 GLU n 
1 32 VAL n 
1 33 ASP n 
1 34 LEU n 
1 35 LEU n 
1 36 LYS n 
1 37 ASN n 
1 38 GLY n 
1 39 GLU n 
1 40 ARG n 
1 41 ILE n 
1 42 GLU n 
1 43 LYS n 
1 44 VAL n 
1 45 GLU n 
1 46 HIS n 
1 47 CYS n 
1 48 ASP n 
1 49 LEU n 
1 50 SER n 
1 51 PHE n 
1 52 SER n 
1 53 LYS n 
1 54 ASP n 
1 55 TRP n 
1 56 SER n 
1 57 PHE n 
1 58 TYR n 
1 59 LEU n 
1 60 LEU n 
1 61 TYR n 
1 62 TYR n 
1 63 THR n 
1 64 GLU n 
1 65 PHE n 
1 66 THR n 
1 67 PRO n 
1 68 THR n 
1 69 GLU n 
1 70 LYS n 
1 71 ASP n 
1 72 GLU n 
1 73 TYR n 
1 74 ALA n 
1 75 CYS n 
1 76 ARG n 
1 77 VAL n 
1 78 ASN n 
1 79 HIS n 
1 80 VAL n 
1 81 THR n 
1 82 LEU n 
1 83 SER n 
1 84 GLN n 
1 85 PRO n 
1 86 LYS n 
1 87 ILE n 
1 88 VAL n 
1 89 LYS n 
1 90 TRP n 
1 91 ASP n 
# 
_entity_src_gen.entity_id                          1 
_entity_src_gen.pdbx_src_id                        1 
_entity_src_gen.pdbx_alt_source_flag               sample 
_entity_src_gen.pdbx_seq_type                      'Biological sequence' 
_entity_src_gen.pdbx_beg_seq_num                   1 
_entity_src_gen.pdbx_end_seq_num                   91 
_entity_src_gen.gene_src_common_name               Human 
_entity_src_gen.gene_src_genus                     ? 
_entity_src_gen.pdbx_gene_src_gene                 'B2M, CDABP0092, HDCMA22P' 
_entity_src_gen.gene_src_species                   ? 
_entity_src_gen.gene_src_strain                    ? 
_entity_src_gen.gene_src_tissue                    ? 
_entity_src_gen.gene_src_tissue_fraction           ? 
_entity_src_gen.gene_src_details                   ? 
_entity_src_gen.pdbx_gene_src_fragment             ? 
_entity_src_gen.pdbx_gene_src_scientific_name      'Homo sapiens' 
_entity_src_gen.pdbx_gene_src_ncbi_taxonomy_id     9606 
_entity_src_gen.pdbx_gene_src_variant              ? 
_entity_src_gen.pdbx_gene_src_cell_line            ? 
_entity_src_gen.pdbx_gene_src_atcc                 ? 
_entity_src_gen.pdbx_gene_src_organ                ? 
_entity_src_gen.pdbx_gene_src_organelle            ? 
_entity_src_gen.pdbx_gene_src_cell                 ? 
_entity_src_gen.pdbx_gene_src_cellular_location    ? 
_entity_src_gen.host_org_common_name               ? 
_entity_src_gen.pdbx_host_org_scientific_name      'Escherichia coli BL21(DE3)' 
_entity_src_gen.pdbx_host_org_ncbi_taxonomy_id     469008 
_entity_src_gen.host_org_genus                     ? 
_entity_src_gen.pdbx_host_org_gene                 ? 
_entity_src_gen.pdbx_host_org_organ                ? 
_entity_src_gen.host_org_species                   ? 
_entity_src_gen.pdbx_host_org_tissue               ? 
_entity_src_gen.pdbx_host_org_tissue_fraction      ? 
_entity_src_gen.pdbx_host_org_strain               ? 
_entity_src_gen.pdbx_host_org_variant              ? 
_entity_src_gen.pdbx_host_org_cell_line            ? 
_entity_src_gen.pdbx_host_org_atcc                 ? 
_entity_src_gen.pdbx_host_org_culture_collection   ? 
_entity_src_gen.pdbx_host_org_cell                 ? 
_entity_src_gen.pdbx_host_org_organelle            ? 
_entity_src_gen.pdbx_host_org_cellular_location    ? 
_entity_src_gen.pdbx_host_org_vector_type          ? 
_entity_src_gen.pdbx_host_org_vector               ? 
_entity_src_gen.host_org_details                   ? 
_entity_src_gen.expression_system_id               ? 
_entity_src_gen.plasmid_name                       ? 
_entity_src_gen.plasmid_details                    ? 
_entity_src_gen.pdbx_description                   ? 
# 
loop_
_chem_comp.id 
_chem_comp.type 
_chem_comp.mon_nstd_flag 
_chem_comp.name 
_chem_comp.pdbx_synonyms 
_chem_comp.formula 
_chem_comp.formula_weight 
ALA 'L-peptide linking' y ALANINE                                                                                           ? 
'C3 H7 N O2'      89.093  
ARG 'L-peptide linking' y ARGININE                                                                                          ? 
'C6 H15 N4 O2 1'  175.209 
ASN 'L-peptide linking' y ASPARAGINE                                                                                        ? 
'C4 H8 N2 O3'     132.118 
ASP 'L-peptide linking' y 'ASPARTIC ACID'                                                                                   ? 
'C4 H7 N O4'      133.103 
CYS 'L-peptide linking' y CYSTEINE                                                                                          ? 
'C3 H7 N O2 S'    121.158 
GLN 'L-peptide linking' y GLUTAMINE                                                                                         ? 
'C5 H10 N2 O3'    146.144 
GLU 'L-peptide linking' y 'GLUTAMIC ACID'                                                                                   ? 
'C5 H9 N O4'      147.129 
GLY 'peptide linking'   y GLYCINE                                                                                           ? 
'C2 H5 N O2'      75.067  
HIS 'L-peptide linking' y HISTIDINE                                                                                         ? 
'C6 H10 N3 O2 1'  156.162 
HOH non-polymer         . WATER                                                                                             ? 
'H2 O'            18.015  
ILE 'L-peptide linking' y ISOLEUCINE                                                                                        ? 
'C6 H13 N O2'     131.173 
LEU 'L-peptide linking' y LEUCINE                                                                                           ? 
'C6 H13 N O2'     131.173 
LYS 'L-peptide linking' y LYSINE                                                                                            ? 
'C6 H15 N2 O2 1'  147.195 
MET 'L-peptide linking' y METHIONINE                                                                                        ? 
'C5 H11 N O2 S'   149.211 
PHE 'L-peptide linking' y PHENYLALANINE                                                                                     ? 
'C9 H11 N O2'     165.189 
PRO 'L-peptide linking' y PROLINE                                                                                           ? 
'C5 H9 N O2'      115.130 
SER 'L-peptide linking' y SERINE                                                                                            ? 
'C3 H7 N O3'      105.093 
SJK non-polymer         . '5-oxidanylidene-~{N}-(2-sulfanylethyl)-2,3-dihydro-[1,3]thiazolo[3,2-a]pyrimidine-6-carboxamide' ? 
'C9 H11 N3 O2 S2' 257.333 
THR 'L-peptide linking' y THREONINE                                                                                         ? 
'C4 H9 N O3'      119.119 
TRP 'L-peptide linking' y TRYPTOPHAN                                                                                        ? 
'C11 H12 N2 O2'   204.225 
TRS non-polymer         . 2-AMINO-2-HYDROXYMETHYL-PROPANE-1,3-DIOL                                                          
'TRIS BUFFER' 'C4 H12 N O3 1'   122.143 
TYR 'L-peptide linking' y TYROSINE                                                                                          ? 
'C9 H11 N O3'     181.189 
VAL 'L-peptide linking' y VALINE                                                                                            ? 
'C5 H11 N O2'     117.146 
# 
loop_
_pdbx_poly_seq_scheme.asym_id 
_pdbx_poly_seq_scheme.entity_id 
_pdbx_poly_seq_scheme.seq_id 
_pdbx_poly_seq_scheme.mon_id 
_pdbx_poly_seq_scheme.ndb_seq_num 
_pdbx_poly_seq_scheme.pdb_seq_num 
_pdbx_poly_seq_scheme.auth_seq_num 
_pdbx_poly_seq_scheme.pdb_mon_id 
_pdbx_poly_seq_scheme.auth_mon_id 
_pdbx_poly_seq_scheme.pdb_strand_id 
_pdbx_poly_seq_scheme.pdb_ins_code 
_pdbx_poly_seq_scheme.hetero 
A 1 1  MET 1  6  6  MET MET A . n 
A 1 2  ILE 2  7  7  ILE ILE A . n 
A 1 3  GLN 3  8  8  GLN GLN A . n 
A 1 4  VAL 4  9  9  VAL VAL A . n 
A 1 5  TYR 5  10 10 TYR TYR A . n 
A 1 6  SER 6  11 11 SER SER A . n 
A 1 7  ARG 7  12 12 ARG ARG A . n 
A 1 8  HIS 8  13 13 HIS HIS A . n 
A 1 9  PRO 9  14 14 PRO PRO A . n 
A 1 10 ALA 10 15 15 ALA ALA A . n 
A 1 11 GLU 11 16 16 GLU GLU A . n 
A 1 12 ASN 12 17 17 ASN ASN A . n 
A 1 13 GLY 13 18 18 GLY GLY A . n 
A 1 14 LYS 14 19 19 LYS LYS A . n 
A 1 15 SER 15 20 20 SER SER A . n 
A 1 16 ASN 16 21 21 ASN ASN A . n 
A 1 17 PHE 17 22 22 PHE PHE A . n 
A 1 18 LEU 18 23 23 LEU LEU A . n 
A 1 19 ASN 19 24 24 ASN ASN A . n 
A 1 20 CYS 20 25 25 CYS CYS A . n 
A 1 21 TYR 21 26 26 TYR TYR A . n 
A 1 22 VAL 22 27 27 VAL VAL A . n 
A 1 23 SER 23 28 28 SER SER A . n 
A 1 24 GLY 24 29 29 GLY GLY A . n 
A 1 25 PHE 25 30 30 PHE PHE A . n 
A 1 26 HIS 26 31 31 HIS HIS A . n 
A 1 27 PRO 27 32 32 PRO PRO A . n 
A 1 28 SER 28 33 33 SER SER A . n 
A 1 29 ASP 29 34 34 ASP ASP A . n 
A 1 30 ILE 30 35 35 ILE ILE A . n 
A 1 31 GLU 31 36 36 GLU GLU A . n 
A 1 32 VAL 32 37 37 VAL VAL A . n 
A 1 33 ASP 33 38 38 ASP ASP A . n 
A 1 34 LEU 34 39 39 LEU LEU A . n 
A 1 35 LEU 35 40 40 LEU LEU A . n 
A 1 36 LYS 36 41 41 LYS LYS A . n 
A 1 37 ASN 37 42 42 ASN ASN A . n 
A 1 38 GLY 38 43 43 GLY GLY A . n 
A 1 39 GLU 39 44 44 GLU GLU A . n 
A 1 40 ARG 40 45 45 ARG ARG A . n 
A 1 41 ILE 41 46 46 ILE ILE A . n 
A 1 42 GLU 42 47 47 GLU GLU A . n 
A 1 43 LYS 43 48 48 LYS LYS A . n 
A 1 44 VAL 44 49 49 VAL VAL A . n 
A 1 45 GLU 45 50 50 GLU GLU A . n 
A 1 46 HIS 46 51 51 HIS HIS A . n 
A 1 47 CYS 47 52 52 CYS LIG A . n 
A 1 48 ASP 48 53 53 ASP ASP A . n 
A 1 49 LEU 49 54 54 LEU LEU A . n 
A 1 50 SER 50 55 55 SER SER A . n 
A 1 51 PHE 51 56 56 PHE PHE A . n 
A 1 52 SER 52 57 57 SER SER A . n 
A 1 53 LYS 53 58 58 LYS LYS A . n 
A 1 54 ASP 54 59 59 ASP ASP A . n 
A 1 55 TRP 55 60 60 TRP TRP A . n 
A 1 56 SER 56 61 61 SER SER A . n 
A 1 57 PHE 57 62 62 PHE PHE A . n 
A 1 58 TYR 58 63 63 TYR TYR A . n 
A 1 59 LEU 59 64 64 LEU LEU A . n 
A 1 60 LEU 60 65 65 LEU LEU A . n 
A 1 61 TYR 61 66 66 TYR TYR A . n 
A 1 62 TYR 62 67 67 TYR TYR A . n 
A 1 63 THR 63 68 68 THR THR A . n 
A 1 64 GLU 64 69 69 GLU GLU A . n 
A 1 65 PHE 65 70 70 PHE PHE A . n 
A 1 66 THR 66 71 71 THR THR A . n 
A 1 67 PRO 67 72 72 PRO PRO A . n 
A 1 68 THR 68 73 73 THR THR A . n 
A 1 69 GLU 69 74 74 GLU GLU A . n 
A 1 70 LYS 70 75 75 LYS LYS A . n 
A 1 71 ASP 71 76 76 ASP ASP A . n 
A 1 72 GLU 72 77 77 GLU GLU A . n 
A 1 73 TYR 73 78 78 TYR TYR A . n 
A 1 74 ALA 74 79 79 ALA ALA A . n 
A 1 75 CYS 75 80 80 CYS CYS A . n 
A 1 76 ARG 76 81 81 ARG ARG A . n 
A 1 77 VAL 77 82 82 VAL VAL A . n 
A 1 78 ASN 78 83 83 ASN ASN A . n 
A 1 79 HIS 79 84 84 HIS HIS A . n 
A 1 80 VAL 80 85 85 VAL VAL A . n 
A 1 81 THR 81 86 86 THR THR A . n 
A 1 82 LEU 82 87 87 LEU LEU A . n 
A 1 83 SER 83 88 88 SER SER A . n 
A 1 84 GLN 84 89 89 GLN GLN A . n 
A 1 85 PRO 85 90 90 PRO PRO A . n 
A 1 86 LYS 86 91 91 LYS LYS A . n 
A 1 87 ILE 87 92 92 ILE ILE A . n 
A 1 88 VAL 88 93 93 VAL VAL A . n 
A 1 89 LYS 89 94 94 LYS LYS A . n 
A 1 90 TRP 90 95 95 TRP TRP A . n 
A 1 91 ASP 91 96 96 ASP ASP A . n 
B 1 1  MET 1  6  6  MET MET B . n 
B 1 2  ILE 2  7  7  ILE ILE B . n 
B 1 3  GLN 3  8  8  GLN GLN B . n 
B 1 4  VAL 4  9  9  VAL VAL B . n 
B 1 5  TYR 5  10 10 TYR TYR B . n 
B 1 6  SER 6  11 11 SER SER B . n 
B 1 7  ARG 7  12 12 ARG ARG B . n 
B 1 8  HIS 8  13 13 HIS HIS B . n 
B 1 9  PRO 9  14 14 PRO PRO B . n 
B 1 10 ALA 10 15 15 ALA ALA B . n 
B 1 11 GLU 11 16 16 GLU GLU B . n 
B 1 12 ASN 12 17 17 ASN ASN B . n 
B 1 13 GLY 13 18 18 GLY GLY B . n 
B 1 14 LYS 14 19 19 LYS LYS B . n 
B 1 15 SER 15 20 20 SER SER B . n 
B 1 16 ASN 16 21 21 ASN ASN B . n 
B 1 17 PHE 17 22 22 PHE PHE B . n 
B 1 18 LEU 18 23 23 LEU LEU B . n 
B 1 19 ASN 19 24 24 ASN ASN B . n 
B 1 20 CYS 20 25 25 CYS CYS B . n 
B 1 21 TYR 21 26 26 TYR TYR B . n 
B 1 22 VAL 22 27 27 VAL VAL B . n 
B 1 23 SER 23 28 28 SER SER B . n 
B 1 24 GLY 24 29 29 GLY GLY B . n 
B 1 25 PHE 25 30 30 PHE PHE B . n 
B 1 26 HIS 26 31 31 HIS HIS B . n 
B 1 27 PRO 27 32 32 PRO PRO B . n 
B 1 28 SER 28 33 33 SER SER B . n 
B 1 29 ASP 29 34 34 ASP ASP B . n 
B 1 30 ILE 30 35 35 ILE ILE B . n 
B 1 31 GLU 31 36 36 GLU GLU B . n 
B 1 32 VAL 32 37 37 VAL VAL B . n 
B 1 33 ASP 33 38 38 ASP ASP B . n 
B 1 34 LEU 34 39 39 LEU LEU B . n 
B 1 35 LEU 35 40 40 LEU LEU B . n 
B 1 36 LYS 36 41 41 LYS LYS B . n 
B 1 37 ASN 37 42 42 ASN ASN B . n 
B 1 38 GLY 38 43 43 GLY GLY B . n 
B 1 39 GLU 39 44 44 GLU GLU B . n 
B 1 40 ARG 40 45 45 ARG ARG B . n 
B 1 41 ILE 41 46 46 ILE ILE B . n 
B 1 42 GLU 42 47 47 GLU GLU B . n 
B 1 43 LYS 43 48 48 LYS LYS B . n 
B 1 44 VAL 44 49 49 VAL VAL B . n 
B 1 45 GLU 45 50 50 GLU GLU B . n 
B 1 46 HIS 46 51 51 HIS HIS B . n 
B 1 47 CYS 47 52 52 CYS LIG B . n 
B 1 48 ASP 48 53 53 ASP ASP B . n 
B 1 49 LEU 49 54 54 LEU LEU B . n 
B 1 50 SER 50 55 55 SER SER B . n 
B 1 51 PHE 51 56 56 PHE PHE B . n 
B 1 52 SER 52 57 57 SER SER B . n 
B 1 53 LYS 53 58 58 LYS LYS B . n 
B 1 54 ASP 54 59 59 ASP ASP B . n 
B 1 55 TRP 55 60 60 TRP TRP B . n 
B 1 56 SER 56 61 61 SER SER B . n 
B 1 57 PHE 57 62 62 PHE PHE B . n 
B 1 58 TYR 58 63 63 TYR TYR B . n 
B 1 59 LEU 59 64 64 LEU LEU B . n 
B 1 60 LEU 60 65 65 LEU LEU B . n 
B 1 61 TYR 61 66 66 TYR TYR B . n 
B 1 62 TYR 62 67 67 TYR TYR B . n 
B 1 63 THR 63 68 68 THR THR B . n 
B 1 64 GLU 64 69 69 GLU GLU B . n 
B 1 65 PHE 65 70 70 PHE PHE B . n 
B 1 66 THR 66 71 71 THR THR B . n 
B 1 67 PRO 67 72 72 PRO PRO B . n 
B 1 68 THR 68 73 73 THR THR B . n 
B 1 69 GLU 69 74 74 GLU GLU B . n 
B 1 70 LYS 70 75 75 LYS LYS B . n 
B 1 71 ASP 71 76 76 ASP ASP B . n 
B 1 72 GLU 72 77 77 GLU GLU B . n 
B 1 73 TYR 73 78 78 TYR TYR B . n 
B 1 74 ALA 74 79 79 ALA ALA B . n 
B 1 75 CYS 75 80 80 CYS CYS B . n 
B 1 76 ARG 76 81 81 ARG ARG B . n 
B 1 77 VAL 77 82 82 VAL VAL B . n 
B 1 78 ASN 78 83 83 ASN ASN B . n 
B 1 79 HIS 79 84 84 HIS HIS B . n 
B 1 80 VAL 80 85 ?  ?   ?   B . n 
B 1 81 THR 81 86 ?  ?   ?   B . n 
B 1 82 LEU 82 87 ?  ?   ?   B . n 
B 1 83 SER 83 88 ?  ?   ?   B . n 
B 1 84 GLN 84 89 89 GLN GLN B . n 
B 1 85 PRO 85 90 90 PRO PRO B . n 
B 1 86 LYS 86 91 91 LYS LYS B . n 
B 1 87 ILE 87 92 92 ILE ILE B . n 
B 1 88 VAL 88 93 93 VAL VAL B . n 
B 1 89 LYS 89 94 94 LYS LYS B . n 
B 1 90 TRP 90 95 95 TRP TRP B . n 
B 1 91 ASP 91 96 96 ASP ASP B . n 
# 
_pdbx_entity_instance_feature.ordinal        1 
_pdbx_entity_instance_feature.comp_id        SJK 
_pdbx_entity_instance_feature.asym_id        ? 
_pdbx_entity_instance_feature.seq_num        ? 
_pdbx_entity_instance_feature.auth_comp_id   SJK 
_pdbx_entity_instance_feature.auth_asym_id   ? 
_pdbx_entity_instance_feature.auth_seq_num   ? 
_pdbx_entity_instance_feature.feature_type   'SUBJECT OF INVESTIGATION' 
_pdbx_entity_instance_feature.details        ? 
# 
loop_
_pdbx_nonpoly_scheme.asym_id 
_pdbx_nonpoly_scheme.entity_id 
_pdbx_nonpoly_scheme.mon_id 
_pdbx_nonpoly_scheme.ndb_seq_num 
_pdbx_nonpoly_scheme.pdb_seq_num 
_pdbx_nonpoly_scheme.auth_seq_num 
_pdbx_nonpoly_scheme.pdb_mon_id 
_pdbx_nonpoly_scheme.auth_mon_id 
_pdbx_nonpoly_scheme.pdb_strand_id 
_pdbx_nonpoly_scheme.pdb_ins_code 
C 2 TRS 1  101 114 TRS TRS A . 
D 3 SJK 1  102 52  SJK LIG A . 
E 3 SJK 1  101 52  SJK LIG B . 
F 4 HOH 1  201 98  HOH WAT A . 
F 4 HOH 2  202 103 HOH WAT A . 
F 4 HOH 3  203 111 HOH WAT A . 
F 4 HOH 4  204 109 HOH WAT A . 
F 4 HOH 5  205 101 HOH WAT A . 
F 4 HOH 6  206 99  HOH WAT A . 
F 4 HOH 7  207 112 HOH WAT A . 
F 4 HOH 8  208 110 HOH WAT A . 
F 4 HOH 9  209 102 HOH WAT A . 
F 4 HOH 10 210 99  HOH WAT A . 
F 4 HOH 11 211 100 HOH WAT A . 
F 4 HOH 12 212 108 HOH WAT A . 
F 4 HOH 13 213 97  HOH WAT A . 
F 4 HOH 14 214 104 HOH WAT A . 
F 4 HOH 15 215 106 HOH WAT A . 
F 4 HOH 16 216 107 HOH WAT A . 
G 4 HOH 1  201 106 HOH WAT B . 
G 4 HOH 2  202 108 HOH WAT B . 
G 4 HOH 3  203 115 HOH WAT B . 
G 4 HOH 4  204 102 HOH WAT B . 
G 4 HOH 5  205 112 HOH WAT B . 
G 4 HOH 6  206 116 HOH WAT B . 
G 4 HOH 7  207 109 HOH WAT B . 
G 4 HOH 8  208 100 HOH WAT B . 
G 4 HOH 9  209 97  HOH WAT B . 
G 4 HOH 10 210 105 HOH WAT B . 
G 4 HOH 11 211 111 HOH WAT B . 
G 4 HOH 12 212 113 HOH WAT B . 
G 4 HOH 13 213 113 HOH WAT B . 
G 4 HOH 14 214 114 HOH WAT B . 
G 4 HOH 15 215 101 HOH WAT B . 
G 4 HOH 16 216 105 HOH WAT B . 
G 4 HOH 17 217 107 HOH WAT B . 
# 
loop_
_software.citation_id 
_software.classification 
_software.compiler_name 
_software.compiler_version 
_software.contact_author 
_software.contact_author_email 
_software.date 
_software.description 
_software.dependencies 
_software.hardware 
_software.language 
_software.location 
_software.mods 
_software.name 
_software.os 
_software.os_version 
_software.type 
_software.version 
_software.pdbx_ordinal 
? refinement        ? ? ? ? ? ? ? ? ? ? ? REFMAC      ? ? ? 5.8.0258 1 
? 'data extraction' ? ? ? ? ? ? ? ? ? ? ? PDB_EXTRACT ? ? ? 3.25     2 
? phasing           ? ? ? ? ? ? ? ? ? ? ? PHASER      ? ? ? .        3 
? 'data processing' ? ? ? ? ? ? ? ? ? ? ? xia2        ? ? ? .        4 
? 'data processing' ? ? ? ? ? ? ? ? ? ? ? DIALS       ? ? ? .        5 
? 'data reduction'  ? ? ? ? ? ? ? ? ? ? ? XSCALE      ? ? ? .        6 
? 'data reduction'  ? ? ? ? ? ? ? ? ? ? ? XDS         ? ? ? .        7 
? 'data scaling'    ? ? ? ? ? ? ? ? ? ? ? Aimless     ? ? ? .        8 
# 
_cell.angle_alpha                  90.000 
_cell.angle_alpha_esd              ? 
_cell.angle_beta                   90.000 
_cell.angle_beta_esd               ? 
_cell.angle_gamma                  90.000 
_cell.angle_gamma_esd              ? 
_cell.entry_id                     7AFV 
_cell.details                      ? 
_cell.formula_units_Z              ? 
_cell.length_a                     87.572 
_cell.length_a_esd                 ? 
_cell.length_b                     87.572 
_cell.length_b_esd                 ? 
_cell.length_c                     56.458 
_cell.length_c_esd                 ? 
_cell.volume                       ? 
_cell.volume_esd                   ? 
_cell.Z_PDB                        16 
_cell.reciprocal_angle_alpha       ? 
_cell.reciprocal_angle_beta        ? 
_cell.reciprocal_angle_gamma       ? 
_cell.reciprocal_angle_alpha_esd   ? 
_cell.reciprocal_angle_beta_esd    ? 
_cell.reciprocal_angle_gamma_esd   ? 
_cell.reciprocal_length_a          ? 
_cell.reciprocal_length_b          ? 
_cell.reciprocal_length_c          ? 
_cell.reciprocal_length_a_esd      ? 
_cell.reciprocal_length_b_esd      ? 
_cell.reciprocal_length_c_esd      ? 
_cell.pdbx_unique_axis             ? 
# 
_symmetry.entry_id                         7AFV 
_symmetry.cell_setting                     ? 
_symmetry.Int_Tables_number                96 
_symmetry.space_group_name_Hall            ? 
_symmetry.space_group_name_H-M             'P 43 21 2' 
_symmetry.pdbx_full_space_group_name_H-M   ? 
# 
_exptl.absorpt_coefficient_mu     ? 
_exptl.absorpt_correction_T_max   ? 
_exptl.absorpt_correction_T_min   ? 
_exptl.absorpt_correction_type    ? 
_exptl.absorpt_process_details    ? 
_exptl.entry_id                   7AFV 
_exptl.crystals_number            1 
_exptl.details                    ? 
_exptl.method                     'X-RAY DIFFRACTION' 
_exptl.method_details             ? 
# 
_exptl_crystal.colour                      ? 
_exptl_crystal.density_diffrn              ? 
_exptl_crystal.density_Matthews            2.47 
_exptl_crystal.density_method              ? 
_exptl_crystal.density_percent_sol         50.16 
_exptl_crystal.description                 '2 molecules in the asymmetric unit' 
_exptl_crystal.F_000                       ? 
_exptl_crystal.id                          1 
_exptl_crystal.preparation                 ? 
_exptl_crystal.size_max                    ? 
_exptl_crystal.size_mid                    ? 
_exptl_crystal.size_min                    ? 
_exptl_crystal.size_rad                    ? 
_exptl_crystal.colour_lustre               ? 
_exptl_crystal.colour_modifier             ? 
_exptl_crystal.colour_primary              ? 
_exptl_crystal.density_meas                0.98 
_exptl_crystal.density_meas_esd            ? 
_exptl_crystal.density_meas_gt             ? 
_exptl_crystal.density_meas_lt             ? 
_exptl_crystal.density_meas_temp           ? 
_exptl_crystal.density_meas_temp_esd       ? 
_exptl_crystal.density_meas_temp_gt        ? 
_exptl_crystal.density_meas_temp_lt        ? 
_exptl_crystal.pdbx_crystal_image_url      ? 
_exptl_crystal.pdbx_crystal_image_format   ? 
_exptl_crystal.pdbx_mosaicity              ? 
_exptl_crystal.pdbx_mosaicity_esd          ? 
# 
_exptl_crystal_grow.apparatus       ? 
_exptl_crystal_grow.atmosphere      ? 
_exptl_crystal_grow.crystal_id      1 
_exptl_crystal_grow.details         ? 
_exptl_crystal_grow.method          'VAPOR DIFFUSION, SITTING DROP' 
_exptl_crystal_grow.method_ref      ? 
_exptl_crystal_grow.pH              8.5 
_exptl_crystal_grow.pressure        ? 
_exptl_crystal_grow.pressure_esd    ? 
_exptl_crystal_grow.seeding         ? 
_exptl_crystal_grow.seeding_ref     ? 
_exptl_crystal_grow.temp            293 
_exptl_crystal_grow.temp_details    ? 
_exptl_crystal_grow.temp_esd        ? 
_exptl_crystal_grow.time            ? 
_exptl_crystal_grow.pdbx_details    
;Drop protein volume 0.2 uL
Drop well volume 0.1 uL
 
0.04 M Porpheus Alcohol Mix (Complex ingredient) 
0.1 M Morpheus Buffer System 3 pH 8.5 (Buffer) 
31 %w/v Morpheus Precipitant Mix 4 (Precipitant) 
 
Stock Solutions:
Porpheus Alcohol Mix 
0.2 M 1,6-hexanediol, 0.2 M 1-butanol, 0.2 M (RS)-1,2-propanediol, 0.2 M 2-propanol, 0.2 M 1,4-butanediol, 0.2 M 1,3-propanediol 
(for a final concentration of 6.7 mM of 1,6-hexanediol, 1-butanol, (RS)-1,2-propanediol, 2-propanol, 1,4-butanediol, 1,3-propanediol)
 
Morpheus Buffer System 3 pH 8.5 
1M Tris and 1M BICINE 
(for a final concentration of 39.1 mM Bicine pH = 5.03 and 60.9 M Tris pH = 10.83)
 
Morpheus Precipitant Mix 
25% w/v PEG 3350, 25% w/v PEG 1000, 25% v/v MPD 
(for a final concentration of 7.75% w/v PEG 1000, 7.75% w/v PEG 3350 and 7.75% v/v MPD)
;
_exptl_crystal_grow.pdbx_pH_range   ? 
# 
_diffrn.ambient_environment              ? 
_diffrn.ambient_temp                     100 
_diffrn.ambient_temp_details             ? 
_diffrn.ambient_temp_esd                 ? 
_diffrn.crystal_id                       1 
_diffrn.crystal_support                  ? 
_diffrn.crystal_treatment                ? 
_diffrn.details                          ? 
_diffrn.id                               1 
_diffrn.ambient_pressure                 ? 
_diffrn.ambient_pressure_esd             ? 
_diffrn.ambient_pressure_gt              ? 
_diffrn.ambient_pressure_lt              ? 
_diffrn.ambient_temp_gt                  ? 
_diffrn.ambient_temp_lt                  ? 
_diffrn.pdbx_serial_crystal_experiment   N 
# 
_diffrn_detector.details                      ? 
_diffrn_detector.detector                     PIXEL 
_diffrn_detector.diffrn_id                    1 
_diffrn_detector.type                         'DECTRIS PILATUS3 6M' 
_diffrn_detector.area_resol_mean              ? 
_diffrn_detector.dtime                        ? 
_diffrn_detector.pdbx_frames_total            ? 
_diffrn_detector.pdbx_collection_time_total   ? 
_diffrn_detector.pdbx_collection_date         2020-02-03 
_diffrn_detector.pdbx_frequency               ? 
# 
_diffrn_radiation.collimation                      ? 
_diffrn_radiation.diffrn_id                        1 
_diffrn_radiation.filter_edge                      ? 
_diffrn_radiation.inhomogeneity                    ? 
_diffrn_radiation.monochromator                    ? 
_diffrn_radiation.polarisn_norm                    ? 
_diffrn_radiation.polarisn_ratio                   ? 
_diffrn_radiation.probe                            ? 
_diffrn_radiation.type                             ? 
_diffrn_radiation.xray_symbol                      ? 
_diffrn_radiation.wavelength_id                    1 
_diffrn_radiation.pdbx_monochromatic_or_laue_m_l   M 
_diffrn_radiation.pdbx_wavelength_list             ? 
_diffrn_radiation.pdbx_wavelength                  ? 
_diffrn_radiation.pdbx_diffrn_protocol             'SINGLE WAVELENGTH' 
_diffrn_radiation.pdbx_analyzer                    ? 
_diffrn_radiation.pdbx_scattering_type             x-ray 
# 
_diffrn_radiation_wavelength.id           1 
_diffrn_radiation_wavelength.wavelength   0.9795 
_diffrn_radiation_wavelength.wt           1.0 
# 
_diffrn_source.current                     ? 
_diffrn_source.details                     ? 
_diffrn_source.diffrn_id                   1 
_diffrn_source.power                       ? 
_diffrn_source.size                        ? 
_diffrn_source.source                      SYNCHROTRON 
_diffrn_source.target                      ? 
_diffrn_source.type                        'DIAMOND BEAMLINE I24' 
_diffrn_source.voltage                     ? 
_diffrn_source.take-off_angle              ? 
_diffrn_source.pdbx_wavelength_list        0.9795 
_diffrn_source.pdbx_wavelength             ? 
_diffrn_source.pdbx_synchrotron_beamline   I24 
_diffrn_source.pdbx_synchrotron_site       Diamond 
# 
_reflns.B_iso_Wilson_estimate            ? 
_reflns.entry_id                         7AFV 
_reflns.data_reduction_details           ? 
_reflns.data_reduction_method            ? 
_reflns.d_resolution_high                2.4 
_reflns.d_resolution_low                 61.92 
_reflns.details                          ? 
_reflns.limit_h_max                      ? 
_reflns.limit_h_min                      ? 
_reflns.limit_k_max                      ? 
_reflns.limit_k_min                      ? 
_reflns.limit_l_max                      ? 
_reflns.limit_l_min                      ? 
_reflns.number_all                       ? 
_reflns.number_obs                       8519 
_reflns.observed_criterion               ? 
_reflns.observed_criterion_F_max         ? 
_reflns.observed_criterion_F_min         ? 
_reflns.observed_criterion_I_max         ? 
_reflns.observed_criterion_I_min         ? 
_reflns.observed_criterion_sigma_F       ? 
_reflns.observed_criterion_sigma_I       ? 
_reflns.percent_possible_obs             100 
_reflns.R_free_details                   ? 
_reflns.Rmerge_F_all                     ? 
_reflns.Rmerge_F_obs                     ? 
_reflns.Friedel_coverage                 ? 
_reflns.number_gt                        ? 
_reflns.threshold_expression             ? 
_reflns.pdbx_redundancy                  23 
_reflns.pdbx_Rmerge_I_obs                ? 
_reflns.pdbx_Rmerge_I_all                ? 
_reflns.pdbx_Rsym_value                  ? 
_reflns.pdbx_netI_over_av_sigmaI         ? 
_reflns.pdbx_netI_over_sigmaI            9.8 
_reflns.pdbx_res_netI_over_av_sigmaI_2   ? 
_reflns.pdbx_res_netI_over_sigmaI_2      ? 
_reflns.pdbx_chi_squared                 ? 
_reflns.pdbx_scaling_rejects             ? 
_reflns.pdbx_d_res_high_opt              ? 
_reflns.pdbx_d_res_low_opt               ? 
_reflns.pdbx_d_res_opt_method            ? 
_reflns.phase_calculation_details        ? 
_reflns.pdbx_Rrim_I_all                  ? 
_reflns.pdbx_Rpim_I_all                  ? 
_reflns.pdbx_d_opt                       ? 
_reflns.pdbx_number_measured_all         ? 
_reflns.pdbx_diffrn_id                   1 
_reflns.pdbx_ordinal                     1 
_reflns.pdbx_CC_half                     0.999 
_reflns.pdbx_CC_star                     ? 
_reflns.pdbx_R_split                     ? 
# 
_reflns_shell.d_res_high                  2.4 
_reflns_shell.d_res_low                   2.53 
_reflns_shell.meanI_over_sigI_all         ? 
_reflns_shell.meanI_over_sigI_obs         ? 
_reflns_shell.number_measured_all         ? 
_reflns_shell.number_measured_obs         208526 
_reflns_shell.number_possible             ? 
_reflns_shell.number_unique_all           ? 
_reflns_shell.number_unique_obs           8519 
_reflns_shell.percent_possible_all        ? 
_reflns_shell.percent_possible_obs        ? 
_reflns_shell.Rmerge_F_all                ? 
_reflns_shell.Rmerge_F_obs                ? 
_reflns_shell.Rmerge_I_all                ? 
_reflns_shell.Rmerge_I_obs                1.913 
_reflns_shell.meanI_over_sigI_gt          ? 
_reflns_shell.meanI_over_uI_all           ? 
_reflns_shell.meanI_over_uI_gt            ? 
_reflns_shell.number_measured_gt          ? 
_reflns_shell.number_unique_gt            ? 
_reflns_shell.percent_possible_gt         ? 
_reflns_shell.Rmerge_F_gt                 ? 
_reflns_shell.Rmerge_I_gt                 ? 
_reflns_shell.pdbx_redundancy             ? 
_reflns_shell.pdbx_Rsym_value             0.399 
_reflns_shell.pdbx_chi_squared            ? 
_reflns_shell.pdbx_netI_over_sigmaI_all   ? 
_reflns_shell.pdbx_netI_over_sigmaI_obs   ? 
_reflns_shell.pdbx_Rrim_I_all             ? 
_reflns_shell.pdbx_Rpim_I_all             ? 
_reflns_shell.pdbx_rejects                ? 
_reflns_shell.pdbx_ordinal                1 
_reflns_shell.pdbx_diffrn_id              1 
_reflns_shell.pdbx_CC_half                0.789 
_reflns_shell.pdbx_CC_star                ? 
_reflns_shell.pdbx_R_split                ? 
# 
_refine.aniso_B[1][1]                            -1.7000 
_refine.aniso_B[1][2]                            0.0000 
_refine.aniso_B[1][3]                            0.0000 
_refine.aniso_B[2][2]                            -1.7000 
_refine.aniso_B[2][3]                            0.0000 
_refine.aniso_B[3][3]                            3.3900 
_refine.B_iso_max                                160.460 
_refine.B_iso_mean                               74.5020 
_refine.B_iso_min                                39.450 
_refine.correlation_coeff_Fo_to_Fc               0.9480 
_refine.correlation_coeff_Fo_to_Fc_free          0.9250 
_refine.details                                  
'HYDROGENS HAVE BEEN ADDED IN THE RIDING POSITIONS U VALUES      : REFINED INDIVIDUALLY' 
_refine.diff_density_max                         ? 
_refine.diff_density_max_esd                     ? 
_refine.diff_density_min                         ? 
_refine.diff_density_min_esd                     ? 
_refine.diff_density_rms                         ? 
_refine.diff_density_rms_esd                     ? 
_refine.entry_id                                 7AFV 
_refine.pdbx_refine_id                           'X-RAY DIFFRACTION' 
_refine.ls_abs_structure_details                 ? 
_refine.ls_abs_structure_Flack                   ? 
_refine.ls_abs_structure_Flack_esd               ? 
_refine.ls_abs_structure_Rogers                  ? 
_refine.ls_abs_structure_Rogers_esd              ? 
_refine.ls_d_res_high                            2.4000 
_refine.ls_d_res_low                             61.9200 
_refine.ls_extinction_coef                       ? 
_refine.ls_extinction_coef_esd                   ? 
_refine.ls_extinction_expression                 ? 
_refine.ls_extinction_method                     ? 
_refine.ls_goodness_of_fit_all                   ? 
_refine.ls_goodness_of_fit_all_esd               ? 
_refine.ls_goodness_of_fit_obs                   ? 
_refine.ls_goodness_of_fit_obs_esd               ? 
_refine.ls_hydrogen_treatment                    ? 
_refine.ls_matrix_type                           ? 
_refine.ls_number_constraints                    ? 
_refine.ls_number_parameters                     ? 
_refine.ls_number_reflns_all                     ? 
_refine.ls_number_reflns_obs                     8519 
_refine.ls_number_reflns_R_free                  452 
_refine.ls_number_reflns_R_work                  ? 
_refine.ls_number_restraints                     ? 
_refine.ls_percent_reflns_obs                    99.7700 
_refine.ls_percent_reflns_R_free                 5.0000 
_refine.ls_R_factor_all                          ? 
_refine.ls_R_factor_obs                          0.2361 
_refine.ls_R_factor_R_free                       0.2884 
_refine.ls_R_factor_R_free_error                 ? 
_refine.ls_R_factor_R_free_error_details         ? 
_refine.ls_R_factor_R_work                       0.2333 
_refine.ls_R_Fsqd_factor_obs                     ? 
_refine.ls_R_I_factor_obs                        ? 
_refine.ls_redundancy_reflns_all                 ? 
_refine.ls_redundancy_reflns_obs                 ? 
_refine.ls_restrained_S_all                      ? 
_refine.ls_restrained_S_obs                      ? 
_refine.ls_shift_over_esd_max                    ? 
_refine.ls_shift_over_esd_mean                   ? 
_refine.ls_structure_factor_coef                 ? 
_refine.ls_weighting_details                     ? 
_refine.ls_weighting_scheme                      ? 
_refine.ls_wR_factor_all                         ? 
_refine.ls_wR_factor_obs                         ? 
_refine.ls_wR_factor_R_free                      ? 
_refine.ls_wR_factor_R_work                      ? 
_refine.occupancy_max                            ? 
_refine.occupancy_min                            ? 
_refine.solvent_model_details                    MASK 
_refine.solvent_model_param_bsol                 ? 
_refine.solvent_model_param_ksol                 ? 
_refine.pdbx_R_complete                          ? 
_refine.ls_R_factor_gt                           ? 
_refine.ls_goodness_of_fit_gt                    ? 
_refine.ls_goodness_of_fit_ref                   ? 
_refine.ls_shift_over_su_max                     ? 
_refine.ls_shift_over_su_max_lt                  ? 
_refine.ls_shift_over_su_mean                    ? 
_refine.ls_shift_over_su_mean_lt                 ? 
_refine.pdbx_ls_sigma_I                          ? 
_refine.pdbx_ls_sigma_F                          0.000 
_refine.pdbx_ls_sigma_Fsqd                       ? 
_refine.pdbx_data_cutoff_high_absF               ? 
_refine.pdbx_data_cutoff_high_rms_absF           ? 
_refine.pdbx_data_cutoff_low_absF                ? 
_refine.pdbx_isotropic_thermal_model             ? 
_refine.pdbx_ls_cross_valid_method               THROUGHOUT 
_refine.pdbx_method_to_determine_struct          'MOLECULAR REPLACEMENT' 
_refine.pdbx_starting_model                      2YXF 
_refine.pdbx_stereochemistry_target_values       'MAXIMUM LIKELIHOOD' 
_refine.pdbx_R_Free_selection_details            RANDOM 
_refine.pdbx_stereochem_target_val_spec_case     ? 
_refine.pdbx_overall_ESU_R                       0.4730 
_refine.pdbx_overall_ESU_R_Free                  0.3020 
_refine.pdbx_solvent_vdw_probe_radii             1.2000 
_refine.pdbx_solvent_ion_probe_radii             0.8000 
_refine.pdbx_solvent_shrinkage_radii             0.8000 
_refine.pdbx_real_space_R                        ? 
_refine.pdbx_density_correlation                 ? 
_refine.pdbx_pd_number_of_powder_patterns        ? 
_refine.pdbx_pd_number_of_points                 ? 
_refine.pdbx_pd_meas_number_of_points            ? 
_refine.pdbx_pd_proc_ls_prof_R_factor            ? 
_refine.pdbx_pd_proc_ls_prof_wR_factor           ? 
_refine.pdbx_pd_Marquardt_correlation_coeff      ? 
_refine.pdbx_pd_Fsqrd_R_factor                   ? 
_refine.pdbx_pd_ls_matrix_band_width             ? 
_refine.pdbx_overall_phase_error                 ? 
_refine.pdbx_overall_SU_R_free_Cruickshank_DPI   ? 
_refine.pdbx_overall_SU_R_free_Blow_DPI          ? 
_refine.pdbx_overall_SU_R_Blow_DPI               ? 
_refine.pdbx_TLS_residual_ADP_flag               ? 
_refine.pdbx_diffrn_id                           1 
_refine.overall_SU_B                             14.7820 
_refine.overall_SU_ML                            0.3220 
_refine.overall_SU_R_Cruickshank_DPI             ? 
_refine.overall_SU_R_free                        ? 
_refine.overall_FOM_free_R_set                   ? 
_refine.overall_FOM_work_R_set                   ? 
_refine.pdbx_average_fsc_overall                 ? 
_refine.pdbx_average_fsc_work                    ? 
_refine.pdbx_average_fsc_free                    ? 
# 
_refine_hist.pdbx_refine_id                   'X-RAY DIFFRACTION' 
_refine_hist.cycle_id                         final 
_refine_hist.details                          ? 
_refine_hist.d_res_high                       2.4000 
_refine_hist.d_res_low                        61.9200 
_refine_hist.number_atoms_solvent             33 
_refine_hist.number_atoms_total               2337 
_refine_hist.number_reflns_all                ? 
_refine_hist.number_reflns_obs                ? 
_refine_hist.number_reflns_R_free             ? 
_refine_hist.number_reflns_R_work             ? 
_refine_hist.R_factor_all                     ? 
_refine_hist.R_factor_obs                     ? 
_refine_hist.R_factor_R_free                  ? 
_refine_hist.R_factor_R_work                  ? 
_refine_hist.pdbx_number_residues_total       92 
_refine_hist.pdbx_B_iso_mean_ligand           81.70 
_refine_hist.pdbx_B_iso_mean_solvent          69.10 
_refine_hist.pdbx_number_atoms_protein        1520 
_refine_hist.pdbx_number_atoms_nucleic_acid   0 
_refine_hist.pdbx_number_atoms_ligand         784 
_refine_hist.pdbx_number_atoms_lipid          ? 
_refine_hist.pdbx_number_atoms_carb           ? 
_refine_hist.pdbx_pseudo_atom_details         ? 
# 
loop_
_refine_ls_restr.pdbx_refine_id 
_refine_ls_restr.criterion 
_refine_ls_restr.dev_ideal 
_refine_ls_restr.dev_ideal_target 
_refine_ls_restr.number 
_refine_ls_restr.rejects 
_refine_ls_restr.type 
_refine_ls_restr.weight 
_refine_ls_restr.pdbx_restraint_function 
'X-RAY DIFFRACTION' ? 0.007  0.013  1576 ? r_bond_refined_d       ? ? 
'X-RAY DIFFRACTION' ? 0.001  0.017  1366 ? r_bond_other_d         ? ? 
'X-RAY DIFFRACTION' ? 1.553  1.684  2123 ? r_angle_refined_deg    ? ? 
'X-RAY DIFFRACTION' ? 1.144  1.617  3189 ? r_angle_other_deg      ? ? 
'X-RAY DIFFRACTION' ? 7.843  5.000  171  ? r_dihedral_angle_1_deg ? ? 
'X-RAY DIFFRACTION' ? 32.399 23.409 88   ? r_dihedral_angle_2_deg ? ? 
'X-RAY DIFFRACTION' ? 17.006 15.000 257  ? r_dihedral_angle_3_deg ? ? 
'X-RAY DIFFRACTION' ? 25.823 15.000 6    ? r_dihedral_angle_4_deg ? ? 
'X-RAY DIFFRACTION' ? 0.051  0.200  187  ? r_chiral_restr         ? ? 
'X-RAY DIFFRACTION' ? 0.005  0.020  1689 ? r_gen_planes_refined   ? ? 
'X-RAY DIFFRACTION' ? 0.001  0.020  335  ? r_gen_planes_other     ? ? 
'X-RAY DIFFRACTION' ? 5.621  7.677  700  ? r_mcbond_it            ? ? 
'X-RAY DIFFRACTION' ? 5.623  7.677  699  ? r_mcbond_other         ? ? 
'X-RAY DIFFRACTION' ? 8.652  11.508 865  ? r_mcangle_it           ? ? 
# 
loop_
_refine_ls_restr_ncs.pdbx_refine_id 
_refine_ls_restr_ncs.dom_id 
_refine_ls_restr_ncs.ncs_model_details 
_refine_ls_restr_ncs.rms_dev_B_iso 
_refine_ls_restr_ncs.rms_dev_position 
_refine_ls_restr_ncs.weight_B_iso 
_refine_ls_restr_ncs.weight_position 
_refine_ls_restr_ncs.pdbx_ordinal 
_refine_ls_restr_ncs.pdbx_type 
_refine_ls_restr_ncs.pdbx_asym_id 
_refine_ls_restr_ncs.pdbx_auth_asym_id 
_refine_ls_restr_ncs.pdbx_number 
_refine_ls_restr_ncs.pdbx_rms 
_refine_ls_restr_ncs.pdbx_weight 
_refine_ls_restr_ncs.pdbx_ens_id 
'X-RAY DIFFRACTION' 1 ? ? 0.190 ? 0.050 1 'interatomic distance' ? A 1029 ? ? 1 
'X-RAY DIFFRACTION' 2 ? ? 0.190 ? 0.050 2 'interatomic distance' ? B 1029 ? ? 1 
'X-RAY DIFFRACTION' 1 ? ? 0.160 ? 0.050 3 'interatomic distance' ? A 980  ? ? 2 
'X-RAY DIFFRACTION' 2 ? ? 0.160 ? 0.050 4 'interatomic distance' ? B 980  ? ? 2 
# 
_refine_ls_shell.pdbx_refine_id                   'X-RAY DIFFRACTION' 
_refine_ls_shell.d_res_high                       2.4040 
_refine_ls_shell.d_res_low                        2.4670 
_refine_ls_shell.number_reflns_all                660 
_refine_ls_shell.number_reflns_obs                ? 
_refine_ls_shell.number_reflns_R_free             34 
_refine_ls_shell.number_reflns_R_work             626 
_refine_ls_shell.percent_reflns_obs               99.5500 
_refine_ls_shell.percent_reflns_R_free            ? 
_refine_ls_shell.R_factor_all                     ? 
_refine_ls_shell.R_factor_obs                     ? 
_refine_ls_shell.R_factor_R_free                  0.4680 
_refine_ls_shell.R_factor_R_free_error            0.0000 
_refine_ls_shell.R_factor_R_work                  0.3700 
_refine_ls_shell.redundancy_reflns_all            ? 
_refine_ls_shell.redundancy_reflns_obs            ? 
_refine_ls_shell.wR_factor_all                    ? 
_refine_ls_shell.wR_factor_obs                    ? 
_refine_ls_shell.wR_factor_R_free                 ? 
_refine_ls_shell.wR_factor_R_work                 ? 
_refine_ls_shell.pdbx_R_complete                  ? 
_refine_ls_shell.pdbx_total_number_of_bins_used   20 
_refine_ls_shell.pdbx_phase_error                 ? 
_refine_ls_shell.pdbx_fsc_work                    ? 
_refine_ls_shell.pdbx_fsc_free                    ? 
# 
loop_
_struct_ncs_dom.pdbx_ens_id 
_struct_ncs_dom.id 
_struct_ncs_dom.details 
1 1 A 
1 2 B 
2 1 A 
2 2 B 
# 
loop_
_struct_ncs_dom_lim.pdbx_ens_id 
_struct_ncs_dom_lim.dom_id 
_struct_ncs_dom_lim.pdbx_component_id 
_struct_ncs_dom_lim.beg_label_asym_id 
_struct_ncs_dom_lim.beg_label_comp_id 
_struct_ncs_dom_lim.beg_label_seq_id 
_struct_ncs_dom_lim.beg_label_alt_id 
_struct_ncs_dom_lim.end_label_asym_id 
_struct_ncs_dom_lim.end_label_comp_id 
_struct_ncs_dom_lim.end_label_seq_id 
_struct_ncs_dom_lim.end_label_alt_id 
_struct_ncs_dom_lim.beg_auth_asym_id 
_struct_ncs_dom_lim.beg_auth_comp_id 
_struct_ncs_dom_lim.beg_auth_seq_id 
_struct_ncs_dom_lim.end_auth_asym_id 
_struct_ncs_dom_lim.end_auth_comp_id 
_struct_ncs_dom_lim.end_auth_seq_id 
_struct_ncs_dom_lim.pdbx_refine_code 
_struct_ncs_dom_lim.selection_details 
1 1 0 A MET 1  . A HIS 46 . A MET 6  A HIS 51 0 ? 
1 2 0 B MET 1  . B HIS 46 . B MET 6  B HIS 51 0 ? 
2 1 0 A ASP 48 . A ASP 91 . A ASP 53 A ASP 96 0 ? 
2 2 0 B ASP 48 . B ASP 91 . B ASP 53 B ASP 96 0 ? 
# 
loop_
_struct_ncs_ens.id 
_struct_ncs_ens.details 
1 ? 
2 ? 
# 
_struct.entry_id                     7AFV 
_struct.title                        
'Crystal structure of tetrameric beta-2-microglobulin deltaN6 S52C stabilized by a covalent ligand' 
_struct.pdbx_model_details           ? 
_struct.pdbx_formula_weight          ? 
_struct.pdbx_formula_weight_method   ? 
_struct.pdbx_model_type_details      ? 
_struct.pdbx_CASP_flag               N 
# 
_struct_keywords.entry_id        7AFV 
_struct_keywords.text            'beta-2-microglobulin, tetramer, covalent inhibitor, IMMUNE SYSTEM' 
_struct_keywords.pdbx_keywords   'IMMUNE SYSTEM' 
# 
loop_
_struct_asym.id 
_struct_asym.pdbx_blank_PDB_chainid_flag 
_struct_asym.pdbx_modified 
_struct_asym.entity_id 
_struct_asym.details 
A N N 1 ? 
B N N 1 ? 
C N N 2 ? 
D N N 3 ? 
E N N 3 ? 
F N N 4 ? 
G N N 4 ? 
# 
_struct_ref.id                         1 
_struct_ref.db_name                    UNP 
_struct_ref.db_code                    B2MG_HUMAN 
_struct_ref.pdbx_db_accession          P61769 
_struct_ref.pdbx_db_isoform            ? 
_struct_ref.entity_id                  1 
_struct_ref.pdbx_seq_one_letter_code   
;IQVYSRHPAENGKSNFLNCYVSGFHPSDIEVDLLKNGERIEKVEHSDLSFSKDWSFYLLYYTEFTPTEKDEYACRVNHVT
LSQPKIVKWD
;
_struct_ref.pdbx_align_begin           27 
# 
loop_
_struct_ref_seq.align_id 
_struct_ref_seq.ref_id 
_struct_ref_seq.pdbx_PDB_id_code 
_struct_ref_seq.pdbx_strand_id 
_struct_ref_seq.seq_align_beg 
_struct_ref_seq.pdbx_seq_align_beg_ins_code 
_struct_ref_seq.seq_align_end 
_struct_ref_seq.pdbx_seq_align_end_ins_code 
_struct_ref_seq.pdbx_db_accession 
_struct_ref_seq.db_align_beg 
_struct_ref_seq.pdbx_db_align_beg_ins_code 
_struct_ref_seq.db_align_end 
_struct_ref_seq.pdbx_db_align_end_ins_code 
_struct_ref_seq.pdbx_auth_seq_align_beg 
_struct_ref_seq.pdbx_auth_seq_align_end 
1 1 7AFV A 2 ? 91 ? P61769 27 ? 116 ? 7 96 
2 1 7AFV B 2 ? 91 ? P61769 27 ? 116 ? 7 96 
# 
loop_
_struct_ref_seq_dif.align_id 
_struct_ref_seq_dif.pdbx_pdb_id_code 
_struct_ref_seq_dif.mon_id 
_struct_ref_seq_dif.pdbx_pdb_strand_id 
_struct_ref_seq_dif.seq_num 
_struct_ref_seq_dif.pdbx_pdb_ins_code 
_struct_ref_seq_dif.pdbx_seq_db_name 
_struct_ref_seq_dif.pdbx_seq_db_accession_code 
_struct_ref_seq_dif.db_mon_id 
_struct_ref_seq_dif.pdbx_seq_db_seq_num 
_struct_ref_seq_dif.details 
_struct_ref_seq_dif.pdbx_auth_seq_num 
_struct_ref_seq_dif.pdbx_ordinal 
1 7AFV MET A 1  ? UNP P61769 ?   ?  'initiating methionine' 6  1 
1 7AFV CYS A 47 ? UNP P61769 SER 72 'engineered mutation'   52 2 
2 7AFV MET B 1  ? UNP P61769 ?   ?  'initiating methionine' 6  3 
2 7AFV CYS B 47 ? UNP P61769 SER 72 'engineered mutation'   52 4 
# 
_pdbx_struct_assembly.id                   1 
_pdbx_struct_assembly.details              author_defined_assembly 
_pdbx_struct_assembly.method_details       'sedimentation velocity analytical ultracentrifugation' 
_pdbx_struct_assembly.oligomeric_details   tetramer 
_pdbx_struct_assembly.oligomeric_count     4 
# 
loop_
_pdbx_struct_assembly_gen.assembly_id 
_pdbx_struct_assembly_gen.oper_expression 
_pdbx_struct_assembly_gen.asym_id_list 
1 1 A,B,C,D,E,F,G 
1 2 A,B,C,D,E,F,G 
# 
loop_
_pdbx_struct_oper_list.id 
_pdbx_struct_oper_list.type 
_pdbx_struct_oper_list.name 
_pdbx_struct_oper_list.symmetry_operation 
_pdbx_struct_oper_list.matrix[1][1] 
_pdbx_struct_oper_list.matrix[1][2] 
_pdbx_struct_oper_list.matrix[1][3] 
_pdbx_struct_oper_list.vector[1] 
_pdbx_struct_oper_list.matrix[2][1] 
_pdbx_struct_oper_list.matrix[2][2] 
_pdbx_struct_oper_list.matrix[2][3] 
_pdbx_struct_oper_list.vector[2] 
_pdbx_struct_oper_list.matrix[3][1] 
_pdbx_struct_oper_list.matrix[3][2] 
_pdbx_struct_oper_list.matrix[3][3] 
_pdbx_struct_oper_list.vector[3] 
1 'identity operation'         1_555 x,y,z        1.0000000000  0.0000000000 0.0000000000 0.0000000000  0.0000000000 1.0000000000  0.0000000000 0.0000000000   0.0000000000 0.0000000000 1.0000000000 0.0000000000  
2 'crystal symmetry operation' 8_555 -y,-x,-z+1/2 -0.5894012555 0.0606652776 0.8055593610 12.4831430509 0.0606652776 -0.9910368067 0.1190200479 -24.6291705028 0.8055593610 0.1190200479 0.5804380622 -4.5079575439 
# 
_struct_conf.conf_type_id            HELX_P 
_struct_conf.id                      HELX_P1 
_struct_conf.pdbx_PDB_helix_id       AA1 
_struct_conf.beg_label_comp_id       SER 
_struct_conf.beg_label_asym_id       B 
_struct_conf.beg_label_seq_id        52 
_struct_conf.pdbx_beg_PDB_ins_code   ? 
_struct_conf.end_label_comp_id       ASP 
_struct_conf.end_label_asym_id       B 
_struct_conf.end_label_seq_id        54 
_struct_conf.pdbx_end_PDB_ins_code   ? 
_struct_conf.beg_auth_comp_id        SER 
_struct_conf.beg_auth_asym_id        B 
_struct_conf.beg_auth_seq_id         57 
_struct_conf.end_auth_comp_id        ASP 
_struct_conf.end_auth_asym_id        B 
_struct_conf.end_auth_seq_id         59 
_struct_conf.pdbx_PDB_helix_class    5 
_struct_conf.details                 ? 
_struct_conf.pdbx_PDB_helix_length   3 
# 
_struct_conf_type.id          HELX_P 
_struct_conf_type.criteria    ? 
_struct_conf_type.reference   ? 
# 
loop_
_struct_conn.id 
_struct_conn.conn_type_id 
_struct_conn.pdbx_leaving_atom_flag 
_struct_conn.pdbx_PDB_id 
_struct_conn.ptnr1_label_asym_id 
_struct_conn.ptnr1_label_comp_id 
_struct_conn.ptnr1_label_seq_id 
_struct_conn.ptnr1_label_atom_id 
_struct_conn.pdbx_ptnr1_label_alt_id 
_struct_conn.pdbx_ptnr1_PDB_ins_code 
_struct_conn.pdbx_ptnr1_standard_comp_id 
_struct_conn.ptnr1_symmetry 
_struct_conn.ptnr2_label_asym_id 
_struct_conn.ptnr2_label_comp_id 
_struct_conn.ptnr2_label_seq_id 
_struct_conn.ptnr2_label_atom_id 
_struct_conn.pdbx_ptnr2_label_alt_id 
_struct_conn.pdbx_ptnr2_PDB_ins_code 
_struct_conn.ptnr1_auth_asym_id 
_struct_conn.ptnr1_auth_comp_id 
_struct_conn.ptnr1_auth_seq_id 
_struct_conn.ptnr2_auth_asym_id 
_struct_conn.ptnr2_auth_comp_id 
_struct_conn.ptnr2_auth_seq_id 
_struct_conn.ptnr2_symmetry 
_struct_conn.pdbx_ptnr3_label_atom_id 
_struct_conn.pdbx_ptnr3_label_seq_id 
_struct_conn.pdbx_ptnr3_label_comp_id 
_struct_conn.pdbx_ptnr3_label_asym_id 
_struct_conn.pdbx_ptnr3_label_alt_id 
_struct_conn.pdbx_ptnr3_PDB_ins_code 
_struct_conn.details 
_struct_conn.pdbx_dist_value 
_struct_conn.pdbx_value_order 
_struct_conn.pdbx_role 
disulf1 disulf ?    ? A CYS 20 SG ? ? ? 1_555 A CYS 75 SG ? ? A CYS 25 A CYS 80  1_555 ? ? ? ? ? ? ? 2.006 ? ? 
disulf2 disulf ?    ? B CYS 20 SG ? ? ? 1_555 B CYS 75 SG ? ? B CYS 25 B CYS 80  1_555 ? ? ? ? ? ? ? 2.022 ? ? 
covale1 covale none ? A CYS 47 SG ? ? ? 1_555 D SJK .  S2 ? ? A CYS 52 A SJK 102 1_555 ? ? ? ? ? ? ? 2.165 ? ? 
covale2 covale none ? B CYS 47 SG ? ? ? 1_555 E SJK .  S2 ? ? B CYS 52 B SJK 101 1_555 ? ? ? ? ? ? ? 2.135 ? ? 
# 
loop_
_struct_conn_type.id 
_struct_conn_type.criteria 
_struct_conn_type.reference 
disulf ? ? 
covale ? ? 
# 
loop_
_pdbx_modification_feature.ordinal 
_pdbx_modification_feature.label_comp_id 
_pdbx_modification_feature.label_asym_id 
_pdbx_modification_feature.label_seq_id 
_pdbx_modification_feature.label_alt_id 
_pdbx_modification_feature.modified_residue_label_comp_id 
_pdbx_modification_feature.modified_residue_label_asym_id 
_pdbx_modification_feature.modified_residue_label_seq_id 
_pdbx_modification_feature.modified_residue_label_alt_id 
_pdbx_modification_feature.auth_comp_id 
_pdbx_modification_feature.auth_asym_id 
_pdbx_modification_feature.auth_seq_id 
_pdbx_modification_feature.PDB_ins_code 
_pdbx_modification_feature.symmetry 
_pdbx_modification_feature.modified_residue_auth_comp_id 
_pdbx_modification_feature.modified_residue_auth_asym_id 
_pdbx_modification_feature.modified_residue_auth_seq_id 
_pdbx_modification_feature.modified_residue_PDB_ins_code 
_pdbx_modification_feature.modified_residue_symmetry 
_pdbx_modification_feature.comp_id_linking_atom 
_pdbx_modification_feature.modified_residue_id_linking_atom 
_pdbx_modification_feature.modified_residue_id 
_pdbx_modification_feature.ref_pcm_id 
_pdbx_modification_feature.ref_comp_id 
_pdbx_modification_feature.type 
_pdbx_modification_feature.category 
1 SJK D .  ? CYS A 47 ? SJK A 102 ? 1_555 CYS A 52 ? 1_555 S2 SG CYS 1 SJK None 'Covalent chemical modification' 
2 SJK E .  ? CYS B 47 ? SJK B 101 ? 1_555 CYS B 52 ? 1_555 S2 SG CYS 1 SJK None 'Covalent chemical modification' 
3 CYS A 20 ? CYS A 75 ? CYS A 25  ? 1_555 CYS A 80 ? 1_555 SG SG .   . .   None 'Disulfide bridge'               
4 CYS B 20 ? CYS B 75 ? CYS B 25  ? 1_555 CYS B 80 ? 1_555 SG SG .   . .   None 'Disulfide bridge'               
# 
loop_
_struct_sheet.id 
_struct_sheet.type 
_struct_sheet.number_strands 
_struct_sheet.details 
AA1 ? 4 ? 
AA2 ? 4 ? 
AA3 ? 4 ? 
AA4 ? 4 ? 
# 
loop_
_struct_sheet_order.sheet_id 
_struct_sheet_order.range_id_1 
_struct_sheet_order.range_id_2 
_struct_sheet_order.offset 
_struct_sheet_order.sense 
AA1 1 2 ? anti-parallel 
AA1 2 3 ? anti-parallel 
AA1 3 4 ? anti-parallel 
AA2 1 2 ? anti-parallel 
AA2 2 3 ? anti-parallel 
AA2 3 4 ? anti-parallel 
AA3 1 2 ? anti-parallel 
AA3 2 3 ? anti-parallel 
AA3 3 4 ? anti-parallel 
AA4 1 2 ? anti-parallel 
AA4 2 3 ? anti-parallel 
AA4 3 4 ? anti-parallel 
# 
loop_
_struct_sheet_range.sheet_id 
_struct_sheet_range.id 
_struct_sheet_range.beg_label_comp_id 
_struct_sheet_range.beg_label_asym_id 
_struct_sheet_range.beg_label_seq_id 
_struct_sheet_range.pdbx_beg_PDB_ins_code 
_struct_sheet_range.end_label_comp_id 
_struct_sheet_range.end_label_asym_id 
_struct_sheet_range.end_label_seq_id 
_struct_sheet_range.pdbx_end_PDB_ins_code 
_struct_sheet_range.beg_auth_comp_id 
_struct_sheet_range.beg_auth_asym_id 
_struct_sheet_range.beg_auth_seq_id 
_struct_sheet_range.end_auth_comp_id 
_struct_sheet_range.end_auth_asym_id 
_struct_sheet_range.end_auth_seq_id 
AA1 1 ILE A 2  ? SER A 6  ? ILE A 7  SER A 11 
AA1 2 ASN A 16 ? PHE A 25 ? ASN A 21 PHE A 30 
AA1 3 SER A 56 ? PHE A 65 ? SER A 61 PHE A 70 
AA1 4 GLU A 45 ? PHE A 51 ? GLU A 50 PHE A 56 
AA2 1 GLU A 39 ? ARG A 40 ? GLU A 44 ARG A 45 
AA2 2 GLU A 31 ? LYS A 36 ? GLU A 36 LYS A 41 
AA2 3 TYR A 73 ? ASN A 78 ? TYR A 78 ASN A 83 
AA2 4 LYS A 86 ? LYS A 89 ? LYS A 91 LYS A 94 
AA3 1 ILE B 2  ? SER B 6  ? ILE B 7  SER B 11 
AA3 2 ASN B 16 ? PHE B 25 ? ASN B 21 PHE B 30 
AA3 3 SER B 56 ? PHE B 65 ? SER B 61 PHE B 70 
AA3 4 GLU B 45 ? PHE B 51 ? GLU B 50 PHE B 56 
AA4 1 GLU B 39 ? ARG B 40 ? GLU B 44 ARG B 45 
AA4 2 GLU B 31 ? LYS B 36 ? GLU B 36 LYS B 41 
AA4 3 TYR B 73 ? ASN B 78 ? TYR B 78 ASN B 83 
AA4 4 LYS B 86 ? LYS B 89 ? LYS B 91 LYS B 94 
# 
loop_
_pdbx_struct_sheet_hbond.sheet_id 
_pdbx_struct_sheet_hbond.range_id_1 
_pdbx_struct_sheet_hbond.range_id_2 
_pdbx_struct_sheet_hbond.range_1_label_atom_id 
_pdbx_struct_sheet_hbond.range_1_label_comp_id 
_pdbx_struct_sheet_hbond.range_1_label_asym_id 
_pdbx_struct_sheet_hbond.range_1_label_seq_id 
_pdbx_struct_sheet_hbond.range_1_PDB_ins_code 
_pdbx_struct_sheet_hbond.range_1_auth_atom_id 
_pdbx_struct_sheet_hbond.range_1_auth_comp_id 
_pdbx_struct_sheet_hbond.range_1_auth_asym_id 
_pdbx_struct_sheet_hbond.range_1_auth_seq_id 
_pdbx_struct_sheet_hbond.range_2_label_atom_id 
_pdbx_struct_sheet_hbond.range_2_label_comp_id 
_pdbx_struct_sheet_hbond.range_2_label_asym_id 
_pdbx_struct_sheet_hbond.range_2_label_seq_id 
_pdbx_struct_sheet_hbond.range_2_PDB_ins_code 
_pdbx_struct_sheet_hbond.range_2_auth_atom_id 
_pdbx_struct_sheet_hbond.range_2_auth_comp_id 
_pdbx_struct_sheet_hbond.range_2_auth_asym_id 
_pdbx_struct_sheet_hbond.range_2_auth_seq_id 
AA1 1 2 N GLN A 3  ? N GLN A 8  O TYR A 21 ? O TYR A 26 
AA1 2 3 N CYS A 20 ? N CYS A 25 O TYR A 61 ? O TYR A 66 
AA1 3 4 O TYR A 58 ? O TYR A 63 N LEU A 49 ? N LEU A 54 
AA2 1 2 O GLU A 39 ? O GLU A 44 N LYS A 36 ? N LYS A 41 
AA2 2 3 N ASP A 33 ? N ASP A 38 O ARG A 76 ? O ARG A 81 
AA2 3 4 N VAL A 77 ? N VAL A 82 O LYS A 86 ? O LYS A 91 
AA3 1 2 N TYR B 5  ? N TYR B 10 O ASN B 19 ? O ASN B 24 
AA3 2 3 N ASN B 16 ? N ASN B 21 O PHE B 65 ? O PHE B 70 
AA3 3 4 O TYR B 58 ? O TYR B 63 N LEU B 49 ? N LEU B 54 
AA4 1 2 O GLU B 39 ? O GLU B 44 N LYS B 36 ? N LYS B 41 
AA4 2 3 N ASP B 33 ? N ASP B 38 O ARG B 76 ? O ARG B 81 
AA4 3 4 N CYS B 75 ? N CYS B 80 O VAL B 88 ? O VAL B 93 
# 
_pdbx_entry_details.entry_id                   7AFV 
_pdbx_entry_details.has_ligand_of_interest     Y 
_pdbx_entry_details.compound_details           ? 
_pdbx_entry_details.source_details             ? 
_pdbx_entry_details.nonpolymer_details         ? 
_pdbx_entry_details.sequence_details           ? 
_pdbx_entry_details.has_protein_modification   Y 
# 
loop_
_pdbx_validate_rmsd_angle.id 
_pdbx_validate_rmsd_angle.PDB_model_num 
_pdbx_validate_rmsd_angle.auth_atom_id_1 
_pdbx_validate_rmsd_angle.auth_asym_id_1 
_pdbx_validate_rmsd_angle.auth_comp_id_1 
_pdbx_validate_rmsd_angle.auth_seq_id_1 
_pdbx_validate_rmsd_angle.PDB_ins_code_1 
_pdbx_validate_rmsd_angle.label_alt_id_1 
_pdbx_validate_rmsd_angle.auth_atom_id_2 
_pdbx_validate_rmsd_angle.auth_asym_id_2 
_pdbx_validate_rmsd_angle.auth_comp_id_2 
_pdbx_validate_rmsd_angle.auth_seq_id_2 
_pdbx_validate_rmsd_angle.PDB_ins_code_2 
_pdbx_validate_rmsd_angle.label_alt_id_2 
_pdbx_validate_rmsd_angle.auth_atom_id_3 
_pdbx_validate_rmsd_angle.auth_asym_id_3 
_pdbx_validate_rmsd_angle.auth_comp_id_3 
_pdbx_validate_rmsd_angle.auth_seq_id_3 
_pdbx_validate_rmsd_angle.PDB_ins_code_3 
_pdbx_validate_rmsd_angle.label_alt_id_3 
_pdbx_validate_rmsd_angle.angle_value 
_pdbx_validate_rmsd_angle.angle_target_value 
_pdbx_validate_rmsd_angle.angle_deviation 
_pdbx_validate_rmsd_angle.angle_standard_deviation 
_pdbx_validate_rmsd_angle.linker_flag 
1 1 C  A HIS 51 ? ? N A CYS 52 ? ? CA A CYS 52 ? ? 156.24 121.70 34.54  2.50 Y 
2 1 CA B HIS 51 ? ? C B HIS 51 ? ? N  B CYS 52 ? ? 98.12  117.20 -19.08 2.20 Y 
3 1 O  B HIS 51 ? ? C B HIS 51 ? ? N  B CYS 52 ? ? 139.23 122.70 16.53  1.60 Y 
# 
loop_
_pdbx_validate_torsion.id 
_pdbx_validate_torsion.PDB_model_num 
_pdbx_validate_torsion.auth_comp_id 
_pdbx_validate_torsion.auth_asym_id 
_pdbx_validate_torsion.auth_seq_id 
_pdbx_validate_torsion.PDB_ins_code 
_pdbx_validate_torsion.label_alt_id 
_pdbx_validate_torsion.phi 
_pdbx_validate_torsion.psi 
1 1 HIS A 31 ? ? 63.33   85.64   
2 1 SER A 33 ? ? 65.32   -118.97 
3 1 ASP A 34 ? ? -98.24  38.06   
4 1 HIS B 31 ? ? 67.31   -176.75 
5 1 ASP B 34 ? ? -100.05 49.20   
6 1 ASN B 83 ? ? -127.52 -159.93 
# 
_pdbx_validate_main_chain_plane.id                       1 
_pdbx_validate_main_chain_plane.PDB_model_num            1 
_pdbx_validate_main_chain_plane.auth_comp_id             CYS 
_pdbx_validate_main_chain_plane.auth_asym_id             A 
_pdbx_validate_main_chain_plane.auth_seq_id              52 
_pdbx_validate_main_chain_plane.PDB_ins_code             ? 
_pdbx_validate_main_chain_plane.label_alt_id             ? 
_pdbx_validate_main_chain_plane.improper_torsion_angle   11.10 
# 
_pdbx_distant_solvent_atoms.id                                1 
_pdbx_distant_solvent_atoms.PDB_model_num                     1 
_pdbx_distant_solvent_atoms.auth_atom_id                      O 
_pdbx_distant_solvent_atoms.label_alt_id                      ? 
_pdbx_distant_solvent_atoms.auth_asym_id                      A 
_pdbx_distant_solvent_atoms.auth_comp_id                      HOH 
_pdbx_distant_solvent_atoms.auth_seq_id                       216 
_pdbx_distant_solvent_atoms.PDB_ins_code                      ? 
_pdbx_distant_solvent_atoms.neighbor_macromolecule_distance   6.91 
_pdbx_distant_solvent_atoms.neighbor_ligand_distance          . 
# 
loop_
_pdbx_unobs_or_zero_occ_residues.id 
_pdbx_unobs_or_zero_occ_residues.PDB_model_num 
_pdbx_unobs_or_zero_occ_residues.polymer_flag 
_pdbx_unobs_or_zero_occ_residues.occupancy_flag 
_pdbx_unobs_or_zero_occ_residues.auth_asym_id 
_pdbx_unobs_or_zero_occ_residues.auth_comp_id 
_pdbx_unobs_or_zero_occ_residues.auth_seq_id 
_pdbx_unobs_or_zero_occ_residues.PDB_ins_code 
_pdbx_unobs_or_zero_occ_residues.label_asym_id 
_pdbx_unobs_or_zero_occ_residues.label_comp_id 
_pdbx_unobs_or_zero_occ_residues.label_seq_id 
1 1 Y 1 B VAL 85 ? B VAL 80 
2 1 Y 1 B THR 86 ? B THR 81 
3 1 Y 1 B LEU 87 ? B LEU 82 
4 1 Y 1 B SER 88 ? B SER 83 
# 
loop_
_chem_comp_atom.comp_id 
_chem_comp_atom.atom_id 
_chem_comp_atom.type_symbol 
_chem_comp_atom.pdbx_aromatic_flag 
_chem_comp_atom.pdbx_stereo_config 
_chem_comp_atom.pdbx_ordinal 
ALA N    N N N 1   
ALA CA   C N S 2   
ALA C    C N N 3   
ALA O    O N N 4   
ALA CB   C N N 5   
ALA OXT  O N N 6   
ALA H    H N N 7   
ALA H2   H N N 8   
ALA HA   H N N 9   
ALA HB1  H N N 10  
ALA HB2  H N N 11  
ALA HB3  H N N 12  
ALA HXT  H N N 13  
ARG N    N N N 14  
ARG CA   C N S 15  
ARG C    C N N 16  
ARG O    O N N 17  
ARG CB   C N N 18  
ARG CG   C N N 19  
ARG CD   C N N 20  
ARG NE   N N N 21  
ARG CZ   C N N 22  
ARG NH1  N N N 23  
ARG NH2  N N N 24  
ARG OXT  O N N 25  
ARG H    H N N 26  
ARG H2   H N N 27  
ARG HA   H N N 28  
ARG HB2  H N N 29  
ARG HB3  H N N 30  
ARG HG2  H N N 31  
ARG HG3  H N N 32  
ARG HD2  H N N 33  
ARG HD3  H N N 34  
ARG HE   H N N 35  
ARG HH11 H N N 36  
ARG HH12 H N N 37  
ARG HH21 H N N 38  
ARG HH22 H N N 39  
ARG HXT  H N N 40  
ASN N    N N N 41  
ASN CA   C N S 42  
ASN C    C N N 43  
ASN O    O N N 44  
ASN CB   C N N 45  
ASN CG   C N N 46  
ASN OD1  O N N 47  
ASN ND2  N N N 48  
ASN OXT  O N N 49  
ASN H    H N N 50  
ASN H2   H N N 51  
ASN HA   H N N 52  
ASN HB2  H N N 53  
ASN HB3  H N N 54  
ASN HD21 H N N 55  
ASN HD22 H N N 56  
ASN HXT  H N N 57  
ASP N    N N N 58  
ASP CA   C N S 59  
ASP C    C N N 60  
ASP O    O N N 61  
ASP CB   C N N 62  
ASP CG   C N N 63  
ASP OD1  O N N 64  
ASP OD2  O N N 65  
ASP OXT  O N N 66  
ASP H    H N N 67  
ASP H2   H N N 68  
ASP HA   H N N 69  
ASP HB2  H N N 70  
ASP HB3  H N N 71  
ASP HD2  H N N 72  
ASP HXT  H N N 73  
CYS N    N N N 74  
CYS CA   C N R 75  
CYS C    C N N 76  
CYS O    O N N 77  
CYS CB   C N N 78  
CYS SG   S N N 79  
CYS OXT  O N N 80  
CYS H    H N N 81  
CYS H2   H N N 82  
CYS HA   H N N 83  
CYS HB2  H N N 84  
CYS HB3  H N N 85  
CYS HG   H N N 86  
CYS HXT  H N N 87  
GLN N    N N N 88  
GLN CA   C N S 89  
GLN C    C N N 90  
GLN O    O N N 91  
GLN CB   C N N 92  
GLN CG   C N N 93  
GLN CD   C N N 94  
GLN OE1  O N N 95  
GLN NE2  N N N 96  
GLN OXT  O N N 97  
GLN H    H N N 98  
GLN H2   H N N 99  
GLN HA   H N N 100 
GLN HB2  H N N 101 
GLN HB3  H N N 102 
GLN HG2  H N N 103 
GLN HG3  H N N 104 
GLN HE21 H N N 105 
GLN HE22 H N N 106 
GLN HXT  H N N 107 
GLU N    N N N 108 
GLU CA   C N S 109 
GLU C    C N N 110 
GLU O    O N N 111 
GLU CB   C N N 112 
GLU CG   C N N 113 
GLU CD   C N N 114 
GLU OE1  O N N 115 
GLU OE2  O N N 116 
GLU OXT  O N N 117 
GLU H    H N N 118 
GLU H2   H N N 119 
GLU HA   H N N 120 
GLU HB2  H N N 121 
GLU HB3  H N N 122 
GLU HG2  H N N 123 
GLU HG3  H N N 124 
GLU HE2  H N N 125 
GLU HXT  H N N 126 
GLY N    N N N 127 
GLY CA   C N N 128 
GLY C    C N N 129 
GLY O    O N N 130 
GLY OXT  O N N 131 
GLY H    H N N 132 
GLY H2   H N N 133 
GLY HA2  H N N 134 
GLY HA3  H N N 135 
GLY HXT  H N N 136 
HIS N    N N N 137 
HIS CA   C N S 138 
HIS C    C N N 139 
HIS O    O N N 140 
HIS CB   C N N 141 
HIS CG   C Y N 142 
HIS ND1  N Y N 143 
HIS CD2  C Y N 144 
HIS CE1  C Y N 145 
HIS NE2  N Y N 146 
HIS OXT  O N N 147 
HIS H    H N N 148 
HIS H2   H N N 149 
HIS HA   H N N 150 
HIS HB2  H N N 151 
HIS HB3  H N N 152 
HIS HD1  H N N 153 
HIS HD2  H N N 154 
HIS HE1  H N N 155 
HIS HE2  H N N 156 
HIS HXT  H N N 157 
HOH O    O N N 158 
HOH H1   H N N 159 
HOH H2   H N N 160 
ILE N    N N N 161 
ILE CA   C N S 162 
ILE C    C N N 163 
ILE O    O N N 164 
ILE CB   C N S 165 
ILE CG1  C N N 166 
ILE CG2  C N N 167 
ILE CD1  C N N 168 
ILE OXT  O N N 169 
ILE H    H N N 170 
ILE H2   H N N 171 
ILE HA   H N N 172 
ILE HB   H N N 173 
ILE HG12 H N N 174 
ILE HG13 H N N 175 
ILE HG21 H N N 176 
ILE HG22 H N N 177 
ILE HG23 H N N 178 
ILE HD11 H N N 179 
ILE HD12 H N N 180 
ILE HD13 H N N 181 
ILE HXT  H N N 182 
LEU N    N N N 183 
LEU CA   C N S 184 
LEU C    C N N 185 
LEU O    O N N 186 
LEU CB   C N N 187 
LEU CG   C N N 188 
LEU CD1  C N N 189 
LEU CD2  C N N 190 
LEU OXT  O N N 191 
LEU H    H N N 192 
LEU H2   H N N 193 
LEU HA   H N N 194 
LEU HB2  H N N 195 
LEU HB3  H N N 196 
LEU HG   H N N 197 
LEU HD11 H N N 198 
LEU HD12 H N N 199 
LEU HD13 H N N 200 
LEU HD21 H N N 201 
LEU HD22 H N N 202 
LEU HD23 H N N 203 
LEU HXT  H N N 204 
LYS N    N N N 205 
LYS CA   C N S 206 
LYS C    C N N 207 
LYS O    O N N 208 
LYS CB   C N N 209 
LYS CG   C N N 210 
LYS CD   C N N 211 
LYS CE   C N N 212 
LYS NZ   N N N 213 
LYS OXT  O N N 214 
LYS H    H N N 215 
LYS H2   H N N 216 
LYS HA   H N N 217 
LYS HB2  H N N 218 
LYS HB3  H N N 219 
LYS HG2  H N N 220 
LYS HG3  H N N 221 
LYS HD2  H N N 222 
LYS HD3  H N N 223 
LYS HE2  H N N 224 
LYS HE3  H N N 225 
LYS HZ1  H N N 226 
LYS HZ2  H N N 227 
LYS HZ3  H N N 228 
LYS HXT  H N N 229 
MET N    N N N 230 
MET CA   C N S 231 
MET C    C N N 232 
MET O    O N N 233 
MET CB   C N N 234 
MET CG   C N N 235 
MET SD   S N N 236 
MET CE   C N N 237 
MET OXT  O N N 238 
MET H    H N N 239 
MET H2   H N N 240 
MET HA   H N N 241 
MET HB2  H N N 242 
MET HB3  H N N 243 
MET HG2  H N N 244 
MET HG3  H N N 245 
MET HE1  H N N 246 
MET HE2  H N N 247 
MET HE3  H N N 248 
MET HXT  H N N 249 
PHE N    N N N 250 
PHE CA   C N S 251 
PHE C    C N N 252 
PHE O    O N N 253 
PHE CB   C N N 254 
PHE CG   C Y N 255 
PHE CD1  C Y N 256 
PHE CD2  C Y N 257 
PHE CE1  C Y N 258 
PHE CE2  C Y N 259 
PHE CZ   C Y N 260 
PHE OXT  O N N 261 
PHE H    H N N 262 
PHE H2   H N N 263 
PHE HA   H N N 264 
PHE HB2  H N N 265 
PHE HB3  H N N 266 
PHE HD1  H N N 267 
PHE HD2  H N N 268 
PHE HE1  H N N 269 
PHE HE2  H N N 270 
PHE HZ   H N N 271 
PHE HXT  H N N 272 
PRO N    N N N 273 
PRO CA   C N S 274 
PRO C    C N N 275 
PRO O    O N N 276 
PRO CB   C N N 277 
PRO CG   C N N 278 
PRO CD   C N N 279 
PRO OXT  O N N 280 
PRO H    H N N 281 
PRO HA   H N N 282 
PRO HB2  H N N 283 
PRO HB3  H N N 284 
PRO HG2  H N N 285 
PRO HG3  H N N 286 
PRO HD2  H N N 287 
PRO HD3  H N N 288 
PRO HXT  H N N 289 
SER N    N N N 290 
SER CA   C N S 291 
SER C    C N N 292 
SER O    O N N 293 
SER CB   C N N 294 
SER OG   O N N 295 
SER OXT  O N N 296 
SER H    H N N 297 
SER H2   H N N 298 
SER HA   H N N 299 
SER HB2  H N N 300 
SER HB3  H N N 301 
SER HG   H N N 302 
SER HXT  H N N 303 
SJK N1   N N N 304 
SJK N3   N N N 305 
SJK C4   C N N 306 
SJK C5   C N N 307 
SJK C6   C N N 308 
SJK C7   C N N 309 
SJK C8   C N N 310 
SJK C1   C N N 311 
SJK N2   N N N 312 
SJK C2   C N N 313 
SJK C3   C N N 314 
SJK S1   S N N 315 
SJK O1   O N N 316 
SJK O2   O N N 317 
SJK C9   C N N 318 
SJK S2   S N N 319 
SJK H1   H N N 320 
SJK H2   H N N 321 
SJK H3   H N N 322 
SJK H4   H N N 323 
SJK H5   H N N 324 
SJK H6   H N N 325 
SJK H7   H N N 326 
SJK H8   H N N 327 
SJK H9   H N N 328 
SJK H10  H N N 329 
SJK H11  H N N 330 
THR N    N N N 331 
THR CA   C N S 332 
THR C    C N N 333 
THR O    O N N 334 
THR CB   C N R 335 
THR OG1  O N N 336 
THR CG2  C N N 337 
THR OXT  O N N 338 
THR H    H N N 339 
THR H2   H N N 340 
THR HA   H N N 341 
THR HB   H N N 342 
THR HG1  H N N 343 
THR HG21 H N N 344 
THR HG22 H N N 345 
THR HG23 H N N 346 
THR HXT  H N N 347 
TRP N    N N N 348 
TRP CA   C N S 349 
TRP C    C N N 350 
TRP O    O N N 351 
TRP CB   C N N 352 
TRP CG   C Y N 353 
TRP CD1  C Y N 354 
TRP CD2  C Y N 355 
TRP NE1  N Y N 356 
TRP CE2  C Y N 357 
TRP CE3  C Y N 358 
TRP CZ2  C Y N 359 
TRP CZ3  C Y N 360 
TRP CH2  C Y N 361 
TRP OXT  O N N 362 
TRP H    H N N 363 
TRP H2   H N N 364 
TRP HA   H N N 365 
TRP HB2  H N N 366 
TRP HB3  H N N 367 
TRP HD1  H N N 368 
TRP HE1  H N N 369 
TRP HE3  H N N 370 
TRP HZ2  H N N 371 
TRP HZ3  H N N 372 
TRP HH2  H N N 373 
TRP HXT  H N N 374 
TRS C    C N N 375 
TRS C1   C N N 376 
TRS C2   C N N 377 
TRS C3   C N N 378 
TRS N    N N N 379 
TRS O1   O N N 380 
TRS O2   O N N 381 
TRS O3   O N N 382 
TRS H11  H N N 383 
TRS H12  H N N 384 
TRS H21  H N N 385 
TRS H22  H N N 386 
TRS H31  H N N 387 
TRS H32  H N N 388 
TRS HN1  H N N 389 
TRS HN2  H N N 390 
TRS HN3  H N N 391 
TRS HO1  H N N 392 
TRS HO2  H N N 393 
TRS HO3  H N N 394 
TYR N    N N N 395 
TYR CA   C N S 396 
TYR C    C N N 397 
TYR O    O N N 398 
TYR CB   C N N 399 
TYR CG   C Y N 400 
TYR CD1  C Y N 401 
TYR CD2  C Y N 402 
TYR CE1  C Y N 403 
TYR CE2  C Y N 404 
TYR CZ   C Y N 405 
TYR OH   O N N 406 
TYR OXT  O N N 407 
TYR H    H N N 408 
TYR H2   H N N 409 
TYR HA   H N N 410 
TYR HB2  H N N 411 
TYR HB3  H N N 412 
TYR HD1  H N N 413 
TYR HD2  H N N 414 
TYR HE1  H N N 415 
TYR HE2  H N N 416 
TYR HH   H N N 417 
TYR HXT  H N N 418 
VAL N    N N N 419 
VAL CA   C N S 420 
VAL C    C N N 421 
VAL O    O N N 422 
VAL CB   C N N 423 
VAL CG1  C N N 424 
VAL CG2  C N N 425 
VAL OXT  O N N 426 
VAL H    H N N 427 
VAL H2   H N N 428 
VAL HA   H N N 429 
VAL HB   H N N 430 
VAL HG11 H N N 431 
VAL HG12 H N N 432 
VAL HG13 H N N 433 
VAL HG21 H N N 434 
VAL HG22 H N N 435 
VAL HG23 H N N 436 
VAL HXT  H N N 437 
# 
loop_
_chem_comp_bond.comp_id 
_chem_comp_bond.atom_id_1 
_chem_comp_bond.atom_id_2 
_chem_comp_bond.value_order 
_chem_comp_bond.pdbx_aromatic_flag 
_chem_comp_bond.pdbx_stereo_config 
_chem_comp_bond.pdbx_ordinal 
ALA N   CA   sing N N 1   
ALA N   H    sing N N 2   
ALA N   H2   sing N N 3   
ALA CA  C    sing N N 4   
ALA CA  CB   sing N N 5   
ALA CA  HA   sing N N 6   
ALA C   O    doub N N 7   
ALA C   OXT  sing N N 8   
ALA CB  HB1  sing N N 9   
ALA CB  HB2  sing N N 10  
ALA CB  HB3  sing N N 11  
ALA OXT HXT  sing N N 12  
ARG N   CA   sing N N 13  
ARG N   H    sing N N 14  
ARG N   H2   sing N N 15  
ARG CA  C    sing N N 16  
ARG CA  CB   sing N N 17  
ARG CA  HA   sing N N 18  
ARG C   O    doub N N 19  
ARG C   OXT  sing N N 20  
ARG CB  CG   sing N N 21  
ARG CB  HB2  sing N N 22  
ARG CB  HB3  sing N N 23  
ARG CG  CD   sing N N 24  
ARG CG  HG2  sing N N 25  
ARG CG  HG3  sing N N 26  
ARG CD  NE   sing N N 27  
ARG CD  HD2  sing N N 28  
ARG CD  HD3  sing N N 29  
ARG NE  CZ   sing N N 30  
ARG NE  HE   sing N N 31  
ARG CZ  NH1  sing N N 32  
ARG CZ  NH2  doub N N 33  
ARG NH1 HH11 sing N N 34  
ARG NH1 HH12 sing N N 35  
ARG NH2 HH21 sing N N 36  
ARG NH2 HH22 sing N N 37  
ARG OXT HXT  sing N N 38  
ASN N   CA   sing N N 39  
ASN N   H    sing N N 40  
ASN N   H2   sing N N 41  
ASN CA  C    sing N N 42  
ASN CA  CB   sing N N 43  
ASN CA  HA   sing N N 44  
ASN C   O    doub N N 45  
ASN C   OXT  sing N N 46  
ASN CB  CG   sing N N 47  
ASN CB  HB2  sing N N 48  
ASN CB  HB3  sing N N 49  
ASN CG  OD1  doub N N 50  
ASN CG  ND2  sing N N 51  
ASN ND2 HD21 sing N N 52  
ASN ND2 HD22 sing N N 53  
ASN OXT HXT  sing N N 54  
ASP N   CA   sing N N 55  
ASP N   H    sing N N 56  
ASP N   H2   sing N N 57  
ASP CA  C    sing N N 58  
ASP CA  CB   sing N N 59  
ASP CA  HA   sing N N 60  
ASP C   O    doub N N 61  
ASP C   OXT  sing N N 62  
ASP CB  CG   sing N N 63  
ASP CB  HB2  sing N N 64  
ASP CB  HB3  sing N N 65  
ASP CG  OD1  doub N N 66  
ASP CG  OD2  sing N N 67  
ASP OD2 HD2  sing N N 68  
ASP OXT HXT  sing N N 69  
CYS N   CA   sing N N 70  
CYS N   H    sing N N 71  
CYS N   H2   sing N N 72  
CYS CA  C    sing N N 73  
CYS CA  CB   sing N N 74  
CYS CA  HA   sing N N 75  
CYS C   O    doub N N 76  
CYS C   OXT  sing N N 77  
CYS CB  SG   sing N N 78  
CYS CB  HB2  sing N N 79  
CYS CB  HB3  sing N N 80  
CYS SG  HG   sing N N 81  
CYS OXT HXT  sing N N 82  
GLN N   CA   sing N N 83  
GLN N   H    sing N N 84  
GLN N   H2   sing N N 85  
GLN CA  C    sing N N 86  
GLN CA  CB   sing N N 87  
GLN CA  HA   sing N N 88  
GLN C   O    doub N N 89  
GLN C   OXT  sing N N 90  
GLN CB  CG   sing N N 91  
GLN CB  HB2  sing N N 92  
GLN CB  HB3  sing N N 93  
GLN CG  CD   sing N N 94  
GLN CG  HG2  sing N N 95  
GLN CG  HG3  sing N N 96  
GLN CD  OE1  doub N N 97  
GLN CD  NE2  sing N N 98  
GLN NE2 HE21 sing N N 99  
GLN NE2 HE22 sing N N 100 
GLN OXT HXT  sing N N 101 
GLU N   CA   sing N N 102 
GLU N   H    sing N N 103 
GLU N   H2   sing N N 104 
GLU CA  C    sing N N 105 
GLU CA  CB   sing N N 106 
GLU CA  HA   sing N N 107 
GLU C   O    doub N N 108 
GLU C   OXT  sing N N 109 
GLU CB  CG   sing N N 110 
GLU CB  HB2  sing N N 111 
GLU CB  HB3  sing N N 112 
GLU CG  CD   sing N N 113 
GLU CG  HG2  sing N N 114 
GLU CG  HG3  sing N N 115 
GLU CD  OE1  doub N N 116 
GLU CD  OE2  sing N N 117 
GLU OE2 HE2  sing N N 118 
GLU OXT HXT  sing N N 119 
GLY N   CA   sing N N 120 
GLY N   H    sing N N 121 
GLY N   H2   sing N N 122 
GLY CA  C    sing N N 123 
GLY CA  HA2  sing N N 124 
GLY CA  HA3  sing N N 125 
GLY C   O    doub N N 126 
GLY C   OXT  sing N N 127 
GLY OXT HXT  sing N N 128 
HIS N   CA   sing N N 129 
HIS N   H    sing N N 130 
HIS N   H2   sing N N 131 
HIS CA  C    sing N N 132 
HIS CA  CB   sing N N 133 
HIS CA  HA   sing N N 134 
HIS C   O    doub N N 135 
HIS C   OXT  sing N N 136 
HIS CB  CG   sing N N 137 
HIS CB  HB2  sing N N 138 
HIS CB  HB3  sing N N 139 
HIS CG  ND1  sing Y N 140 
HIS CG  CD2  doub Y N 141 
HIS ND1 CE1  doub Y N 142 
HIS ND1 HD1  sing N N 143 
HIS CD2 NE2  sing Y N 144 
HIS CD2 HD2  sing N N 145 
HIS CE1 NE2  sing Y N 146 
HIS CE1 HE1  sing N N 147 
HIS NE2 HE2  sing N N 148 
HIS OXT HXT  sing N N 149 
HOH O   H1   sing N N 150 
HOH O   H2   sing N N 151 
ILE N   CA   sing N N 152 
ILE N   H    sing N N 153 
ILE N   H2   sing N N 154 
ILE CA  C    sing N N 155 
ILE CA  CB   sing N N 156 
ILE CA  HA   sing N N 157 
ILE C   O    doub N N 158 
ILE C   OXT  sing N N 159 
ILE CB  CG1  sing N N 160 
ILE CB  CG2  sing N N 161 
ILE CB  HB   sing N N 162 
ILE CG1 CD1  sing N N 163 
ILE CG1 HG12 sing N N 164 
ILE CG1 HG13 sing N N 165 
ILE CG2 HG21 sing N N 166 
ILE CG2 HG22 sing N N 167 
ILE CG2 HG23 sing N N 168 
ILE CD1 HD11 sing N N 169 
ILE CD1 HD12 sing N N 170 
ILE CD1 HD13 sing N N 171 
ILE OXT HXT  sing N N 172 
LEU N   CA   sing N N 173 
LEU N   H    sing N N 174 
LEU N   H2   sing N N 175 
LEU CA  C    sing N N 176 
LEU CA  CB   sing N N 177 
LEU CA  HA   sing N N 178 
LEU C   O    doub N N 179 
LEU C   OXT  sing N N 180 
LEU CB  CG   sing N N 181 
LEU CB  HB2  sing N N 182 
LEU CB  HB3  sing N N 183 
LEU CG  CD1  sing N N 184 
LEU CG  CD2  sing N N 185 
LEU CG  HG   sing N N 186 
LEU CD1 HD11 sing N N 187 
LEU CD1 HD12 sing N N 188 
LEU CD1 HD13 sing N N 189 
LEU CD2 HD21 sing N N 190 
LEU CD2 HD22 sing N N 191 
LEU CD2 HD23 sing N N 192 
LEU OXT HXT  sing N N 193 
LYS N   CA   sing N N 194 
LYS N   H    sing N N 195 
LYS N   H2   sing N N 196 
LYS CA  C    sing N N 197 
LYS CA  CB   sing N N 198 
LYS CA  HA   sing N N 199 
LYS C   O    doub N N 200 
LYS C   OXT  sing N N 201 
LYS CB  CG   sing N N 202 
LYS CB  HB2  sing N N 203 
LYS CB  HB3  sing N N 204 
LYS CG  CD   sing N N 205 
LYS CG  HG2  sing N N 206 
LYS CG  HG3  sing N N 207 
LYS CD  CE   sing N N 208 
LYS CD  HD2  sing N N 209 
LYS CD  HD3  sing N N 210 
LYS CE  NZ   sing N N 211 
LYS CE  HE2  sing N N 212 
LYS CE  HE3  sing N N 213 
LYS NZ  HZ1  sing N N 214 
LYS NZ  HZ2  sing N N 215 
LYS NZ  HZ3  sing N N 216 
LYS OXT HXT  sing N N 217 
MET N   CA   sing N N 218 
MET N   H    sing N N 219 
MET N   H2   sing N N 220 
MET CA  C    sing N N 221 
MET CA  CB   sing N N 222 
MET CA  HA   sing N N 223 
MET C   O    doub N N 224 
MET C   OXT  sing N N 225 
MET CB  CG   sing N N 226 
MET CB  HB2  sing N N 227 
MET CB  HB3  sing N N 228 
MET CG  SD   sing N N 229 
MET CG  HG2  sing N N 230 
MET CG  HG3  sing N N 231 
MET SD  CE   sing N N 232 
MET CE  HE1  sing N N 233 
MET CE  HE2  sing N N 234 
MET CE  HE3  sing N N 235 
MET OXT HXT  sing N N 236 
PHE N   CA   sing N N 237 
PHE N   H    sing N N 238 
PHE N   H2   sing N N 239 
PHE CA  C    sing N N 240 
PHE CA  CB   sing N N 241 
PHE CA  HA   sing N N 242 
PHE C   O    doub N N 243 
PHE C   OXT  sing N N 244 
PHE CB  CG   sing N N 245 
PHE CB  HB2  sing N N 246 
PHE CB  HB3  sing N N 247 
PHE CG  CD1  doub Y N 248 
PHE CG  CD2  sing Y N 249 
PHE CD1 CE1  sing Y N 250 
PHE CD1 HD1  sing N N 251 
PHE CD2 CE2  doub Y N 252 
PHE CD2 HD2  sing N N 253 
PHE CE1 CZ   doub Y N 254 
PHE CE1 HE1  sing N N 255 
PHE CE2 CZ   sing Y N 256 
PHE CE2 HE2  sing N N 257 
PHE CZ  HZ   sing N N 258 
PHE OXT HXT  sing N N 259 
PRO N   CA   sing N N 260 
PRO N   CD   sing N N 261 
PRO N   H    sing N N 262 
PRO CA  C    sing N N 263 
PRO CA  CB   sing N N 264 
PRO CA  HA   sing N N 265 
PRO C   O    doub N N 266 
PRO C   OXT  sing N N 267 
PRO CB  CG   sing N N 268 
PRO CB  HB2  sing N N 269 
PRO CB  HB3  sing N N 270 
PRO CG  CD   sing N N 271 
PRO CG  HG2  sing N N 272 
PRO CG  HG3  sing N N 273 
PRO CD  HD2  sing N N 274 
PRO CD  HD3  sing N N 275 
PRO OXT HXT  sing N N 276 
SER N   CA   sing N N 277 
SER N   H    sing N N 278 
SER N   H2   sing N N 279 
SER CA  C    sing N N 280 
SER CA  CB   sing N N 281 
SER CA  HA   sing N N 282 
SER C   O    doub N N 283 
SER C   OXT  sing N N 284 
SER CB  OG   sing N N 285 
SER CB  HB2  sing N N 286 
SER CB  HB3  sing N N 287 
SER OG  HG   sing N N 288 
SER OXT HXT  sing N N 289 
SJK S1  C5   sing N N 290 
SJK S1  C1   sing N N 291 
SJK C5  C6   sing N N 292 
SJK C6  N1   sing N N 293 
SJK C1  N1   sing N N 294 
SJK C1  N2   doub N N 295 
SJK N1  C4   sing N N 296 
SJK N2  C2   sing N N 297 
SJK C4  O1   doub N N 298 
SJK C4  C3   sing N N 299 
SJK C2  C3   doub N N 300 
SJK C3  C7   sing N N 301 
SJK C7  O2   doub N N 302 
SJK C7  N3   sing N N 303 
SJK N3  C8   sing N N 304 
SJK C8  C9   sing N N 305 
SJK C9  S2   sing N N 306 
SJK N3  H1   sing N N 307 
SJK C5  H2   sing N N 308 
SJK C5  H3   sing N N 309 
SJK C6  H4   sing N N 310 
SJK C6  H5   sing N N 311 
SJK C8  H6   sing N N 312 
SJK C8  H7   sing N N 313 
SJK C2  H8   sing N N 314 
SJK C9  H9   sing N N 315 
SJK C9  H10  sing N N 316 
SJK S2  H11  sing N N 317 
THR N   CA   sing N N 318 
THR N   H    sing N N 319 
THR N   H2   sing N N 320 
THR CA  C    sing N N 321 
THR CA  CB   sing N N 322 
THR CA  HA   sing N N 323 
THR C   O    doub N N 324 
THR C   OXT  sing N N 325 
THR CB  OG1  sing N N 326 
THR CB  CG2  sing N N 327 
THR CB  HB   sing N N 328 
THR OG1 HG1  sing N N 329 
THR CG2 HG21 sing N N 330 
THR CG2 HG22 sing N N 331 
THR CG2 HG23 sing N N 332 
THR OXT HXT  sing N N 333 
TRP N   CA   sing N N 334 
TRP N   H    sing N N 335 
TRP N   H2   sing N N 336 
TRP CA  C    sing N N 337 
TRP CA  CB   sing N N 338 
TRP CA  HA   sing N N 339 
TRP C   O    doub N N 340 
TRP C   OXT  sing N N 341 
TRP CB  CG   sing N N 342 
TRP CB  HB2  sing N N 343 
TRP CB  HB3  sing N N 344 
TRP CG  CD1  doub Y N 345 
TRP CG  CD2  sing Y N 346 
TRP CD1 NE1  sing Y N 347 
TRP CD1 HD1  sing N N 348 
TRP CD2 CE2  doub Y N 349 
TRP CD2 CE3  sing Y N 350 
TRP NE1 CE2  sing Y N 351 
TRP NE1 HE1  sing N N 352 
TRP CE2 CZ2  sing Y N 353 
TRP CE3 CZ3  doub Y N 354 
TRP CE3 HE3  sing N N 355 
TRP CZ2 CH2  doub Y N 356 
TRP CZ2 HZ2  sing N N 357 
TRP CZ3 CH2  sing Y N 358 
TRP CZ3 HZ3  sing N N 359 
TRP CH2 HH2  sing N N 360 
TRP OXT HXT  sing N N 361 
TRS C   C1   sing N N 362 
TRS C   C2   sing N N 363 
TRS C   C3   sing N N 364 
TRS C   N    sing N N 365 
TRS C1  O1   sing N N 366 
TRS C1  H11  sing N N 367 
TRS C1  H12  sing N N 368 
TRS C2  O2   sing N N 369 
TRS C2  H21  sing N N 370 
TRS C2  H22  sing N N 371 
TRS C3  O3   sing N N 372 
TRS C3  H31  sing N N 373 
TRS C3  H32  sing N N 374 
TRS N   HN1  sing N N 375 
TRS N   HN2  sing N N 376 
TRS N   HN3  sing N N 377 
TRS O1  HO1  sing N N 378 
TRS O2  HO2  sing N N 379 
TRS O3  HO3  sing N N 380 
TYR N   CA   sing N N 381 
TYR N   H    sing N N 382 
TYR N   H2   sing N N 383 
TYR CA  C    sing N N 384 
TYR CA  CB   sing N N 385 
TYR CA  HA   sing N N 386 
TYR C   O    doub N N 387 
TYR C   OXT  sing N N 388 
TYR CB  CG   sing N N 389 
TYR CB  HB2  sing N N 390 
TYR CB  HB3  sing N N 391 
TYR CG  CD1  doub Y N 392 
TYR CG  CD2  sing Y N 393 
TYR CD1 CE1  sing Y N 394 
TYR CD1 HD1  sing N N 395 
TYR CD2 CE2  doub Y N 396 
TYR CD2 HD2  sing N N 397 
TYR CE1 CZ   doub Y N 398 
TYR CE1 HE1  sing N N 399 
TYR CE2 CZ   sing Y N 400 
TYR CE2 HE2  sing N N 401 
TYR CZ  OH   sing N N 402 
TYR OH  HH   sing N N 403 
TYR OXT HXT  sing N N 404 
VAL N   CA   sing N N 405 
VAL N   H    sing N N 406 
VAL N   H2   sing N N 407 
VAL CA  C    sing N N 408 
VAL CA  CB   sing N N 409 
VAL CA  HA   sing N N 410 
VAL C   O    doub N N 411 
VAL C   OXT  sing N N 412 
VAL CB  CG1  sing N N 413 
VAL CB  CG2  sing N N 414 
VAL CB  HB   sing N N 415 
VAL CG1 HG11 sing N N 416 
VAL CG1 HG12 sing N N 417 
VAL CG1 HG13 sing N N 418 
VAL CG2 HG21 sing N N 419 
VAL CG2 HG22 sing N N 420 
VAL CG2 HG23 sing N N 421 
VAL OXT HXT  sing N N 422 
# 
loop_
_pdbx_audit_support.funding_organization 
_pdbx_audit_support.country 
_pdbx_audit_support.grant_number 
_pdbx_audit_support.ordinal 
'Wellcome Trust' 'United Kingdom' 109154/Z/15/A 1 
'Wellcome Trust' 'United Kingdom' 109984        2 
# 
_pdbx_initial_refinement_model.id               1 
_pdbx_initial_refinement_model.entity_id_list   ? 
_pdbx_initial_refinement_model.type             'experimental model' 
_pdbx_initial_refinement_model.source_name      PDB 
_pdbx_initial_refinement_model.accession_code   2YXF 
_pdbx_initial_refinement_model.details          ? 
# 
_atom_sites.entry_id                    7AFV 
_atom_sites.Cartn_transf_matrix[1][1]   ? 
_atom_sites.Cartn_transf_matrix[1][2]   ? 
_atom_sites.Cartn_transf_matrix[1][3]   ? 
_atom_sites.Cartn_transf_matrix[2][1]   ? 
_atom_sites.Cartn_transf_matrix[2][2]   ? 
_atom_sites.Cartn_transf_matrix[2][3]   ? 
_atom_sites.Cartn_transf_matrix[3][1]   ? 
_atom_sites.Cartn_transf_matrix[3][2]   ? 
_atom_sites.Cartn_transf_matrix[3][3]   ? 
_atom_sites.Cartn_transf_vector[1]      ? 
_atom_sites.Cartn_transf_vector[2]      ? 
_atom_sites.Cartn_transf_vector[3]      ? 
_atom_sites.fract_transf_matrix[1][1]   0.00298114 
_atom_sites.fract_transf_matrix[1][2]   0.00231537 
_atom_sites.fract_transf_matrix[1][3]   -0.01077708 
_atom_sites.fract_transf_matrix[2][1]   0.01029820 
_atom_sites.fract_transf_matrix[2][2]   0.00339645 
_atom_sites.fract_transf_matrix[2][3]   0.00357837 
_atom_sites.fract_transf_matrix[3][1]   0.00609750 
_atom_sites.fract_transf_matrix[3][2]   -0.01652461 
_atom_sites.fract_transf_matrix[3][3]   -0.00186349 
_atom_sites.fract_transf_vector[1]      0.263593 
_atom_sites.fract_transf_vector[2]      -0.292364 
_atom_sites.fract_transf_vector[3]      0.004244 
_atom_sites.solution_primary            ? 
_atom_sites.solution_secondary          ? 
_atom_sites.solution_hydrogens          ? 
_atom_sites.special_details             ? 
# 
loop_
_atom_type.symbol 
C 
N 
O 
S 
# 
loop_
_atom_site.group_PDB 
_atom_site.id 
_atom_site.type_symbol 
_atom_site.label_atom_id 
_atom_site.label_alt_id 
_atom_site.label_comp_id 
_atom_site.label_asym_id 
_atom_site.label_entity_id 
_atom_site.label_seq_id 
_atom_site.pdbx_PDB_ins_code 
_atom_site.Cartn_x 
_atom_site.Cartn_y 
_atom_site.Cartn_z 
_atom_site.occupancy 
_atom_site.B_iso_or_equiv 
_atom_site.pdbx_formal_charge 
_atom_site.auth_seq_id 
_atom_site.auth_comp_id 
_atom_site.auth_asym_id 
_atom_site.auth_atom_id 
_atom_site.pdbx_PDB_model_num 
ATOM   1    N N   . MET A 1 1  ? 5.209   3.303   4.301   1.00 62.11  ? 6   MET A N   1 
ATOM   2    C CA  . MET A 1 1  ? 3.815   3.786   4.445   1.00 61.56  ? 6   MET A CA  1 
ATOM   3    C C   . MET A 1 1  ? 3.003   2.896   5.398   1.00 59.48  ? 6   MET A C   1 
ATOM   4    O O   . MET A 1 1  ? 3.460   1.800   5.796   1.00 53.88  ? 6   MET A O   1 
ATOM   5    C CB  . MET A 1 1  ? 3.103   3.805   3.093   1.00 66.82  ? 6   MET A CB  1 
ATOM   6    C CG  . MET A 1 1  ? 2.806   2.422   2.563   1.00 77.47  ? 6   MET A CG  1 
ATOM   7    S SD  . MET A 1 1  ? 2.043   2.413   0.909   1.00 87.66  ? 6   MET A SD  1 
ATOM   8    C CE  . MET A 1 1  ? 2.584   4.002   0.283   1.00 78.67  ? 6   MET A CE  1 
ATOM   9    N N   . ILE A 1 2  ? 1.808   3.368   5.722   1.00 56.69  ? 7   ILE A N   1 
ATOM   10   C CA  . ILE A 1 2  ? 0.802   2.649   6.542   1.00 55.89  ? 7   ILE A CA  1 
ATOM   11   C C   . ILE A 1 2  ? -0.535  2.795   5.835   1.00 58.33  ? 7   ILE A C   1 
ATOM   12   O O   . ILE A 1 2  ? -0.952  3.933   5.587   1.00 64.45  ? 7   ILE A O   1 
ATOM   13   C CB  . ILE A 1 2  ? 0.731   3.187   7.979   1.00 61.34  ? 7   ILE A CB  1 
ATOM   14   C CG1 . ILE A 1 2  ? 2.113   3.258   8.636   1.00 60.12  ? 7   ILE A CG1 1 
ATOM   15   C CG2 . ILE A 1 2  ? -0.242  2.336   8.780   1.00 60.16  ? 7   ILE A CG2 1 
ATOM   16   C CD1 . ILE A 1 2  ? 2.189   4.192   9.816   1.00 62.04  ? 7   ILE A CD1 1 
ATOM   17   N N   . GLN A 1 3  ? -1.155  1.666   5.515   1.00 58.06  ? 8   GLN A N   1 
ATOM   18   C CA  . GLN A 1 3  ? -2.450  1.607   4.817   1.00 59.26  ? 8   GLN A CA  1 
ATOM   19   C C   . GLN A 1 3  ? -3.308  0.625   5.595   1.00 58.11  ? 8   GLN A C   1 
ATOM   20   O O   . GLN A 1 3  ? -2.818  -0.476  5.892   1.00 58.15  ? 8   GLN A O   1 
ATOM   21   C CB  . GLN A 1 3  ? -2.242  1.206   3.355   1.00 70.58  ? 8   GLN A CB  1 
ATOM   22   C CG  . GLN A 1 3  ? -1.669  2.329   2.493   1.00 78.08  ? 8   GLN A CG  1 
ATOM   23   C CD  . GLN A 1 3  ? -2.642  3.477   2.362   1.00 80.66  ? 8   GLN A CD  1 
ATOM   24   O OE1 . GLN A 1 3  ? -3.833  3.274   2.115   1.00 70.15  ? 8   GLN A OE1 1 
ATOM   25   N NE2 . GLN A 1 3  ? -2.150  4.694   2.548   1.00 77.78  ? 8   GLN A NE2 1 
ATOM   26   N N   . VAL A 1 4  ? -4.523  1.044   5.929   1.00 56.07  ? 9   VAL A N   1 
ATOM   27   C CA  . VAL A 1 4  ? -5.535  0.226   6.647   1.00 56.58  ? 9   VAL A CA  1 
ATOM   28   C C   . VAL A 1 4  ? -6.726  0.056   5.716   1.00 52.09  ? 9   VAL A C   1 
ATOM   29   O O   . VAL A 1 4  ? -7.234  1.059   5.214   1.00 63.24  ? 9   VAL A O   1 
ATOM   30   C CB  . VAL A 1 4  ? -5.970  0.877   7.972   1.00 57.10  ? 9   VAL A CB  1 
ATOM   31   C CG1 . VAL A 1 4  ? -6.930  -0.025  8.724   1.00 59.90  ? 9   VAL A CG1 1 
ATOM   32   C CG2 . VAL A 1 4  ? -4.782  1.221   8.844   1.00 53.40  ? 9   VAL A CG2 1 
ATOM   33   N N   . TYR A 1 5  ? -7.167  -1.175  5.525   1.00 50.31  ? 10  TYR A N   1 
ATOM   34   C CA  . TYR A 1 5  ? -8.252  -1.473  4.573   1.00 48.39  ? 10  TYR A CA  1 
ATOM   35   C C   . TYR A 1 5  ? -8.840  -2.839  4.893   1.00 45.84  ? 10  TYR A C   1 
ATOM   36   O O   . TYR A 1 5  ? -8.182  -3.661  5.594   1.00 44.09  ? 10  TYR A O   1 
ATOM   37   C CB  . TYR A 1 5  ? -7.691  -1.353  3.157   1.00 47.07  ? 10  TYR A CB  1 
ATOM   38   C CG  . TYR A 1 5  ? -6.607  -2.344  2.847   1.00 45.92  ? 10  TYR A CG  1 
ATOM   39   C CD1 . TYR A 1 5  ? -6.896  -3.541  2.206   1.00 47.97  ? 10  TYR A CD1 1 
ATOM   40   C CD2 . TYR A 1 5  ? -5.292  -2.092  3.192   1.00 47.06  ? 10  TYR A CD2 1 
ATOM   41   C CE1 . TYR A 1 5  ? -5.901  -4.468  1.927   1.00 44.36  ? 10  TYR A CE1 1 
ATOM   42   C CE2 . TYR A 1 5  ? -4.279  -3.003  2.908   1.00 47.82  ? 10  TYR A CE2 1 
ATOM   43   C CZ  . TYR A 1 5  ? -4.591  -4.200  2.285   1.00 45.51  ? 10  TYR A CZ  1 
ATOM   44   O OH  . TYR A 1 5  ? -3.624  -5.116  2.008   1.00 50.10  ? 10  TYR A OH  1 
ATOM   45   N N   . SER A 1 6  ? -10.048 -3.051  4.382   1.00 50.65  ? 11  SER A N   1 
ATOM   46   C CA  . SER A 1 6  ? -10.793 -4.330  4.462   1.00 56.20  ? 11  SER A CA  1 
ATOM   47   C C   . SER A 1 6  ? -10.541 -5.131  3.179   1.00 56.19  ? 11  SER A C   1 
ATOM   48   O O   . SER A 1 6  ? -10.523 -4.523  2.102   1.00 54.24  ? 11  SER A O   1 
ATOM   49   C CB  . SER A 1 6  ? -12.262 -4.068  4.663   1.00 59.02  ? 11  SER A CB  1 
ATOM   50   O OG  . SER A 1 6  ? -12.757 -3.167  3.676   1.00 58.93  ? 11  SER A OG  1 
ATOM   51   N N   . ARG A 1 7  ? -10.358 -6.441  3.284   1.00 60.22  ? 12  ARG A N   1 
ATOM   52   C CA  . ARG A 1 7  ? -10.154 -7.302  2.093   1.00 65.34  ? 12  ARG A CA  1 
ATOM   53   C C   . ARG A 1 7  ? -11.240 -7.000  1.054   1.00 64.03  ? 12  ARG A C   1 
ATOM   54   O O   . ARG A 1 7  ? -10.890 -6.611  -0.045  1.00 74.54  ? 12  ARG A O   1 
ATOM   55   C CB  . ARG A 1 7  ? -10.174 -8.771  2.494   1.00 70.70  ? 12  ARG A CB  1 
ATOM   56   C CG  . ARG A 1 7  ? -10.015 -9.728  1.327   1.00 76.13  ? 12  ARG A CG  1 
ATOM   57   C CD  . ARG A 1 7  ? -9.951  -11.136 1.883   1.00 83.79  ? 12  ARG A CD  1 
ATOM   58   N NE  . ARG A 1 7  ? -9.424  -12.092 0.931   1.00 94.89  ? 12  ARG A NE  1 
ATOM   59   C CZ  . ARG A 1 7  ? -9.921  -13.306 0.721   1.00 109.55 ? 12  ARG A CZ  1 
ATOM   60   N NH1 . ARG A 1 7  ? -10.982 -13.733 1.389   1.00 112.78 ? 12  ARG A NH1 1 
ATOM   61   N NH2 . ARG A 1 7  ? -9.353  -14.089 -0.181  1.00 110.56 ? 12  ARG A NH2 1 
ATOM   62   N N   . HIS A 1 8  ? -12.508 -7.160  1.418   1.00 69.25  ? 13  HIS A N   1 
ATOM   63   C CA  . HIS A 1 8  ? -13.700 -6.885  0.572   1.00 72.86  ? 13  HIS A CA  1 
ATOM   64   C C   . HIS A 1 8  ? -14.370 -5.612  1.072   1.00 77.11  ? 13  HIS A C   1 
ATOM   65   O O   . HIS A 1 8  ? -14.151 -5.210  2.210   1.00 75.90  ? 13  HIS A O   1 
ATOM   66   C CB  . HIS A 1 8  ? -14.661 -8.091  0.588   1.00 73.81  ? 13  HIS A CB  1 
ATOM   67   C CG  . HIS A 1 8  ? -14.112 -9.313  -0.076  1.00 74.11  ? 13  HIS A CG  1 
ATOM   68   N ND1 . HIS A 1 8  ? -13.579 -10.361 0.647   1.00 78.89  ? 13  HIS A ND1 1 
ATOM   69   C CD2 . HIS A 1 8  ? -13.992 -9.656  -1.379  1.00 77.14  ? 13  HIS A CD2 1 
ATOM   70   C CE1 . HIS A 1 8  ? -13.152 -11.300 -0.178  1.00 79.05  ? 13  HIS A CE1 1 
ATOM   71   N NE2 . HIS A 1 8  ? -13.381 -10.887 -1.428  1.00 80.32  ? 13  HIS A NE2 1 
ATOM   72   N N   . PRO A 1 9  ? -15.217 -4.948  0.252   1.00 80.92  ? 14  PRO A N   1 
ATOM   73   C CA  . PRO A 1 9  ? -16.022 -3.821  0.724   1.00 82.50  ? 14  PRO A CA  1 
ATOM   74   C C   . PRO A 1 9  ? -16.873 -4.236  1.931   1.00 78.77  ? 14  PRO A C   1 
ATOM   75   O O   . PRO A 1 9  ? -17.245 -5.387  2.013   1.00 76.55  ? 14  PRO A O   1 
ATOM   76   C CB  . PRO A 1 9  ? -16.886 -3.457  -0.494  1.00 85.10  ? 14  PRO A CB  1 
ATOM   77   C CG  . PRO A 1 9  ? -16.068 -3.945  -1.671  1.00 80.51  ? 14  PRO A CG  1 
ATOM   78   C CD  . PRO A 1 9  ? -15.444 -5.229  -1.175  1.00 78.96  ? 14  PRO A CD  1 
ATOM   79   N N   . ALA A 1 10 ? -17.144 -3.296  2.838   1.00 83.43  ? 15  ALA A N   1 
ATOM   80   C CA  . ALA A 1 10 ? -17.635 -3.569  4.210   1.00 78.78  ? 15  ALA A CA  1 
ATOM   81   C C   . ALA A 1 10 ? -19.162 -3.529  4.243   1.00 80.15  ? 15  ALA A C   1 
ATOM   82   O O   . ALA A 1 10 ? -19.745 -2.489  3.888   1.00 92.35  ? 15  ALA A O   1 
ATOM   83   C CB  . ALA A 1 10 ? -17.052 -2.578  5.185   1.00 81.19  ? 15  ALA A CB  1 
ATOM   84   N N   . GLU A 1 11 ? -19.768 -4.643  4.646   1.00 81.45  ? 16  GLU A N   1 
ATOM   85   C CA  . GLU A 1 11 ? -21.201 -4.747  4.995   1.00 84.18  ? 16  GLU A CA  1 
ATOM   86   C C   . GLU A 1 11 ? -21.251 -5.050  6.491   1.00 85.28  ? 16  GLU A C   1 
ATOM   87   O O   . GLU A 1 11 ? -20.669 -6.070  6.911   1.00 78.36  ? 16  GLU A O   1 
ATOM   88   C CB  . GLU A 1 11 ? -21.892 -5.814  4.139   1.00 90.03  ? 16  GLU A CB  1 
ATOM   89   C CG  . GLU A 1 11 ? -21.887 -5.471  2.652   1.00 97.24  ? 16  GLU A CG  1 
ATOM   90   C CD  . GLU A 1 11 ? -22.021 -6.641  1.684   1.00 102.38 ? 16  GLU A CD  1 
ATOM   91   O OE1 . GLU A 1 11 ? -23.130 -7.213  1.590   1.00 106.77 ? 16  GLU A OE1 1 
ATOM   92   O OE2 . GLU A 1 11 ? -21.018 -6.963  1.003   1.00 100.80 ? 16  GLU A OE2 1 
ATOM   93   N N   . ASN A 1 12 ? -21.888 -4.172  7.260   1.00 81.12  ? 17  ASN A N   1 
ATOM   94   C CA  . ASN A 1 12 ? -22.128 -4.365  8.709   1.00 76.27  ? 17  ASN A CA  1 
ATOM   95   C C   . ASN A 1 12 ? -22.766 -5.736  8.933   1.00 74.78  ? 17  ASN A C   1 
ATOM   96   O O   . ASN A 1 12 ? -23.761 -6.037  8.258   1.00 84.01  ? 17  ASN A O   1 
ATOM   97   C CB  . ASN A 1 12 ? -22.958 -3.210  9.270   1.00 82.81  ? 17  ASN A CB  1 
ATOM   98   C CG  . ASN A 1 12 ? -22.164 -1.926  9.263   1.00 85.38  ? 17  ASN A CG  1 
ATOM   99   O OD1 . ASN A 1 12 ? -20.956 -1.954  9.027   1.00 92.61  ? 17  ASN A OD1 1 
ATOM   100  N ND2 . ASN A 1 12 ? -22.826 -0.811  9.501   1.00 82.92  ? 17  ASN A ND2 1 
ATOM   101  N N   . GLY A 1 13 ? -22.178 -6.529  9.833   1.00 77.78  ? 18  GLY A N   1 
ATOM   102  C CA  . GLY A 1 13 ? -22.669 -7.860  10.236  1.00 73.18  ? 18  GLY A CA  1 
ATOM   103  C C   . GLY A 1 13 ? -22.004 -8.990  9.470   1.00 77.14  ? 18  GLY A C   1 
ATOM   104  O O   . GLY A 1 13 ? -22.190 -10.142 9.892   1.00 76.67  ? 18  GLY A O   1 
ATOM   105  N N   . LYS A 1 14 ? -21.279 -8.689  8.383   1.00 76.46  ? 19  LYS A N   1 
ATOM   106  C CA  . LYS A 1 14 ? -20.731 -9.702  7.437   1.00 70.35  ? 19  LYS A CA  1 
ATOM   107  C C   . LYS A 1 14 ? -19.236 -9.877  7.697   1.00 66.42  ? 19  LYS A C   1 
ATOM   108  O O   . LYS A 1 14 ? -18.503 -8.862  7.680   1.00 65.67  ? 19  LYS A O   1 
ATOM   109  C CB  . LYS A 1 14 ? -20.932 -9.315  5.968   1.00 72.45  ? 19  LYS A CB  1 
ATOM   110  C CG  . LYS A 1 14 ? -22.356 -8.989  5.535   1.00 85.01  ? 19  LYS A CG  1 
ATOM   111  C CD  . LYS A 1 14 ? -23.447 -9.856  6.156   1.00 98.66  ? 19  LYS A CD  1 
ATOM   112  C CE  . LYS A 1 14 ? -23.383 -11.314 5.752   1.00 101.30 ? 19  LYS A CE  1 
ATOM   113  N NZ  . LYS A 1 14 ? -24.470 -12.093 6.390   1.00 99.18  ? 19  LYS A NZ  1 
ATOM   114  N N   . SER A 1 15 ? -18.809 -11.129 7.900   1.00 59.45  ? 20  SER A N   1 
ATOM   115  C CA  . SER A 1 15 ? -17.396 -11.532 8.082   1.00 56.31  ? 20  SER A CA  1 
ATOM   116  C C   . SER A 1 15 ? -16.553 -10.930 6.960   1.00 59.12  ? 20  SER A C   1 
ATOM   117  O O   . SER A 1 15 ? -17.032 -10.906 5.813   1.00 61.10  ? 20  SER A O   1 
ATOM   118  C CB  . SER A 1 15 ? -17.236 -13.011 8.120   1.00 59.21  ? 20  SER A CB  1 
ATOM   119  O OG  . SER A 1 15 ? -15.899 -13.341 8.467   1.00 63.30  ? 20  SER A OG  1 
ATOM   120  N N   . ASN A 1 16 ? -15.344 -10.465 7.299   1.00 57.09  ? 21  ASN A N   1 
ATOM   121  C CA  . ASN A 1 16 ? -14.403 -9.787  6.374   1.00 51.12  ? 21  ASN A CA  1 
ATOM   122  C C   . ASN A 1 16 ? -12.989 -10.006 6.923   1.00 55.52  ? 21  ASN A C   1 
ATOM   123  O O   . ASN A 1 16 ? -12.837 -10.805 7.887   1.00 57.99  ? 21  ASN A O   1 
ATOM   124  C CB  . ASN A 1 16 ? -14.783 -8.311  6.192   1.00 51.52  ? 21  ASN A CB  1 
ATOM   125  C CG  . ASN A 1 16 ? -14.283 -7.709  4.895   1.00 49.71  ? 21  ASN A CG  1 
ATOM   126  O OD1 . ASN A 1 16 ? -13.240 -8.100  4.373   1.00 54.75  ? 21  ASN A OD1 1 
ATOM   127  N ND2 . ASN A 1 16 ? -15.017 -6.758  4.350   1.00 46.69  ? 21  ASN A ND2 1 
ATOM   128  N N   . PHE A 1 17 ? -11.988 -9.368  6.309   1.00 56.75  ? 22  PHE A N   1 
ATOM   129  C CA  . PHE A 1 17 ? -10.606 -9.267  6.838   1.00 59.83  ? 22  PHE A CA  1 
ATOM   130  C C   . PHE A 1 17 ? -10.200 -7.804  6.913   1.00 51.99  ? 22  PHE A C   1 
ATOM   131  O O   . PHE A 1 17 ? -10.397 -7.065  5.956   1.00 55.13  ? 22  PHE A O   1 
ATOM   132  C CB  . PHE A 1 17 ? -9.607  -10.035 5.976   1.00 61.64  ? 22  PHE A CB  1 
ATOM   133  C CG  . PHE A 1 17 ? -9.629  -11.515 6.217   1.00 61.15  ? 22  PHE A CG  1 
ATOM   134  C CD1 . PHE A 1 17 ? -10.570 -12.313 5.592   1.00 61.64  ? 22  PHE A CD1 1 
ATOM   135  C CD2 . PHE A 1 17 ? -8.725  -12.105 7.083   1.00 64.87  ? 22  PHE A CD2 1 
ATOM   136  C CE1 . PHE A 1 17 ? -10.615 -13.677 5.833   1.00 62.55  ? 22  PHE A CE1 1 
ATOM   137  C CE2 . PHE A 1 17 ? -8.765  -13.472 7.312   1.00 68.10  ? 22  PHE A CE2 1 
ATOM   138  C CZ  . PHE A 1 17 ? -9.711  -14.254 6.687   1.00 61.06  ? 22  PHE A CZ  1 
ATOM   139  N N   . LEU A 1 18 ? -9.609  -7.436  8.039   1.00 54.10  ? 23  LEU A N   1 
ATOM   140  C CA  . LEU A 1 18 ? -8.939  -6.136  8.229   1.00 50.66  ? 23  LEU A CA  1 
ATOM   141  C C   . LEU A 1 18 ? -7.443  -6.326  8.026   1.00 49.61  ? 23  LEU A C   1 
ATOM   142  O O   . LEU A 1 18 ? -6.906  -7.354  8.495   1.00 49.66  ? 23  LEU A O   1 
ATOM   143  C CB  . LEU A 1 18 ? -9.248  -5.618  9.632   1.00 54.31  ? 23  LEU A CB  1 
ATOM   144  C CG  . LEU A 1 18 ? -8.731  -4.218  9.931   1.00 57.16  ? 23  LEU A CG  1 
ATOM   145  C CD1 . LEU A 1 18 ? -9.300  -3.181  8.964   1.00 57.60  ? 23  LEU A CD1 1 
ATOM   146  C CD2 . LEU A 1 18 ? -9.060  -3.848  11.367  1.00 55.92  ? 23  LEU A CD2 1 
ATOM   147  N N   . ASN A 1 19 ? -6.824  -5.385  7.314   1.00 50.73  ? 24  ASN A N   1 
ATOM   148  C CA  . ASN A 1 19 ? -5.397  -5.461  6.930   1.00 50.08  ? 24  ASN A CA  1 
ATOM   149  C C   . ASN A 1 19 ? -4.719  -4.138  7.287   1.00 51.92  ? 24  ASN A C   1 
ATOM   150  O O   . ASN A 1 19 ? -5.283  -3.036  7.020   1.00 48.42  ? 24  ASN A O   1 
ATOM   151  C CB  . ASN A 1 19 ? -5.196  -5.760  5.444   1.00 56.22  ? 24  ASN A CB  1 
ATOM   152  C CG  . ASN A 1 19 ? -5.915  -7.005  4.982   1.00 57.86  ? 24  ASN A CG  1 
ATOM   153  O OD1 . ASN A 1 19 ? -7.132  -6.971  4.780   1.00 65.88  ? 24  ASN A OD1 1 
ATOM   154  N ND2 . ASN A 1 19 ? -5.171  -8.088  4.794   1.00 55.58  ? 24  ASN A ND2 1 
ATOM   155  N N   . CYS A 1 20 ? -3.531  -4.257  7.862   1.00 46.37  ? 25  CYS A N   1 
ATOM   156  C CA  . CYS A 1 20 ? -2.607  -3.135  8.092   1.00 47.87  ? 25  CYS A CA  1 
ATOM   157  C C   . CYS A 1 20 ? -1.321  -3.421  7.344   1.00 46.65  ? 25  CYS A C   1 
ATOM   158  O O   . CYS A 1 20 ? -0.623  -4.388  7.736   1.00 42.76  ? 25  CYS A O   1 
ATOM   159  C CB  . CYS A 1 20 ? -2.276  -2.951  9.556   1.00 52.60  ? 25  CYS A CB  1 
ATOM   160  S SG  . CYS A 1 20 ? -1.440  -1.373  9.797   1.00 64.48  ? 25  CYS A SG  1 
ATOM   161  N N   . TYR A 1 21 ? -1.076  -2.660  6.277   1.00 47.55  ? 26  TYR A N   1 
ATOM   162  C CA  . TYR A 1 21 ? 0.121   -2.801  5.424   1.00 50.18  ? 26  TYR A CA  1 
ATOM   163  C C   . TYR A 1 21 ? 1.092   -1.709  5.855   1.00 47.31  ? 26  TYR A C   1 
ATOM   164  O O   . TYR A 1 21 ? 0.677   -0.547  5.927   1.00 53.22  ? 26  TYR A O   1 
ATOM   165  C CB  . TYR A 1 21 ? -0.240  -2.733  3.939   1.00 56.18  ? 26  TYR A CB  1 
ATOM   166  C CG  . TYR A 1 21 ? 0.969   -2.712  3.038   1.00 60.22  ? 26  TYR A CG  1 
ATOM   167  C CD1 . TYR A 1 21 ? 1.632   -3.880  2.695   1.00 60.24  ? 26  TYR A CD1 1 
ATOM   168  C CD2 . TYR A 1 21 ? 1.471   -1.518  2.548   1.00 66.40  ? 26  TYR A CD2 1 
ATOM   169  C CE1 . TYR A 1 21 ? 2.752   -3.863  1.886   1.00 68.53  ? 26  TYR A CE1 1 
ATOM   170  C CE2 . TYR A 1 21 ? 2.590   -1.482  1.736   1.00 67.32  ? 26  TYR A CE2 1 
ATOM   171  C CZ  . TYR A 1 21 ? 3.229   -2.659  1.395   1.00 69.79  ? 26  TYR A CZ  1 
ATOM   172  O OH  . TYR A 1 21 ? 4.326   -2.606  0.581   1.00 76.42  ? 26  TYR A OH  1 
ATOM   173  N N   . VAL A 1 22 ? 2.312   -2.098  6.196   1.00 48.08  ? 27  VAL A N   1 
ATOM   174  C CA  . VAL A 1 22 ? 3.374   -1.190  6.705   1.00 52.76  ? 27  VAL A CA  1 
ATOM   175  C C   . VAL A 1 22 ? 4.653   -1.526  5.950   1.00 56.32  ? 27  VAL A C   1 
ATOM   176  O O   . VAL A 1 22 ? 5.002   -2.725  5.858   1.00 53.31  ? 27  VAL A O   1 
ATOM   177  C CB  . VAL A 1 22 ? 3.594   -1.325  8.215   1.00 57.46  ? 27  VAL A CB  1 
ATOM   178  C CG1 . VAL A 1 22 ? 4.732   -0.439  8.689   1.00 60.86  ? 27  VAL A CG1 1 
ATOM   179  C CG2 . VAL A 1 22 ? 2.318   -1.048  8.991   1.00 65.33  ? 27  VAL A CG2 1 
ATOM   180  N N   . SER A 1 23 ? 5.295   -0.493  5.418   1.00 56.16  ? 28  SER A N   1 
ATOM   181  C CA  . SER A 1 23 ? 6.507   -0.592  4.569   1.00 58.39  ? 28  SER A CA  1 
ATOM   182  C C   . SER A 1 23 ? 7.429   0.560   4.950   1.00 58.72  ? 28  SER A C   1 
ATOM   183  O O   . SER A 1 23 ? 6.915   1.643   5.284   1.00 55.03  ? 28  SER A O   1 
ATOM   184  C CB  . SER A 1 23 ? 6.164   -0.558  3.119   1.00 55.88  ? 28  SER A CB  1 
ATOM   185  O OG  . SER A 1 23 ? 5.811   0.759   2.744   1.00 69.23  ? 28  SER A OG  1 
ATOM   186  N N   . GLY A 1 24 ? 8.732   0.316   4.925   1.00 62.82  ? 29  GLY A N   1 
ATOM   187  C CA  . GLY A 1 24 ? 9.731   1.266   5.433   1.00 67.84  ? 29  GLY A CA  1 
ATOM   188  C C   . GLY A 1 24 ? 11.138  0.751   5.238   1.00 69.08  ? 29  GLY A C   1 
ATOM   189  O O   . GLY A 1 24 ? 11.327  -0.166  4.420   1.00 63.53  ? 29  GLY A O   1 
ATOM   190  N N   . PHE A 1 25 ? 12.076  1.326   5.992   1.00 68.90  ? 30  PHE A N   1 
ATOM   191  C CA  . PHE A 1 25 ? 13.522  1.012   5.946   1.00 63.38  ? 30  PHE A CA  1 
ATOM   192  C C   . PHE A 1 25 ? 14.011  0.850   7.384   1.00 62.31  ? 30  PHE A C   1 
ATOM   193  O O   . PHE A 1 25 ? 13.482  1.553   8.276   1.00 69.29  ? 30  PHE A O   1 
ATOM   194  C CB  . PHE A 1 25 ? 14.261  2.093   5.158   1.00 65.52  ? 30  PHE A CB  1 
ATOM   195  C CG  . PHE A 1 25 ? 13.936  2.118   3.689   1.00 57.15  ? 30  PHE A CG  1 
ATOM   196  C CD1 . PHE A 1 25 ? 12.954  2.957   3.190   1.00 59.28  ? 30  PHE A CD1 1 
ATOM   197  C CD2 . PHE A 1 25 ? 14.604  1.284   2.805   1.00 60.47  ? 30  PHE A CD2 1 
ATOM   198  C CE1 . PHE A 1 25 ? 12.653  2.963   1.834   1.00 60.63  ? 30  PHE A CE1 1 
ATOM   199  C CE2 . PHE A 1 25 ? 14.310  1.292   1.448   1.00 67.04  ? 30  PHE A CE2 1 
ATOM   200  C CZ  . PHE A 1 25 ? 13.327  2.128   0.963   1.00 66.37  ? 30  PHE A CZ  1 
ATOM   201  N N   . HIS A 1 26 ? 14.890  -0.127  7.598   1.00 68.34  ? 31  HIS A N   1 
ATOM   202  C CA  . HIS A 1 26 ? 15.418  -0.532  8.928   1.00 90.18  ? 31  HIS A CA  1 
ATOM   203  C C   . HIS A 1 26 ? 14.275  -1.055  9.795   1.00 89.38  ? 31  HIS A C   1 
ATOM   204  O O   . HIS A 1 26 ? 13.706  -0.287  10.568  1.00 81.77  ? 31  HIS A O   1 
ATOM   205  C CB  . HIS A 1 26 ? 16.206  0.639   9.540   1.00 97.27  ? 31  HIS A CB  1 
ATOM   206  C CG  . HIS A 1 26 ? 17.323  1.092   8.655   1.00 111.25 ? 31  HIS A CG  1 
ATOM   207  N ND1 . HIS A 1 26 ? 18.547  0.442   8.621   1.00 119.52 ? 31  HIS A ND1 1 
ATOM   208  C CD2 . HIS A 1 26 ? 17.401  2.087   7.743   1.00 113.66 ? 31  HIS A CD2 1 
ATOM   209  C CE1 . HIS A 1 26 ? 19.335  1.033   7.745   1.00 121.15 ? 31  HIS A CE1 1 
ATOM   210  N NE2 . HIS A 1 26 ? 18.653  2.044   7.189   1.00 119.11 ? 31  HIS A NE2 1 
ATOM   211  N N   . PRO A 1 27 ? 13.919  -2.365  9.688   1.00 90.05  ? 32  PRO A N   1 
ATOM   212  C CA  . PRO A 1 27 ? 12.778  -2.921  10.407  1.00 94.61  ? 32  PRO A CA  1 
ATOM   213  C C   . PRO A 1 27 ? 13.024  -2.562  11.871  1.00 98.05  ? 32  PRO A C   1 
ATOM   214  O O   . PRO A 1 27 ? 12.278  -1.777  12.406  1.00 98.15  ? 32  PRO A O   1 
ATOM   215  C CB  . PRO A 1 27 ? 12.806  -4.437  10.154  1.00 89.59  ? 32  PRO A CB  1 
ATOM   216  C CG  . PRO A 1 27 ? 14.204  -4.705  9.638   1.00 91.13  ? 32  PRO A CG  1 
ATOM   217  C CD  . PRO A 1 27 ? 14.646  -3.418  8.964   1.00 90.60  ? 32  PRO A CD  1 
ATOM   218  N N   . SER A 1 28 ? 14.139  -3.046  12.416  1.00 101.68 ? 33  SER A N   1 
ATOM   219  C CA  . SER A 1 28 ? 14.720  -2.557  13.689  1.00 108.57 ? 33  SER A CA  1 
ATOM   220  C C   . SER A 1 28 ? 13.732  -2.892  14.814  1.00 100.62 ? 33  SER A C   1 
ATOM   221  O O   . SER A 1 28 ? 13.437  -4.097  14.970  1.00 89.10  ? 33  SER A O   1 
ATOM   222  C CB  . SER A 1 28 ? 15.064  -1.072  13.577  1.00 105.61 ? 33  SER A CB  1 
ATOM   223  O OG  . SER A 1 28 ? 15.690  -0.586  14.755  1.00 111.16 ? 33  SER A OG  1 
ATOM   224  N N   . ASP A 1 29 ? 13.217  -1.874  15.515  1.00 97.18  ? 34  ASP A N   1 
ATOM   225  C CA  . ASP A 1 29 ? 12.284  -2.005  16.664  1.00 99.74  ? 34  ASP A CA  1 
ATOM   226  C C   . ASP A 1 29 ? 10.848  -1.787  16.170  1.00 92.31  ? 34  ASP A C   1 
ATOM   227  O O   . ASP A 1 29 ? 10.058  -1.164  16.913  1.00 85.87  ? 34  ASP A O   1 
ATOM   228  C CB  . ASP A 1 29 ? 12.648  -1.016  17.779  1.00 98.82  ? 34  ASP A CB  1 
ATOM   229  C CG  . ASP A 1 29 ? 12.454  0.450   17.411  1.00 104.66 ? 34  ASP A CG  1 
ATOM   230  O OD1 . ASP A 1 29 ? 12.503  0.768   16.201  1.00 109.50 ? 34  ASP A OD1 1 
ATOM   231  O OD2 . ASP A 1 29 ? 12.240  1.269   18.339  1.00 103.19 ? 34  ASP A OD2 1 
ATOM   232  N N   . ILE A 1 30 ? 10.519  -2.279  14.973  1.00 83.75  ? 35  ILE A N   1 
ATOM   233  C CA  . ILE A 1 30 ? 9.168   -2.100  14.368  1.00 78.98  ? 35  ILE A CA  1 
ATOM   234  C C   . ILE A 1 30 ? 8.198   -2.998  15.140  1.00 69.43  ? 35  ILE A C   1 
ATOM   235  O O   . ILE A 1 30 ? 8.506   -4.195  15.302  1.00 64.20  ? 35  ILE A O   1 
ATOM   236  C CB  . ILE A 1 30 ? 9.174   -2.379  12.856  1.00 76.09  ? 35  ILE A CB  1 
ATOM   237  C CG1 . ILE A 1 30 ? 7.864   -1.952  12.191  1.00 73.47  ? 35  ILE A CG1 1 
ATOM   238  C CG2 . ILE A 1 30 ? 9.503   -3.840  12.570  1.00 84.54  ? 35  ILE A CG2 1 
ATOM   239  C CD1 . ILE A 1 30 ? 7.812   -0.500  11.801  1.00 74.69  ? 35  ILE A CD1 1 
ATOM   240  N N   . GLU A 1 31 ? 7.129   -2.404  15.673  1.00 66.54  ? 36  GLU A N   1 
ATOM   241  C CA  . GLU A 1 31 ? 5.976   -3.139  16.256  1.00 73.75  ? 36  GLU A CA  1 
ATOM   242  C C   . GLU A 1 31 ? 4.701   -2.618  15.613  1.00 60.82  ? 36  GLU A C   1 
ATOM   243  O O   . GLU A 1 31 ? 4.589   -1.399  15.385  1.00 52.95  ? 36  GLU A O   1 
ATOM   244  C CB  . GLU A 1 31 ? 5.882   -3.015  17.778  1.00 92.88  ? 36  GLU A CB  1 
ATOM   245  C CG  . GLU A 1 31 ? 7.119   -3.541  18.495  1.00 108.59 ? 36  GLU A CG  1 
ATOM   246  C CD  . GLU A 1 31 ? 7.369   -5.040  18.363  1.00 119.24 ? 36  GLU A CD  1 
ATOM   247  O OE1 . GLU A 1 31 ? 8.532   -5.478  18.571  1.00 106.45 ? 36  GLU A OE1 1 
ATOM   248  O OE2 . GLU A 1 31 ? 6.397   -5.766  18.061  1.00 117.96 ? 36  GLU A OE2 1 
ATOM   249  N N   . VAL A 1 32 ? 3.786   -3.543  15.332  1.00 57.36  ? 37  VAL A N   1 
ATOM   250  C CA  . VAL A 1 32 ? 2.504   -3.255  14.628  1.00 54.49  ? 37  VAL A CA  1 
ATOM   251  C C   . VAL A 1 32 ? 1.413   -4.062  15.315  1.00 51.67  ? 37  VAL A C   1 
ATOM   252  O O   . VAL A 1 32 ? 1.658   -5.234  15.611  1.00 50.76  ? 37  VAL A O   1 
ATOM   253  C CB  . VAL A 1 32 ? 2.546   -3.591  13.123  1.00 54.94  ? 37  VAL A CB  1 
ATOM   254  C CG1 . VAL A 1 32 ? 1.310   -3.030  12.430  1.00 53.43  ? 37  VAL A CG1 1 
ATOM   255  C CG2 . VAL A 1 32 ? 3.818   -3.092  12.444  1.00 55.33  ? 37  VAL A CG2 1 
ATOM   256  N N   . ASP A 1 33 ? 0.257   -3.438  15.531  1.00 53.75  ? 38  ASP A N   1 
ATOM   257  C CA  . ASP A 1 33 ? -0.904  -4.038  16.232  1.00 57.90  ? 38  ASP A CA  1 
ATOM   258  C C   . ASP A 1 33 ? -2.201  -3.488  15.608  1.00 57.14  ? 38  ASP A C   1 
ATOM   259  O O   . ASP A 1 33 ? -2.249  -2.273  15.257  1.00 56.66  ? 38  ASP A O   1 
ATOM   260  C CB  . ASP A 1 33 ? -0.810  -3.791  17.744  1.00 64.39  ? 38  ASP A CB  1 
ATOM   261  C CG  . ASP A 1 33 ? 0.453   -4.347  18.396  1.00 68.22  ? 38  ASP A CG  1 
ATOM   262  O OD1 . ASP A 1 33 ? 0.587   -5.588  18.454  1.00 59.24  ? 38  ASP A OD1 1 
ATOM   263  O OD2 . ASP A 1 33 ? 1.314   -3.536  18.828  1.00 76.62  ? 38  ASP A OD2 1 
ATOM   264  N N   . LEU A 1 34 ? -3.202  -4.366  15.443  1.00 53.14  ? 39  LEU A N   1 
ATOM   265  C CA  . LEU A 1 34 ? -4.609  -4.011  15.136  1.00 57.34  ? 39  LEU A CA  1 
ATOM   266  C C   . LEU A 1 34 ? -5.399  -3.888  16.442  1.00 59.89  ? 39  LEU A C   1 
ATOM   267  O O   . LEU A 1 34 ? -5.312  -4.816  17.283  1.00 54.64  ? 39  LEU A O   1 
ATOM   268  C CB  . LEU A 1 34 ? -5.223  -5.081  14.229  1.00 64.26  ? 39  LEU A CB  1 
ATOM   269  C CG  . LEU A 1 34 ? -4.586  -5.225  12.844  1.00 65.97  ? 39  LEU A CG  1 
ATOM   270  C CD1 . LEU A 1 34 ? -5.212  -6.376  12.073  1.00 69.55  ? 39  LEU A CD1 1 
ATOM   271  C CD2 . LEU A 1 34 ? -4.722  -3.938  12.054  1.00 68.56  ? 39  LEU A CD2 1 
ATOM   272  N N   . LEU A 1 35 ? -6.126  -2.777  16.590  1.00 59.76  ? 40  LEU A N   1 
ATOM   273  C CA  . LEU A 1 35 ? -6.962  -2.466  17.771  1.00 58.13  ? 40  LEU A CA  1 
ATOM   274  C C   . LEU A 1 35 ? -8.427  -2.490  17.351  1.00 63.40  ? 40  LEU A C   1 
ATOM   275  O O   . LEU A 1 35 ? -8.720  -2.060  16.222  1.00 51.99  ? 40  LEU A O   1 
ATOM   276  C CB  . LEU A 1 35 ? -6.599  -1.082  18.307  1.00 57.39  ? 40  LEU A CB  1 
ATOM   277  C CG  . LEU A 1 35 ? -5.109  -0.821  18.467  1.00 55.73  ? 40  LEU A CG  1 
ATOM   278  C CD1 . LEU A 1 35 ? -4.881  0.464   19.231  1.00 61.41  ? 40  LEU A CD1 1 
ATOM   279  C CD2 . LEU A 1 35 ? -4.430  -1.973  19.165  1.00 58.74  ? 40  LEU A CD2 1 
ATOM   280  N N   . LYS A 1 36 ? -9.288  -2.977  18.250  1.00 62.99  ? 41  LYS A N   1 
ATOM   281  C CA  . LYS A 1 36 ? -10.758 -2.804  18.207  1.00 64.00  ? 41  LYS A CA  1 
ATOM   282  C C   . LYS A 1 36 ? -11.132 -1.976  19.428  1.00 61.95  ? 41  LYS A C   1 
ATOM   283  O O   . LYS A 1 36 ? -10.863 -2.446  20.558  1.00 63.16  ? 41  LYS A O   1 
ATOM   284  C CB  . LYS A 1 36 ? -11.491 -4.148  18.227  1.00 65.63  ? 41  LYS A CB  1 
ATOM   285  C CG  . LYS A 1 36 ? -13.007 -4.028  18.161  1.00 67.28  ? 41  LYS A CG  1 
ATOM   286  C CD  . LYS A 1 36 ? -13.724 -5.349  18.343  1.00 68.66  ? 41  LYS A CD  1 
ATOM   287  C CE  . LYS A 1 36 ? -15.228 -5.204  18.265  1.00 68.69  ? 41  LYS A CE  1 
ATOM   288  N NZ  . LYS A 1 36 ? -15.912 -6.393  18.824  1.00 77.47  ? 41  LYS A NZ  1 
ATOM   289  N N   . ASN A 1 37 ? -11.685 -0.786  19.201  1.00 62.02  ? 42  ASN A N   1 
ATOM   290  C CA  . ASN A 1 37 ? -12.035 0.195   20.264  1.00 66.89  ? 42  ASN A CA  1 
ATOM   291  C C   . ASN A 1 37 ? -10.848 0.298   21.235  1.00 68.50  ? 42  ASN A C   1 
ATOM   292  O O   . ASN A 1 37 ? -11.008 0.024   22.439  1.00 71.87  ? 42  ASN A O   1 
ATOM   293  C CB  . ASN A 1 37 ? -13.360 -0.183  20.930  1.00 62.30  ? 42  ASN A CB  1 
ATOM   294  C CG  . ASN A 1 37 ? -14.461 -0.451  19.923  1.00 62.55  ? 42  ASN A CG  1 
ATOM   295  O OD1 . ASN A 1 37 ? -14.698 0.338   19.014  1.00 62.33  ? 42  ASN A OD1 1 
ATOM   296  N ND2 . ASN A 1 37 ? -15.134 -1.578  20.053  1.00 60.74  ? 42  ASN A ND2 1 
ATOM   297  N N   . GLY A 1 38 ? -9.665  0.593   20.698  1.00 67.24  ? 43  GLY A N   1 
ATOM   298  C CA  . GLY A 1 38 ? -8.448  0.881   21.482  1.00 69.47  ? 43  GLY A CA  1 
ATOM   299  C C   . GLY A 1 38 ? -7.804  -0.341  22.130  1.00 67.91  ? 43  GLY A C   1 
ATOM   300  O O   . GLY A 1 38 ? -6.805  -0.155  22.843  1.00 64.83  ? 43  GLY A O   1 
ATOM   301  N N   . GLU A 1 39 ? -8.318  -1.551  21.911  1.00 70.00  ? 44  GLU A N   1 
ATOM   302  C CA  . GLU A 1 39 ? -7.793  -2.777  22.575  1.00 67.80  ? 44  GLU A CA  1 
ATOM   303  C C   . GLU A 1 39 ? -7.239  -3.730  21.509  1.00 63.06  ? 44  GLU A C   1 
ATOM   304  O O   . GLU A 1 39 ? -7.906  -3.930  20.492  1.00 62.02  ? 44  GLU A O   1 
ATOM   305  C CB  . GLU A 1 39 ? -8.904  -3.437  23.398  1.00 74.64  ? 44  GLU A CB  1 
ATOM   306  C CG  . GLU A 1 39 ? -8.409  -4.299  24.549  1.00 85.39  ? 44  GLU A CG  1 
ATOM   307  C CD  . GLU A 1 39 ? -9.461  -4.834  25.525  1.00 92.53  ? 44  GLU A CD  1 
ATOM   308  O OE1 . GLU A 1 39 ? -10.182 -5.785  25.162  1.00 97.05  ? 44  GLU A OE1 1 
ATOM   309  O OE2 . GLU A 1 39 ? -9.544  -4.320  26.673  1.00 82.41  ? 44  GLU A OE2 1 
ATOM   310  N N   . ARG A 1 40 ? -6.058  -4.296  21.751  1.00 59.11  ? 45  ARG A N   1 
ATOM   311  C CA  . ARG A 1 40 ? -5.358  -5.239  20.842  1.00 62.05  ? 45  ARG A CA  1 
ATOM   312  C C   . ARG A 1 40 ? -6.245  -6.458  20.567  1.00 62.79  ? 45  ARG A C   1 
ATOM   313  O O   . ARG A 1 40 ? -6.896  -6.943  21.503  1.00 69.19  ? 45  ARG A O   1 
ATOM   314  C CB  . ARG A 1 40 ? -4.033  -5.649  21.481  1.00 69.54  ? 45  ARG A CB  1 
ATOM   315  C CG  . ARG A 1 40 ? -3.248  -6.680  20.689  1.00 73.84  ? 45  ARG A CG  1 
ATOM   316  C CD  . ARG A 1 40 ? -1.756  -6.473  20.841  1.00 85.66  ? 45  ARG A CD  1 
ATOM   317  N NE  . ARG A 1 40 ? -1.195  -6.841  22.135  1.00 94.66  ? 45  ARG A NE  1 
ATOM   318  C CZ  . ARG A 1 40 ? 0.110   -6.893  22.404  1.00 100.57 ? 45  ARG A CZ  1 
ATOM   319  N NH1 . ARG A 1 40 ? 0.999   -6.583  21.473  1.00 103.63 ? 45  ARG A NH1 1 
ATOM   320  N NH2 . ARG A 1 40 ? 0.527   -7.256  23.607  1.00 100.84 ? 45  ARG A NH2 1 
ATOM   321  N N   . ILE A 1 41 ? -6.266  -6.926  19.318  1.00 62.72  ? 46  ILE A N   1 
ATOM   322  C CA  . ILE A 1 41 ? -7.034  -8.120  18.858  1.00 60.28  ? 46  ILE A CA  1 
ATOM   323  C C   . ILE A 1 41 ? -6.075  -9.304  18.921  1.00 61.20  ? 46  ILE A C   1 
ATOM   324  O O   . ILE A 1 41 ? -4.918  -9.119  18.525  1.00 65.19  ? 46  ILE A O   1 
ATOM   325  C CB  . ILE A 1 41 ? -7.577  -7.873  17.434  1.00 59.94  ? 46  ILE A CB  1 
ATOM   326  C CG1 . ILE A 1 41 ? -8.420  -6.601  17.395  1.00 53.55  ? 46  ILE A CG1 1 
ATOM   327  C CG2 . ILE A 1 41 ? -8.343  -9.076  16.883  1.00 60.58  ? 46  ILE A CG2 1 
ATOM   328  C CD1 . ILE A 1 41 ? -8.816  -6.185  16.015  1.00 59.59  ? 46  ILE A CD1 1 
ATOM   329  N N   . GLU A 1 42 ? -6.518  -10.464 19.407  1.00 66.58  ? 47  GLU A N   1 
ATOM   330  C CA  . GLU A 1 42 ? -5.611  -11.638 19.584  1.00 78.67  ? 47  GLU A CA  1 
ATOM   331  C C   . GLU A 1 42 ? -5.651  -12.559 18.352  1.00 74.37  ? 47  GLU A C   1 
ATOM   332  O O   . GLU A 1 42 ? -4.748  -13.419 18.232  1.00 64.36  ? 47  GLU A O   1 
ATOM   333  C CB  . GLU A 1 42 ? -5.901  -12.375 20.898  1.00 88.40  ? 47  GLU A CB  1 
ATOM   334  C CG  . GLU A 1 42 ? -5.077  -11.847 22.085  1.00 102.66 ? 47  GLU A CG  1 
ATOM   335  C CD  . GLU A 1 42 ? -4.660  -12.817 23.194  1.00 105.71 ? 47  GLU A CD  1 
ATOM   336  O OE1 . GLU A 1 42 ? -4.356  -13.994 22.887  1.00 96.32  ? 47  GLU A OE1 1 
ATOM   337  O OE2 . GLU A 1 42 ? -4.608  -12.386 24.380  1.00 107.99 ? 47  GLU A OE2 1 
ATOM   338  N N   . LYS A 1 43 ? -6.594  -12.350 17.432  1.00 73.62  ? 48  LYS A N   1 
ATOM   339  C CA  . LYS A 1 43 ? -6.703  -13.137 16.172  1.00 83.45  ? 48  LYS A CA  1 
ATOM   340  C C   . LYS A 1 43 ? -5.601  -12.744 15.168  1.00 72.74  ? 48  LYS A C   1 
ATOM   341  O O   . LYS A 1 43 ? -5.603  -13.363 14.096  1.00 83.38  ? 48  LYS A O   1 
ATOM   342  C CB  . LYS A 1 43 ? -8.079  -12.945 15.519  1.00 91.70  ? 48  LYS A CB  1 
ATOM   343  C CG  . LYS A 1 43 ? -9.232  -13.740 16.121  1.00 100.57 ? 48  LYS A CG  1 
ATOM   344  C CD  . LYS A 1 43 ? -10.593 -13.368 15.542  1.00 105.87 ? 48  LYS A CD  1 
ATOM   345  C CE  . LYS A 1 43 ? -11.081 -12.000 15.986  1.00 108.48 ? 48  LYS A CE  1 
ATOM   346  N NZ  . LYS A 1 43 ? -12.559 -11.886 15.918  1.00 112.14 ? 48  LYS A NZ  1 
ATOM   347  N N   . VAL A 1 44 ? -4.724  -11.776 15.471  1.00 60.57  ? 49  VAL A N   1 
ATOM   348  C CA  . VAL A 1 44 ? -3.889  -11.078 14.449  1.00 61.85  ? 49  VAL A CA  1 
ATOM   349  C C   . VAL A 1 44 ? -2.763  -11.998 13.967  1.00 59.66  ? 49  VAL A C   1 
ATOM   350  O O   . VAL A 1 44 ? -1.949  -12.421 14.796  1.00 60.60  ? 49  VAL A O   1 
ATOM   351  C CB  . VAL A 1 44 ? -3.312  -9.752  14.969  1.00 57.95  ? 49  VAL A CB  1 
ATOM   352  C CG1 . VAL A 1 44 ? -2.376  -9.149  13.936  1.00 64.97  ? 49  VAL A CG1 1 
ATOM   353  C CG2 . VAL A 1 44 ? -4.402  -8.759  15.343  1.00 57.09  ? 49  VAL A CG2 1 
ATOM   354  N N   . GLU A 1 45 ? -2.725  -12.307 12.670  1.00 52.12  ? 50  GLU A N   1 
ATOM   355  C CA  . GLU A 1 45 ? -1.542  -12.933 12.026  1.00 57.88  ? 50  GLU A CA  1 
ATOM   356  C C   . GLU A 1 45 ? -0.837  -11.862 11.196  1.00 51.50  ? 50  GLU A C   1 
ATOM   357  O O   . GLU A 1 45 ? -1.436  -10.807 10.960  1.00 52.19  ? 50  GLU A O   1 
ATOM   358  C CB  . GLU A 1 45 ? -1.946  -14.153 11.191  1.00 58.42  ? 50  GLU A CB  1 
ATOM   359  C CG  . GLU A 1 45 ? -2.592  -15.260 12.009  1.00 64.43  ? 50  GLU A CG  1 
ATOM   360  C CD  . GLU A 1 45 ? -1.750  -15.843 13.141  1.00 78.31  ? 50  GLU A CD  1 
ATOM   361  O OE1 . GLU A 1 45 ? -0.510  -15.675 13.110  1.00 87.98  ? 50  GLU A OE1 1 
ATOM   362  O OE2 . GLU A 1 45 ? -2.342  -16.434 14.072  1.00 87.81  ? 50  GLU A OE2 1 
ATOM   363  N N   . HIS A 1 46 ? 0.394   -12.133 10.780  1.00 50.05  ? 51  HIS A N   1 
ATOM   364  C CA  . HIS A 1 46 ? 1.162   -11.284 9.846   1.00 50.42  ? 51  HIS A CA  1 
ATOM   365  C C   . HIS A 1 46 ? 2.033   -12.153 8.935   1.00 49.79  ? 51  HIS A C   1 
ATOM   366  O O   . HIS A 1 46 ? 2.425   -13.244 9.314   1.00 45.85  ? 51  HIS A O   1 
ATOM   367  C CB  . HIS A 1 46 ? 1.944   -10.248 10.649  1.00 57.81  ? 51  HIS A CB  1 
ATOM   368  C CG  . HIS A 1 46 ? 2.922   -10.843 11.606  1.00 60.92  ? 51  HIS A CG  1 
ATOM   369  N ND1 . HIS A 1 46 ? 4.296   -10.887 11.355  1.00 59.71  ? 51  HIS A ND1 1 
ATOM   370  C CD2 . HIS A 1 46 ? 2.738   -11.391 12.826  1.00 56.29  ? 51  HIS A CD2 1 
ATOM   371  C CE1 . HIS A 1 46 ? 4.905   -11.442 12.383  1.00 57.39  ? 51  HIS A CE1 1 
ATOM   372  N NE2 . HIS A 1 46 ? 3.975   -11.763 13.292  1.00 58.76  ? 51  HIS A NE2 1 
ATOM   373  N N   . CYS A 1 47 ? 2.613   -11.711 7.796   1.00 40.17  ? 52  CYS A N   1 
ATOM   374  C CA  . CYS A 1 47 ? 3.275   -11.832 6.466   1.00 46.95  ? 52  CYS A CA  1 
ATOM   375  C C   . CYS A 1 47 ? 4.343   -10.694 6.474   1.00 46.51  ? 52  CYS A C   1 
ATOM   376  O O   . CYS A 1 47 ? 3.880   -9.504  6.631   1.00 52.50  ? 52  CYS A O   1 
ATOM   377  C CB  . CYS A 1 47 ? 2.347   -11.799 5.190   1.00 44.79  ? 52  CYS A CB  1 
ATOM   378  S SG  . CYS A 1 47 ? 3.247   -11.631 3.558   1.00 81.63  ? 52  CYS A SG  1 
ATOM   379  N N   . ASP A 1 48 ? 5.625   -11.123 6.744   1.00 48.28  ? 53  ASP A N   1 
ATOM   380  C CA  . ASP A 1 48 ? 6.844   -10.249 6.806   1.00 47.18  ? 53  ASP A CA  1 
ATOM   381  C C   . ASP A 1 48 ? 7.747   -10.530 5.603   1.00 43.98  ? 53  ASP A C   1 
ATOM   382  O O   . ASP A 1 48 ? 8.170   -11.683 5.434   1.00 39.45  ? 53  ASP A O   1 
ATOM   383  C CB  . ASP A 1 48 ? 7.595   -10.416 8.134   1.00 52.76  ? 53  ASP A CB  1 
ATOM   384  C CG  . ASP A 1 48 ? 6.760   -10.003 9.340   1.00 59.96  ? 53  ASP A CG  1 
ATOM   385  O OD1 . ASP A 1 48 ? 5.520   -9.820  9.178   1.00 65.21  ? 53  ASP A OD1 1 
ATOM   386  O OD2 . ASP A 1 48 ? 7.340   -9.853  10.428  1.00 67.32  ? 53  ASP A OD2 1 
ATOM   387  N N   . LEU A 1 49 ? 8.006   -9.504  4.783   1.00 45.86  ? 54  LEU A N   1 
ATOM   388  C CA  . LEU A 1 49 ? 8.973   -9.564  3.657   1.00 48.03  ? 54  LEU A CA  1 
ATOM   389  C C   . LEU A 1 49 ? 10.045  -8.494  3.881   1.00 51.03  ? 54  LEU A C   1 
ATOM   390  O O   . LEU A 1 49 ? 9.681   -7.329  4.134   1.00 52.86  ? 54  LEU A O   1 
ATOM   391  C CB  . LEU A 1 49 ? 8.236   -9.356  2.332   1.00 44.88  ? 54  LEU A CB  1 
ATOM   392  C CG  . LEU A 1 49 ? 9.124   -9.332  1.077   1.00 46.38  ? 54  LEU A CG  1 
ATOM   393  C CD1 . LEU A 1 49 ? 10.014  -10.559 0.960   1.00 44.16  ? 54  LEU A CD1 1 
ATOM   394  C CD2 . LEU A 1 49 ? 8.294   -9.201  -0.172  1.00 47.98  ? 54  LEU A CD2 1 
ATOM   395  N N   . SER A 1 50 ? 11.319  -8.883  3.816   1.00 49.88  ? 55  SER A N   1 
ATOM   396  C CA  . SER A 1 50 ? 12.465  -7.963  3.997   1.00 52.31  ? 55  SER A CA  1 
ATOM   397  C C   . SER A 1 50 ? 13.596  -8.328  3.031   1.00 56.87  ? 55  SER A C   1 
ATOM   398  O O   . SER A 1 50 ? 13.713  -9.514  2.642   1.00 57.82  ? 55  SER A O   1 
ATOM   399  C CB  . SER A 1 50 ? 12.912  -7.987  5.427   1.00 57.70  ? 55  SER A CB  1 
ATOM   400  O OG  . SER A 1 50 ? 13.513  -9.236  5.730   1.00 58.77  ? 55  SER A OG  1 
ATOM   401  N N   . PHE A 1 51 ? 14.388  -7.322  2.641   1.00 61.73  ? 56  PHE A N   1 
ATOM   402  C CA  . PHE A 1 51 ? 15.557  -7.421  1.731   1.00 55.23  ? 56  PHE A CA  1 
ATOM   403  C C   . PHE A 1 51 ? 16.785  -6.849  2.430   1.00 56.56  ? 56  PHE A C   1 
ATOM   404  O O   . PHE A 1 51 ? 16.690  -5.706  2.890   1.00 54.19  ? 56  PHE A O   1 
ATOM   405  C CB  . PHE A 1 51 ? 15.326  -6.613  0.460   1.00 56.35  ? 56  PHE A CB  1 
ATOM   406  C CG  . PHE A 1 51 ? 14.188  -7.120  -0.376  1.00 56.42  ? 56  PHE A CG  1 
ATOM   407  C CD1 . PHE A 1 51 ? 12.885  -6.759  -0.081  1.00 59.78  ? 56  PHE A CD1 1 
ATOM   408  C CD2 . PHE A 1 51 ? 14.415  -8.023  -1.398  1.00 55.19  ? 56  PHE A CD2 1 
ATOM   409  C CE1 . PHE A 1 51 ? 11.831  -7.255  -0.829  1.00 59.34  ? 56  PHE A CE1 1 
ATOM   410  C CE2 . PHE A 1 51 ? 13.359  -8.530  -2.139  1.00 55.65  ? 56  PHE A CE2 1 
ATOM   411  C CZ  . PHE A 1 51 ? 12.072  -8.137  -1.861  1.00 56.19  ? 56  PHE A CZ  1 
ATOM   412  N N   . SER A 1 52 ? 17.888  -7.606  2.468   1.00 55.99  ? 57  SER A N   1 
ATOM   413  C CA  . SER A 1 52 ? 19.160  -7.213  3.122   1.00 56.69  ? 57  SER A CA  1 
ATOM   414  C C   . SER A 1 52 ? 19.777  -6.033  2.371   1.00 62.78  ? 57  SER A C   1 
ATOM   415  O O   . SER A 1 52 ? 20.138  -5.043  3.033   1.00 77.39  ? 57  SER A O   1 
ATOM   416  C CB  . SER A 1 52 ? 20.110  -8.371  3.229   1.00 49.10  ? 57  SER A CB  1 
ATOM   417  O OG  . SER A 1 52 ? 20.489  -8.852  1.951   1.00 48.68  ? 57  SER A OG  1 
ATOM   418  N N   . LYS A 1 53 ? 19.835  -6.116  1.043   1.00 67.22  ? 58  LYS A N   1 
ATOM   419  C CA  . LYS A 1 53 ? 20.473  -5.100  0.162   1.00 75.10  ? 58  LYS A CA  1 
ATOM   420  C C   . LYS A 1 53 ? 20.236  -3.678  0.694   1.00 79.44  ? 58  LYS A C   1 
ATOM   421  O O   . LYS A 1 53 ? 21.204  -2.892  0.686   1.00 82.86  ? 58  LYS A O   1 
ATOM   422  C CB  . LYS A 1 53 ? 19.949  -5.212  -1.272  1.00 76.77  ? 58  LYS A CB  1 
ATOM   423  C CG  . LYS A 1 53 ? 20.580  -4.245  -2.263  1.00 86.69  ? 58  LYS A CG  1 
ATOM   424  C CD  . LYS A 1 53 ? 22.065  -4.473  -2.529  1.00 98.70  ? 58  LYS A CD  1 
ATOM   425  C CE  . LYS A 1 53 ? 22.362  -5.102  -3.879  1.00 103.26 ? 58  LYS A CE  1 
ATOM   426  N NZ  . LYS A 1 53 ? 23.776  -4.899  -4.281  1.00 105.49 ? 58  LYS A NZ  1 
ATOM   427  N N   . ASP A 1 54 ? 19.010  -3.332  1.106   1.00 72.41  ? 59  ASP A N   1 
ATOM   428  C CA  . ASP A 1 54 ? 18.658  -1.925  1.437   1.00 67.08  ? 59  ASP A CA  1 
ATOM   429  C C   . ASP A 1 54 ? 17.875  -1.818  2.755   1.00 69.00  ? 59  ASP A C   1 
ATOM   430  O O   . ASP A 1 54 ? 17.281  -0.754  2.986   1.00 69.81  ? 59  ASP A O   1 
ATOM   431  C CB  . ASP A 1 54 ? 17.882  -1.291  0.285   1.00 65.65  ? 59  ASP A CB  1 
ATOM   432  C CG  . ASP A 1 54 ? 16.599  -2.022  -0.055  1.00 71.54  ? 59  ASP A CG  1 
ATOM   433  O OD1 . ASP A 1 54 ? 16.352  -3.066  0.569   1.00 84.49  ? 59  ASP A OD1 1 
ATOM   434  O OD2 . ASP A 1 54 ? 15.873  -1.564  -0.965  1.00 64.34  ? 59  ASP A OD2 1 
ATOM   435  N N   . TRP A 1 55 ? 17.882  -2.855  3.593   1.00 67.33  ? 60  TRP A N   1 
ATOM   436  C CA  . TRP A 1 55 ? 17.135  -2.877  4.874   1.00 71.62  ? 60  TRP A CA  1 
ATOM   437  C C   . TRP A 1 55 ? 15.686  -2.439  4.635   1.00 66.54  ? 60  TRP A C   1 
ATOM   438  O O   . TRP A 1 55 ? 15.125  -1.744  5.485   1.00 73.56  ? 60  TRP A O   1 
ATOM   439  C CB  . TRP A 1 55 ? 17.861  -2.003  5.896   1.00 85.42  ? 60  TRP A CB  1 
ATOM   440  C CG  . TRP A 1 55 ? 19.327  -2.307  5.959   1.00 103.39 ? 60  TRP A CG  1 
ATOM   441  C CD1 . TRP A 1 55 ? 20.357  -1.425  5.799   1.00 107.92 ? 60  TRP A CD1 1 
ATOM   442  C CD2 . TRP A 1 55 ? 19.931  -3.607  6.104   1.00 111.51 ? 60  TRP A CD2 1 
ATOM   443  N NE1 . TRP A 1 55 ? 21.557  -2.076  5.876   1.00 114.01 ? 60  TRP A NE1 1 
ATOM   444  C CE2 . TRP A 1 55 ? 21.329  -3.418  6.053   1.00 122.40 ? 60  TRP A CE2 1 
ATOM   445  C CE3 . TRP A 1 55 ? 19.431  -4.906  6.270   1.00 114.03 ? 60  TRP A CE3 1 
ATOM   446  C CZ2 . TRP A 1 55 ? 22.227  -4.480  6.180   1.00 129.46 ? 60  TRP A CZ2 1 
ATOM   447  C CZ3 . TRP A 1 55 ? 20.318  -5.953  6.398   1.00 115.76 ? 60  TRP A CZ3 1 
ATOM   448  C CH2 . TRP A 1 55 ? 21.698  -5.742  6.350   1.00 120.64 ? 60  TRP A CH2 1 
ATOM   449  N N   . SER A 1 56 ? 15.093  -2.858  3.517   1.00 57.44  ? 61  SER A N   1 
ATOM   450  C CA  . SER A 1 56 ? 13.675  -2.575  3.180   1.00 58.01  ? 61  SER A CA  1 
ATOM   451  C C   . SER A 1 56 ? 12.802  -3.730  3.680   1.00 54.16  ? 61  SER A C   1 
ATOM   452  O O   . SER A 1 56 ? 13.286  -4.883  3.682   1.00 48.75  ? 61  SER A O   1 
ATOM   453  C CB  . SER A 1 56 ? 13.486  -2.352  1.717   1.00 51.07  ? 61  SER A CB  1 
ATOM   454  O OG  . SER A 1 56 ? 13.641  -3.567  1.019   1.00 54.91  ? 61  SER A OG  1 
ATOM   455  N N   . PHE A 1 57 ? 11.603  -3.411  4.161   1.00 57.67  ? 62  PHE A N   1 
ATOM   456  C CA  . PHE A 1 57 ? 10.665  -4.372  4.793   1.00 55.58  ? 62  PHE A CA  1 
ATOM   457  C C   . PHE A 1 57 ? 9.240   -4.022  4.386   1.00 55.46  ? 62  PHE A C   1 
ATOM   458  O O   . PHE A 1 57 ? 8.924   -2.836  4.221   1.00 57.17  ? 62  PHE A O   1 
ATOM   459  C CB  . PHE A 1 57 ? 10.798  -4.391  6.320   1.00 61.46  ? 62  PHE A CB  1 
ATOM   460  C CG  . PHE A 1 57 ? 10.363  -3.129  7.015   1.00 64.18  ? 62  PHE A CG  1 
ATOM   461  C CD1 . PHE A 1 57 ? 9.022   -2.912  7.297   1.00 61.02  ? 62  PHE A CD1 1 
ATOM   462  C CD2 . PHE A 1 57 ? 11.291  -2.165  7.402   1.00 69.51  ? 62  PHE A CD2 1 
ATOM   463  C CE1 . PHE A 1 57 ? 8.613   -1.760  7.956   1.00 61.94  ? 62  PHE A CE1 1 
ATOM   464  C CE2 . PHE A 1 57 ? 10.879  -1.005  8.047   1.00 71.93  ? 62  PHE A CE2 1 
ATOM   465  C CZ  . PHE A 1 57 ? 9.540   -0.807  8.324   1.00 68.77  ? 62  PHE A CZ  1 
ATOM   466  N N   . TYR A 1 58 ? 8.424   -5.064  4.229   1.00 53.02  ? 63  TYR A N   1 
ATOM   467  C CA  . TYR A 1 58 ? 6.989   -5.020  3.863   1.00 52.60  ? 63  TYR A CA  1 
ATOM   468  C C   . TYR A 1 58 ? 6.253   -6.014  4.770   1.00 57.52  ? 63  TYR A C   1 
ATOM   469  O O   . TYR A 1 58 ? 6.588   -7.231  4.763   1.00 49.57  ? 63  TYR A O   1 
ATOM   470  C CB  . TYR A 1 58 ? 6.811   -5.378  2.391   1.00 54.08  ? 63  TYR A CB  1 
ATOM   471  C CG  . TYR A 1 58 ? 7.777   -4.641  1.506   1.00 58.90  ? 63  TYR A CG  1 
ATOM   472  C CD1 . TYR A 1 58 ? 9.098   -5.036  1.432   1.00 58.71  ? 63  TYR A CD1 1 
ATOM   473  C CD2 . TYR A 1 58 ? 7.391   -3.509  0.802   1.00 63.15  ? 63  TYR A CD2 1 
ATOM   474  C CE1 . TYR A 1 58 ? 10.012  -4.349  0.656   1.00 61.24  ? 63  TYR A CE1 1 
ATOM   475  C CE2 . TYR A 1 58 ? 8.291   -2.813  0.014   1.00 62.48  ? 63  TYR A CE2 1 
ATOM   476  C CZ  . TYR A 1 58 ? 9.608   -3.233  -0.052  1.00 60.93  ? 63  TYR A CZ  1 
ATOM   477  O OH  . TYR A 1 58 ? 10.523  -2.557  -0.802  1.00 70.71  ? 63  TYR A OH  1 
ATOM   478  N N   . LEU A 1 59 ? 5.291   -5.490  5.526   1.00 50.87  ? 64  LEU A N   1 
ATOM   479  C CA  . LEU A 1 59 ? 4.540   -6.208  6.576   1.00 49.62  ? 64  LEU A CA  1 
ATOM   480  C C   . LEU A 1 59 ? 3.061   -6.136  6.221   1.00 49.24  ? 64  LEU A C   1 
ATOM   481  O O   . LEU A 1 59 ? 2.572   -5.032  5.874   1.00 53.38  ? 64  LEU A O   1 
ATOM   482  C CB  . LEU A 1 59 ? 4.816   -5.550  7.936   1.00 50.60  ? 64  LEU A CB  1 
ATOM   483  C CG  . LEU A 1 59 ? 6.289   -5.345  8.304   1.00 50.87  ? 64  LEU A CG  1 
ATOM   484  C CD1 . LEU A 1 59 ? 6.408   -4.643  9.638   1.00 51.02  ? 64  LEU A CD1 1 
ATOM   485  C CD2 . LEU A 1 59 ? 7.067   -6.651  8.353   1.00 47.60  ? 64  LEU A CD2 1 
ATOM   486  N N   . LEU A 1 60 ? 2.370   -7.268  6.307   1.00 50.06  ? 65  LEU A N   1 
ATOM   487  C CA  . LEU A 1 60 ? 0.883   -7.285  6.309   1.00 50.23  ? 65  LEU A CA  1 
ATOM   488  C C   . LEU A 1 60 ? 0.407   -7.961  7.593   1.00 47.64  ? 65  LEU A C   1 
ATOM   489  O O   . LEU A 1 60 ? 0.630   -9.182  7.749   1.00 51.45  ? 65  LEU A O   1 
ATOM   490  C CB  . LEU A 1 60 ? 0.362   -8.012  5.071   1.00 49.95  ? 65  LEU A CB  1 
ATOM   491  C CG  . LEU A 1 60 ? -1.156  -8.084  4.960   1.00 49.34  ? 65  LEU A CG  1 
ATOM   492  C CD1 . LEU A 1 60 ? -1.732  -6.728  4.609   1.00 51.51  ? 65  LEU A CD1 1 
ATOM   493  C CD2 . LEU A 1 60 ? -1.563  -9.100  3.917   1.00 55.00  ? 65  LEU A CD2 1 
ATOM   494  N N   . TYR A 1 61 ? -0.207  -7.169  8.467   1.00 50.67  ? 66  TYR A N   1 
ATOM   495  C CA  . TYR A 1 61 ? -0.949  -7.611  9.675   1.00 49.04  ? 66  TYR A CA  1 
ATOM   496  C C   . TYR A 1 61 ? -2.423  -7.680  9.286   1.00 50.95  ? 66  TYR A C   1 
ATOM   497  O O   . TYR A 1 61 ? -2.956  -6.719  8.713   1.00 56.75  ? 66  TYR A O   1 
ATOM   498  C CB  . TYR A 1 61 ? -0.661  -6.662  10.841  1.00 52.42  ? 66  TYR A CB  1 
ATOM   499  C CG  . TYR A 1 61 ? 0.673   -6.919  11.497  1.00 58.19  ? 66  TYR A CG  1 
ATOM   500  C CD1 . TYR A 1 61 ? 1.870   -6.697  10.829  1.00 57.17  ? 66  TYR A CD1 1 
ATOM   501  C CD2 . TYR A 1 61 ? 0.742   -7.442  12.776  1.00 60.48  ? 66  TYR A CD2 1 
ATOM   502  C CE1 . TYR A 1 61 ? 3.092   -6.975  11.420  1.00 53.36  ? 66  TYR A CE1 1 
ATOM   503  C CE2 . TYR A 1 61 ? 1.958   -7.703  13.389  1.00 58.18  ? 66  TYR A CE2 1 
ATOM   504  C CZ  . TYR A 1 61 ? 3.135   -7.471  12.710  1.00 54.80  ? 66  TYR A CZ  1 
ATOM   505  O OH  . TYR A 1 61 ? 4.318   -7.741  13.331  1.00 57.52  ? 66  TYR A OH  1 
ATOM   506  N N   . TYR A 1 62 ? -3.055  -8.826  9.528   1.00 51.73  ? 67  TYR A N   1 
ATOM   507  C CA  . TYR A 1 62 ? -4.457  -9.093  9.121   1.00 49.36  ? 67  TYR A CA  1 
ATOM   508  C C   . TYR A 1 62 ? -5.153  -9.906  10.218  1.00 49.97  ? 67  TYR A C   1 
ATOM   509  O O   . TYR A 1 62 ? -4.486  -10.588 11.007  1.00 45.52  ? 67  TYR A O   1 
ATOM   510  C CB  . TYR A 1 62 ? -4.482  -9.813  7.767   1.00 46.34  ? 67  TYR A CB  1 
ATOM   511  C CG  . TYR A 1 62 ? -3.726  -11.112 7.765   1.00 47.27  ? 67  TYR A CG  1 
ATOM   512  C CD1 . TYR A 1 62 ? -4.386  -12.324 7.903   1.00 49.64  ? 67  TYR A CD1 1 
ATOM   513  C CD2 . TYR A 1 62 ? -2.339  -11.131 7.712   1.00 56.80  ? 67  TYR A CD2 1 
ATOM   514  C CE1 . TYR A 1 62 ? -3.692  -13.522 7.970   1.00 52.97  ? 67  TYR A CE1 1 
ATOM   515  C CE2 . TYR A 1 62 ? -1.631  -12.323 7.756   1.00 54.84  ? 67  TYR A CE2 1 
ATOM   516  C CZ  . TYR A 1 62 ? -2.313  -13.521 7.880   1.00 55.21  ? 67  TYR A CZ  1 
ATOM   517  O OH  . TYR A 1 62 ? -1.636  -14.699 7.947   1.00 60.64  ? 67  TYR A OH  1 
ATOM   518  N N   . THR A 1 63 ? -6.484  -9.840  10.236  1.00 51.54  ? 68  THR A N   1 
ATOM   519  C CA  . THR A 1 63 ? -7.369  -10.629 11.120  1.00 52.94  ? 68  THR A CA  1 
ATOM   520  C C   . THR A 1 63 ? -8.772  -10.677 10.502  1.00 55.06  ? 68  THR A C   1 
ATOM   521  O O   . THR A 1 63 ? -9.187  -9.665  9.901   1.00 51.13  ? 68  THR A O   1 
ATOM   522  C CB  . THR A 1 63 ? -7.389  -10.031 12.537  1.00 57.44  ? 68  THR A CB  1 
ATOM   523  O OG1 . THR A 1 63 ? -7.809  -11.042 13.449  1.00 63.45  ? 68  THR A OG1 1 
ATOM   524  C CG2 . THR A 1 63 ? -8.290  -8.826  12.690  1.00 54.25  ? 68  THR A CG2 1 
ATOM   525  N N   . GLU A 1 64 ? -9.466  -11.805 10.660  1.00 54.14  ? 69  GLU A N   1 
ATOM   526  C CA  . GLU A 1 64 ? -10.931 -11.909 10.464  1.00 62.24  ? 69  GLU A CA  1 
ATOM   527  C C   . GLU A 1 64 ? -11.601 -10.922 11.418  1.00 58.30  ? 69  GLU A C   1 
ATOM   528  O O   . GLU A 1 64 ? -11.176 -10.818 12.571  1.00 66.68  ? 69  GLU A O   1 
ATOM   529  C CB  . GLU A 1 64 ? -11.444 -13.329 10.736  1.00 69.66  ? 69  GLU A CB  1 
ATOM   530  C CG  . GLU A 1 64 ? -11.727 -14.146 9.486   1.00 77.10  ? 69  GLU A CG  1 
ATOM   531  C CD  . GLU A 1 64 ? -11.757 -15.665 9.667   1.00 89.29  ? 69  GLU A CD  1 
ATOM   532  O OE1 . GLU A 1 64 ? -11.603 -16.133 10.820  1.00 94.69  ? 69  GLU A OE1 1 
ATOM   533  O OE2 . GLU A 1 64 ? -11.922 -16.393 8.648   1.00 86.95  ? 69  GLU A OE2 1 
ATOM   534  N N   . PHE A 1 65 ? -12.639 -10.245 10.950  1.00 58.01  ? 70  PHE A N   1 
ATOM   535  C CA  . PHE A 1 65 ? -13.490 -9.360  11.779  1.00 62.44  ? 70  PHE A CA  1 
ATOM   536  C C   . PHE A 1 65 ? -14.863 -9.254  11.114  1.00 58.44  ? 70  PHE A C   1 
ATOM   537  O O   . PHE A 1 65 ? -14.970 -9.530  9.928   1.00 54.78  ? 70  PHE A O   1 
ATOM   538  C CB  . PHE A 1 65 ? -12.821 -7.994  12.000  1.00 58.81  ? 70  PHE A CB  1 
ATOM   539  C CG  . PHE A 1 65 ? -12.935 -7.023  10.852  1.00 54.87  ? 70  PHE A CG  1 
ATOM   540  C CD1 . PHE A 1 65 ? -13.335 -5.715  11.070  1.00 54.43  ? 70  PHE A CD1 1 
ATOM   541  C CD2 . PHE A 1 65 ? -12.625 -7.404  9.555   1.00 59.22  ? 70  PHE A CD2 1 
ATOM   542  C CE1 . PHE A 1 65 ? -13.432 -4.819  10.015  1.00 56.10  ? 70  PHE A CE1 1 
ATOM   543  C CE2 . PHE A 1 65 ? -12.730 -6.507  8.502   1.00 60.29  ? 70  PHE A CE2 1 
ATOM   544  C CZ  . PHE A 1 65 ? -13.148 -5.219  8.728   1.00 53.63  ? 70  PHE A CZ  1 
ATOM   545  N N   . THR A 1 66 ? -15.870 -8.868  11.895  1.00 68.26  ? 71  THR A N   1 
ATOM   546  C CA  . THR A 1 66 ? -17.250 -8.584  11.438  1.00 64.42  ? 71  THR A CA  1 
ATOM   547  C C   . THR A 1 66 ? -17.524 -7.111  11.713  1.00 65.87  ? 71  THR A C   1 
ATOM   548  O O   . THR A 1 66 ? -17.863 -6.750  12.836  1.00 67.02  ? 71  THR A O   1 
ATOM   549  C CB  . THR A 1 66 ? -18.229 -9.530  12.137  1.00 67.10  ? 71  THR A CB  1 
ATOM   550  O OG1 . THR A 1 66 ? -17.578 -10.802 12.219  1.00 66.97  ? 71  THR A OG1 1 
ATOM   551  C CG2 . THR A 1 66 ? -19.555 -9.623  11.416  1.00 64.67  ? 71  THR A CG2 1 
ATOM   552  N N   . PRO A 1 67 ? -17.373 -6.217  10.712  1.00 67.48  ? 72  PRO A N   1 
ATOM   553  C CA  . PRO A 1 67 ? -17.473 -4.781  10.946  1.00 65.12  ? 72  PRO A CA  1 
ATOM   554  C C   . PRO A 1 67 ? -18.886 -4.403  11.402  1.00 72.12  ? 72  PRO A C   1 
ATOM   555  O O   . PRO A 1 67 ? -19.834 -5.010  10.913  1.00 76.27  ? 72  PRO A O   1 
ATOM   556  C CB  . PRO A 1 67 ? -17.166 -4.176  9.569   1.00 66.03  ? 72  PRO A CB  1 
ATOM   557  C CG  . PRO A 1 67 ? -17.614 -5.244  8.598   1.00 60.15  ? 72  PRO A CG  1 
ATOM   558  C CD  . PRO A 1 67 ? -17.205 -6.530  9.282   1.00 63.53  ? 72  PRO A CD  1 
ATOM   559  N N   . THR A 1 68 ? -18.982 -3.443  12.331  1.00 75.23  ? 73  THR A N   1 
ATOM   560  C CA  . THR A 1 68 ? -20.253 -2.879  12.865  1.00 72.31  ? 73  THR A CA  1 
ATOM   561  C C   . THR A 1 68 ? -20.163 -1.353  12.868  1.00 72.93  ? 73  THR A C   1 
ATOM   562  O O   . THR A 1 68 ? -19.029 -0.854  12.838  1.00 80.83  ? 73  THR A O   1 
ATOM   563  C CB  . THR A 1 68 ? -20.520 -3.389  14.280  1.00 75.17  ? 73  THR A CB  1 
ATOM   564  O OG1 . THR A 1 68 ? -19.467 -2.863  15.087  1.00 89.38  ? 73  THR A OG1 1 
ATOM   565  C CG2 . THR A 1 68 ? -20.563 -4.898  14.384  1.00 73.78  ? 73  THR A CG2 1 
ATOM   566  N N   . GLU A 1 69 ? -21.294 -0.644  12.937  1.00 81.49  ? 74  GLU A N   1 
ATOM   567  C CA  . GLU A 1 69 ? -21.307 0.848   12.938  1.00 89.29  ? 74  GLU A CA  1 
ATOM   568  C C   . GLU A 1 69 ? -20.664 1.375   14.233  1.00 80.63  ? 74  GLU A C   1 
ATOM   569  O O   . GLU A 1 69 ? -19.897 2.355   14.155  1.00 80.24  ? 74  GLU A O   1 
ATOM   570  C CB  . GLU A 1 69 ? -22.715 1.419   12.743  1.00 92.86  ? 74  GLU A CB  1 
ATOM   571  C CG  . GLU A 1 69 ? -22.718 2.943   12.650  1.00 102.51 ? 74  GLU A CG  1 
ATOM   572  C CD  . GLU A 1 69 ? -23.929 3.593   11.991  1.00 109.79 ? 74  GLU A CD  1 
ATOM   573  O OE1 . GLU A 1 69 ? -24.478 3.005   11.031  1.00 97.58  ? 74  GLU A OE1 1 
ATOM   574  O OE2 . GLU A 1 69 ? -24.313 4.698   12.434  1.00 108.05 ? 74  GLU A OE2 1 
ATOM   575  N N   . LYS A 1 70 ? -20.940 0.726   15.369  1.00 73.62  ? 75  LYS A N   1 
ATOM   576  C CA  . LYS A 1 70 ? -20.480 1.151   16.721  1.00 70.11  ? 75  LYS A CA  1 
ATOM   577  C C   . LYS A 1 70 ? -18.955 1.035   16.827  1.00 75.09  ? 75  LYS A C   1 
ATOM   578  O O   . LYS A 1 70 ? -18.332 1.956   17.399  1.00 73.89  ? 75  LYS A O   1 
ATOM   579  C CB  . LYS A 1 70 ? -21.150 0.317   17.820  1.00 73.58  ? 75  LYS A CB  1 
ATOM   580  C CG  . LYS A 1 70 ? -20.767 -1.159  17.839  1.00 79.66  ? 75  LYS A CG  1 
ATOM   581  C CD  . LYS A 1 70 ? -21.259 -1.968  19.029  1.00 78.94  ? 75  LYS A CD  1 
ATOM   582  C CE  . LYS A 1 70 ? -21.328 -3.453  18.706  1.00 88.23  ? 75  LYS A CE  1 
ATOM   583  N NZ  . LYS A 1 70 ? -20.993 -4.328  19.861  1.00 89.68  ? 75  LYS A NZ  1 
ATOM   584  N N   . ASP A 1 71 ? -18.371 -0.024  16.260  1.00 72.67  ? 76  ASP A N   1 
ATOM   585  C CA  . ASP A 1 71 ? -16.963 -0.419  16.520  1.00 70.55  ? 76  ASP A CA  1 
ATOM   586  C C   . ASP A 1 71 ? -16.008 0.481   15.733  1.00 72.45  ? 76  ASP A C   1 
ATOM   587  O O   . ASP A 1 71 ? -16.352 0.884   14.608  1.00 62.83  ? 76  ASP A O   1 
ATOM   588  C CB  . ASP A 1 71 ? -16.766 -1.914  16.267  1.00 66.10  ? 76  ASP A CB  1 
ATOM   589  C CG  . ASP A 1 71 ? -17.389 -2.755  17.376  1.00 70.80  ? 76  ASP A CG  1 
ATOM   590  O OD1 . ASP A 1 71 ? -17.397 -2.273  18.536  1.00 74.97  ? 76  ASP A OD1 1 
ATOM   591  O OD2 . ASP A 1 71 ? -17.866 -3.878  17.089  1.00 70.28  ? 76  ASP A OD2 1 
ATOM   592  N N   . GLU A 1 72 ? -14.879 0.820   16.362  1.00 75.38  ? 77  GLU A N   1 
ATOM   593  C CA  . GLU A 1 72 ? -13.747 1.562   15.748  1.00 73.37  ? 77  GLU A CA  1 
ATOM   594  C C   . GLU A 1 72 ? -12.550 0.614   15.679  1.00 69.77  ? 77  GLU A C   1 
ATOM   595  O O   . GLU A 1 72 ? -12.174 0.030   16.718  1.00 68.98  ? 77  GLU A O   1 
ATOM   596  C CB  . GLU A 1 72 ? -13.400 2.831   16.526  1.00 77.92  ? 77  GLU A CB  1 
ATOM   597  C CG  . GLU A 1 72 ? -12.194 3.565   15.966  1.00 86.60  ? 77  GLU A CG  1 
ATOM   598  C CD  . GLU A 1 72 ? -12.067 5.013   16.412  1.00 96.14  ? 77  GLU A CD  1 
ATOM   599  O OE1 . GLU A 1 72 ? -12.968 5.813   16.073  1.00 94.94  ? 77  GLU A OE1 1 
ATOM   600  O OE2 . GLU A 1 72 ? -11.065 5.339   17.098  1.00 95.70  ? 77  GLU A OE2 1 
ATOM   601  N N   . TYR A 1 73 ? -11.985 0.469   14.482  1.00 61.98  ? 78  TYR A N   1 
ATOM   602  C CA  . TYR A 1 73 ? -10.795 -0.371  14.215  1.00 53.59  ? 78  TYR A CA  1 
ATOM   603  C C   . TYR A 1 73 ? -9.664  0.550   13.764  1.00 57.44  ? 78  TYR A C   1 
ATOM   604  O O   . TYR A 1 73 ? -9.927  1.582   13.104  1.00 58.71  ? 78  TYR A O   1 
ATOM   605  C CB  . TYR A 1 73 ? -11.113 -1.455  13.184  1.00 54.97  ? 78  TYR A CB  1 
ATOM   606  C CG  . TYR A 1 73 ? -12.129 -2.489  13.606  1.00 57.77  ? 78  TYR A CG  1 
ATOM   607  C CD1 . TYR A 1 73 ? -13.487 -2.266  13.421  1.00 54.71  ? 78  TYR A CD1 1 
ATOM   608  C CD2 . TYR A 1 73 ? -11.744 -3.709  14.161  1.00 58.70  ? 78  TYR A CD2 1 
ATOM   609  C CE1 . TYR A 1 73 ? -14.434 -3.210  13.789  1.00 51.92  ? 78  TYR A CE1 1 
ATOM   610  C CE2 . TYR A 1 73 ? -12.685 -4.668  14.521  1.00 57.15  ? 78  TYR A CE2 1 
ATOM   611  C CZ  . TYR A 1 73 ? -14.036 -4.411  14.351  1.00 54.65  ? 78  TYR A CZ  1 
ATOM   612  O OH  . TYR A 1 73 ? -14.978 -5.345  14.698  1.00 58.83  ? 78  TYR A OH  1 
ATOM   613  N N   . ALA A 1 74 ? -8.438  0.214   14.156  1.00 51.26  ? 79  ALA A N   1 
ATOM   614  C CA  . ALA A 1 74 ? -7.248  1.051   13.899  1.00 57.39  ? 79  ALA A CA  1 
ATOM   615  C C   . ALA A 1 74 ? -6.022  0.152   13.814  1.00 59.53  ? 79  ALA A C   1 
ATOM   616  O O   . ALA A 1 74 ? -6.095  -1.026  14.213  1.00 66.54  ? 79  ALA A O   1 
ATOM   617  C CB  . ALA A 1 74 ? -7.081  2.111   14.967  1.00 54.31  ? 79  ALA A CB  1 
ATOM   618  N N   . CYS A 1 75 ? -4.931  0.715   13.317  1.00 58.94  ? 80  CYS A N   1 
ATOM   619  C CA  . CYS A 1 75 ? -3.604  0.065   13.293  1.00 63.86  ? 80  CYS A CA  1 
ATOM   620  C C   . CYS A 1 75 ? -2.597  0.965   14.009  1.00 61.79  ? 80  CYS A C   1 
ATOM   621  O O   . CYS A 1 75 ? -2.641  2.184   13.764  1.00 64.40  ? 80  CYS A O   1 
ATOM   622  C CB  . CYS A 1 75 ? -3.190  -0.188  11.857  1.00 63.25  ? 80  CYS A CB  1 
ATOM   623  S SG  . CYS A 1 75 ? -1.627  -1.084  11.773  1.00 65.36  ? 80  CYS A SG  1 
ATOM   624  N N   . ARG A 1 76 ? -1.763  0.381   14.873  1.00 60.91  ? 81  ARG A N   1 
ATOM   625  C CA  . ARG A 1 76 ? -0.755  1.112   15.676  1.00 63.18  ? 81  ARG A CA  1 
ATOM   626  C C   . ARG A 1 76 ? 0.650   0.669   15.269  1.00 63.76  ? 81  ARG A C   1 
ATOM   627  O O   . ARG A 1 76 ? 0.922   -0.554  15.275  1.00 67.61  ? 81  ARG A O   1 
ATOM   628  C CB  . ARG A 1 76 ? -1.005  0.869   17.163  1.00 65.57  ? 81  ARG A CB  1 
ATOM   629  C CG  . ARG A 1 76 ? 0.123   1.333   18.075  1.00 70.43  ? 81  ARG A CG  1 
ATOM   630  C CD  . ARG A 1 76 ? -0.276  1.295   19.540  1.00 71.09  ? 81  ARG A CD  1 
ATOM   631  N NE  . ARG A 1 76 ? 0.881   1.191   20.418  1.00 76.17  ? 81  ARG A NE  1 
ATOM   632  C CZ  . ARG A 1 76 ? 1.295   2.126   21.276  1.00 92.10  ? 81  ARG A CZ  1 
ATOM   633  N NH1 . ARG A 1 76 ? 0.644   3.274   21.402  1.00 97.06  ? 81  ARG A NH1 1 
ATOM   634  N NH2 . ARG A 1 76 ? 2.365   1.897   22.023  1.00 89.98  ? 81  ARG A NH2 1 
ATOM   635  N N   . VAL A 1 77 ? 1.499   1.644   14.947  1.00 61.92  ? 82  VAL A N   1 
ATOM   636  C CA  . VAL A 1 77 ? 2.910   1.439   14.522  1.00 66.11  ? 82  VAL A CA  1 
ATOM   637  C C   . VAL A 1 77 ? 3.819   2.303   15.404  1.00 67.37  ? 82  VAL A C   1 
ATOM   638  O O   . VAL A 1 77 ? 3.571   3.530   15.500  1.00 66.62  ? 82  VAL A O   1 
ATOM   639  C CB  . VAL A 1 77 ? 3.083   1.783   13.033  1.00 62.57  ? 82  VAL A CB  1 
ATOM   640  C CG1 . VAL A 1 77 ? 4.419   1.272   12.508  1.00 62.18  ? 82  VAL A CG1 1 
ATOM   641  C CG2 . VAL A 1 77 ? 1.928   1.241   12.206  1.00 62.53  ? 82  VAL A CG2 1 
ATOM   642  N N   . ASN A 1 78 ? 4.819   1.676   16.025  1.00 68.13  ? 83  ASN A N   1 
ATOM   643  C CA  . ASN A 1 78 ? 5.887   2.353   16.799  1.00 78.56  ? 83  ASN A CA  1 
ATOM   644  C C   . ASN A 1 78 ? 7.243   1.994   16.183  1.00 76.29  ? 83  ASN A C   1 
ATOM   645  O O   . ASN A 1 78 ? 7.406   0.813   15.810  1.00 70.17  ? 83  ASN A O   1 
ATOM   646  C CB  . ASN A 1 78 ? 5.817   1.973   18.278  1.00 79.78  ? 83  ASN A CB  1 
ATOM   647  C CG  . ASN A 1 78 ? 6.504   2.975   19.182  1.00 82.15  ? 83  ASN A CG  1 
ATOM   648  O OD1 . ASN A 1 78 ? 6.994   4.014   18.734  1.00 75.45  ? 83  ASN A OD1 1 
ATOM   649  N ND2 . ASN A 1 78 ? 6.513   2.683   20.472  1.00 86.74  ? 83  ASN A ND2 1 
ATOM   650  N N   . HIS A 1 79 ? 8.137   2.989   16.083  1.00 82.37  ? 84  HIS A N   1 
ATOM   651  C CA  . HIS A 1 79 ? 9.462   2.951   15.401  1.00 85.07  ? 84  HIS A CA  1 
ATOM   652  C C   . HIS A 1 79 ? 10.369  4.017   16.032  1.00 88.32  ? 84  HIS A C   1 
ATOM   653  O O   . HIS A 1 79 ? 9.837   5.085   16.433  1.00 86.22  ? 84  HIS A O   1 
ATOM   654  C CB  . HIS A 1 79 ? 9.288   3.189   13.892  1.00 85.81  ? 84  HIS A CB  1 
ATOM   655  C CG  . HIS A 1 79 ? 10.429  2.766   13.024  1.00 88.32  ? 84  HIS A CG  1 
ATOM   656  N ND1 . HIS A 1 79 ? 10.810  3.489   11.907  1.00 91.96  ? 84  HIS A ND1 1 
ATOM   657  C CD2 . HIS A 1 79 ? 11.247  1.691   13.067  1.00 94.60  ? 84  HIS A CD2 1 
ATOM   658  C CE1 . HIS A 1 79 ? 11.815  2.885   11.306  1.00 90.54  ? 84  HIS A CE1 1 
ATOM   659  N NE2 . HIS A 1 79 ? 12.104  1.781   11.999  1.00 92.75  ? 84  HIS A NE2 1 
ATOM   660  N N   . VAL A 1 80 ? 11.671  3.722   16.130  1.00 88.48  ? 85  VAL A N   1 
ATOM   661  C CA  . VAL A 1 80 ? 12.757  4.660   16.558  1.00 83.57  ? 85  VAL A CA  1 
ATOM   662  C C   . VAL A 1 80 ? 12.512  6.041   15.939  1.00 77.76  ? 85  VAL A C   1 
ATOM   663  O O   . VAL A 1 80 ? 12.681  7.037   16.649  1.00 86.79  ? 85  VAL A O   1 
ATOM   664  C CB  . VAL A 1 80 ? 14.140  4.109   16.156  1.00 93.23  ? 85  VAL A CB  1 
ATOM   665  C CG1 . VAL A 1 80 ? 15.142  5.208   15.837  1.00 92.15  ? 85  VAL A CG1 1 
ATOM   666  C CG2 . VAL A 1 80 ? 14.701  3.179   17.218  1.00 98.82  ? 85  VAL A CG2 1 
ATOM   667  N N   . THR A 1 81 ? 12.161  6.079   14.653  1.00 80.02  ? 86  THR A N   1 
ATOM   668  C CA  . THR A 1 81 ? 11.940  7.310   13.850  1.00 92.17  ? 86  THR A CA  1 
ATOM   669  C C   . THR A 1 81 ? 10.881  8.186   14.535  1.00 98.76  ? 86  THR A C   1 
ATOM   670  O O   . THR A 1 81 ? 11.179  9.373   14.806  1.00 104.49 ? 86  THR A O   1 
ATOM   671  C CB  . THR A 1 81 ? 11.555  6.960   12.404  1.00 96.76  ? 86  THR A CB  1 
ATOM   672  O OG1 . THR A 1 81 ? 10.446  6.066   12.416  1.00 98.58  ? 86  THR A OG1 1 
ATOM   673  C CG2 . THR A 1 81 ? 12.680  6.310   11.629  1.00 103.57 ? 86  THR A CG2 1 
ATOM   674  N N   . LEU A 1 82 ? 9.706   7.615   14.819  1.00 93.70  ? 87  LEU A N   1 
ATOM   675  C CA  . LEU A 1 82 ? 8.526   8.344   15.353  1.00 90.07  ? 87  LEU A CA  1 
ATOM   676  C C   . LEU A 1 82 ? 8.839   8.805   16.777  1.00 90.79  ? 87  LEU A C   1 
ATOM   677  O O   . LEU A 1 82 ? 9.310   7.965   17.571  1.00 89.85  ? 87  LEU A O   1 
ATOM   678  C CB  . LEU A 1 82 ? 7.304   7.420   15.359  1.00 89.54  ? 87  LEU A CB  1 
ATOM   679  C CG  . LEU A 1 82 ? 6.921   6.792   14.021  1.00 87.19  ? 87  LEU A CG  1 
ATOM   680  C CD1 . LEU A 1 82 ? 6.183   5.480   14.237  1.00 81.66  ? 87  LEU A CD1 1 
ATOM   681  C CD2 . LEU A 1 82 ? 6.086   7.756   13.185  1.00 88.28  ? 87  LEU A CD2 1 
ATOM   682  N N   . SER A 1 83 ? 8.573   10.078  17.084  1.00 96.74  ? 88  SER A N   1 
ATOM   683  C CA  . SER A 1 83 ? 8.565   10.616  18.467  1.00 97.66  ? 88  SER A CA  1 
ATOM   684  C C   . SER A 1 83 ? 7.573   9.791   19.295  1.00 97.21  ? 88  SER A C   1 
ATOM   685  O O   . SER A 1 83 ? 7.990   9.247   20.338  1.00 95.58  ? 88  SER A O   1 
ATOM   686  C CB  . SER A 1 83 ? 8.229   12.079  18.483  1.00 95.70  ? 88  SER A CB  1 
ATOM   687  O OG  . SER A 1 83 ? 6.946   12.297  17.921  1.00 103.62 ? 88  SER A OG  1 
ATOM   688  N N   . GLN A 1 84 ? 6.337   9.656   18.794  1.00 97.32  ? 89  GLN A N   1 
ATOM   689  C CA  . GLN A 1 84 ? 5.216   8.912   19.441  1.00 97.53  ? 89  GLN A CA  1 
ATOM   690  C C   . GLN A 1 84 ? 4.634   7.860   18.491  1.00 92.22  ? 89  GLN A C   1 
ATOM   691  O O   . GLN A 1 84 ? 4.563   8.076   17.280  1.00 85.13  ? 89  GLN A O   1 
ATOM   692  C CB  . GLN A 1 84 ? 4.122   9.887   19.895  1.00 102.73 ? 89  GLN A CB  1 
ATOM   693  C CG  . GLN A 1 84 ? 3.232   10.430  18.776  1.00 103.06 ? 89  GLN A CG  1 
ATOM   694  C CD  . GLN A 1 84 ? 1.894   10.922  19.279  1.00 108.87 ? 89  GLN A CD  1 
ATOM   695  O OE1 . GLN A 1 84 ? 1.521   10.720  20.434  1.00 118.57 ? 89  GLN A OE1 1 
ATOM   696  N NE2 . GLN A 1 84 ? 1.142   11.561  18.398  1.00 100.51 ? 89  GLN A NE2 1 
ATOM   697  N N   . PRO A 1 85 ? 4.107   6.717   19.000  1.00 87.70  ? 90  PRO A N   1 
ATOM   698  C CA  . PRO A 1 85 ? 3.510   5.702   18.134  1.00 83.63  ? 90  PRO A CA  1 
ATOM   699  C C   . PRO A 1 85 ? 2.357   6.289   17.311  1.00 79.11  ? 90  PRO A C   1 
ATOM   700  O O   . PRO A 1 85 ? 1.657   7.160   17.821  1.00 73.82  ? 90  PRO A O   1 
ATOM   701  C CB  . PRO A 1 85 ? 2.996   4.616   19.090  1.00 88.47  ? 90  PRO A CB  1 
ATOM   702  C CG  . PRO A 1 85 ? 2.896   5.307   20.433  1.00 90.85  ? 90  PRO A CG  1 
ATOM   703  C CD  . PRO A 1 85 ? 3.997   6.350   20.423  1.00 94.63  ? 90  PRO A CD  1 
ATOM   704  N N   . LYS A 1 86 ? 2.199   5.805   16.078  1.00 75.35  ? 91  LYS A N   1 
ATOM   705  C CA  . LYS A 1 86 ? 1.212   6.338   15.110  1.00 77.70  ? 91  LYS A CA  1 
ATOM   706  C C   . LYS A 1 86 ? -0.011  5.414   15.099  1.00 76.13  ? 91  LYS A C   1 
ATOM   707  O O   . LYS A 1 86 ? 0.160   4.196   14.982  1.00 72.29  ? 91  LYS A O   1 
ATOM   708  C CB  . LYS A 1 86 ? 1.838   6.500   13.717  1.00 79.18  ? 91  LYS A CB  1 
ATOM   709  C CG  . LYS A 1 86 ? 0.890   7.083   12.671  1.00 83.91  ? 91  LYS A CG  1 
ATOM   710  C CD  . LYS A 1 86 ? 1.558   7.973   11.635  1.00 88.80  ? 91  LYS A CD  1 
ATOM   711  C CE  . LYS A 1 86 ? 0.630   8.386   10.510  1.00 85.49  ? 91  LYS A CE  1 
ATOM   712  N NZ  . LYS A 1 86 ? -0.547  9.133   11.012  1.00 83.43  ? 91  LYS A NZ  1 
ATOM   713  N N   . ILE A 1 87 ? -1.201  5.999   15.215  1.00 70.89  ? 92  ILE A N   1 
ATOM   714  C CA  . ILE A 1 87 ? -2.498  5.291   15.069  1.00 68.61  ? 92  ILE A CA  1 
ATOM   715  C C   . ILE A 1 87 ? -3.139  5.768   13.770  1.00 65.51  ? 92  ILE A C   1 
ATOM   716  O O   . ILE A 1 87 ? -3.329  6.981   13.607  1.00 65.91  ? 92  ILE A O   1 
ATOM   717  C CB  . ILE A 1 87 ? -3.409  5.522   16.289  1.00 73.82  ? 92  ILE A CB  1 
ATOM   718  C CG1 . ILE A 1 87 ? -2.757  4.967   17.559  1.00 70.91  ? 92  ILE A CG1 1 
ATOM   719  C CG2 . ILE A 1 87 ? -4.796  4.927   16.049  1.00 73.46  ? 92  ILE A CG2 1 
ATOM   720  C CD1 . ILE A 1 87 ? -3.702  4.795   18.715  1.00 70.37  ? 92  ILE A CD1 1 
ATOM   721  N N   . VAL A 1 88 ? -3.465  4.823   12.890  1.00 63.72  ? 93  VAL A N   1 
ATOM   722  C CA  . VAL A 1 88 ? -4.219  5.072   11.634  1.00 66.92  ? 93  VAL A CA  1 
ATOM   723  C C   . VAL A 1 88 ? -5.565  4.353   11.762  1.00 65.30  ? 93  VAL A C   1 
ATOM   724  O O   . VAL A 1 88 ? -5.559  3.128   11.925  1.00 61.39  ? 93  VAL A O   1 
ATOM   725  C CB  . VAL A 1 88 ? -3.417  4.596   10.413  1.00 68.78  ? 93  VAL A CB  1 
ATOM   726  C CG1 . VAL A 1 88 ? -4.112  4.955   9.109   1.00 64.81  ? 93  VAL A CG1 1 
ATOM   727  C CG2 . VAL A 1 88 ? -1.991  5.137   10.447  1.00 67.78  ? 93  VAL A CG2 1 
ATOM   728  N N   . LYS A 1 89 ? -6.657  5.112   11.749  1.00 66.85  ? 94  LYS A N   1 
ATOM   729  C CA  . LYS A 1 89 ? -8.033  4.575   11.813  1.00 76.86  ? 94  LYS A CA  1 
ATOM   730  C C   . LYS A 1 89 ? -8.375  4.040   10.424  1.00 74.99  ? 94  LYS A C   1 
ATOM   731  O O   . LYS A 1 89 ? -7.695  4.415   9.468   1.00 75.77  ? 94  LYS A O   1 
ATOM   732  C CB  . LYS A 1 89 ? -9.018  5.669   12.238  1.00 84.42  ? 94  LYS A CB  1 
ATOM   733  C CG  . LYS A 1 89 ? -8.789  6.284   13.612  1.00 86.69  ? 94  LYS A CG  1 
ATOM   734  C CD  . LYS A 1 89 ? -9.981  7.118   14.075  1.00 95.57  ? 94  LYS A CD  1 
ATOM   735  C CE  . LYS A 1 89 ? -9.704  7.982   15.288  1.00 97.08  ? 94  LYS A CE  1 
ATOM   736  N NZ  . LYS A 1 89 ? -10.958 8.515   15.875  1.00 97.06  ? 94  LYS A NZ  1 
ATOM   737  N N   . TRP A 1 90 ? -9.398  3.194   10.343  1.00 77.41  ? 95  TRP A N   1 
ATOM   738  C CA  . TRP A 1 90 ? -9.890  2.552   9.100   1.00 76.48  ? 95  TRP A CA  1 
ATOM   739  C C   . TRP A 1 90 ? -11.156 3.275   8.621   1.00 80.98  ? 95  TRP A C   1 
ATOM   740  O O   . TRP A 1 90 ? -11.923 3.737   9.490   1.00 75.02  ? 95  TRP A O   1 
ATOM   741  C CB  . TRP A 1 90 ? -10.127 1.067   9.372   1.00 72.63  ? 95  TRP A CB  1 
ATOM   742  C CG  . TRP A 1 90 ? -10.904 0.360   8.309   1.00 69.46  ? 95  TRP A CG  1 
ATOM   743  C CD1 . TRP A 1 90 ? -10.542 0.135   7.012   1.00 73.05  ? 95  TRP A CD1 1 
ATOM   744  C CD2 . TRP A 1 90 ? -12.190 -0.245  8.476   1.00 63.60  ? 95  TRP A CD2 1 
ATOM   745  N NE1 . TRP A 1 90 ? -11.525 -0.556  6.359   1.00 68.82  ? 95  TRP A NE1 1 
ATOM   746  C CE2 . TRP A 1 90 ? -12.551 -0.801  7.231   1.00 66.74  ? 95  TRP A CE2 1 
ATOM   747  C CE3 . TRP A 1 90 ? -13.062 -0.382  9.558   1.00 62.47  ? 95  TRP A CE3 1 
ATOM   748  C CZ2 . TRP A 1 90 ? -13.759 -1.468  7.040   1.00 68.11  ? 95  TRP A CZ2 1 
ATOM   749  C CZ3 . TRP A 1 90 ? -14.255 -1.044  9.373   1.00 65.04  ? 95  TRP A CZ3 1 
ATOM   750  C CH2 . TRP A 1 90 ? -14.596 -1.580  8.129   1.00 71.32  ? 95  TRP A CH2 1 
ATOM   751  N N   . ASP A 1 91 ? -11.345 3.350   7.294   1.00 88.07  ? 96  ASP A N   1 
ATOM   752  C CA  . ASP A 1 91 ? -12.333 4.211   6.580   1.00 86.02  ? 96  ASP A CA  1 
ATOM   753  C C   . ASP A 1 91 ? -12.186 5.661   7.059   1.00 92.61  ? 96  ASP A C   1 
ATOM   754  O O   . ASP A 1 91 ? -11.192 6.347   6.802   1.00 94.53  ? 96  ASP A O   1 
ATOM   755  C CB  . ASP A 1 91 ? -13.770 3.723   6.768   1.00 84.98  ? 96  ASP A CB  1 
ATOM   756  C CG  . ASP A 1 91 ? -14.136 2.524   5.907   1.00 90.56  ? 96  ASP A CG  1 
ATOM   757  O OD1 . ASP A 1 91 ? -13.955 2.603   4.668   1.00 89.21  ? 96  ASP A OD1 1 
ATOM   758  O OD2 . ASP A 1 91 ? -14.606 1.525   6.481   1.00 88.30  ? 96  ASP A OD2 1 
ATOM   759  N N   . MET B 1 1  ? -7.870  -0.570  -6.218  1.00 94.02  ? 6   MET B N   1 
ATOM   760  C CA  . MET B 1 1  ? -6.967  0.103   -5.222  1.00 92.07  ? 6   MET B CA  1 
ATOM   761  C C   . MET B 1 1  ? -5.680  0.522   -5.938  1.00 92.60  ? 6   MET B C   1 
ATOM   762  O O   . MET B 1 1  ? -5.089  -0.321  -6.640  1.00 95.94  ? 6   MET B O   1 
ATOM   763  C CB  . MET B 1 1  ? -6.648  -0.817  -4.030  1.00 90.64  ? 6   MET B CB  1 
ATOM   764  C CG  . MET B 1 1  ? -5.295  -0.571  -3.351  1.00 95.52  ? 6   MET B CG  1 
ATOM   765  S SD  . MET B 1 1  ? -5.308  -0.813  -1.552  1.00 107.82 ? 6   MET B SD  1 
ATOM   766  C CE  . MET B 1 1  ? -3.992  0.295   -1.055  1.00 107.18 ? 6   MET B CE  1 
ATOM   767  N N   . ILE B 1 2  ? -5.302  1.794   -5.790  1.00 85.14  ? 7   ILE B N   1 
ATOM   768  C CA  . ILE B 1 2  ? -4.139  2.416   -6.475  1.00 81.63  ? 7   ILE B CA  1 
ATOM   769  C C   . ILE B 1 2  ? -3.378  3.238   -5.442  1.00 75.65  ? 7   ILE B C   1 
ATOM   770  O O   . ILE B 1 2  ? -3.993  4.052   -4.780  1.00 73.36  ? 7   ILE B O   1 
ATOM   771  C CB  . ILE B 1 2  ? -4.588  3.266   -7.679  1.00 84.60  ? 7   ILE B CB  1 
ATOM   772  C CG1 . ILE B 1 2  ? -5.451  2.468   -8.663  1.00 79.18  ? 7   ILE B CG1 1 
ATOM   773  C CG2 . ILE B 1 2  ? -3.378  3.870   -8.371  1.00 87.95  ? 7   ILE B CG2 1 
ATOM   774  C CD1 . ILE B 1 2  ? -6.938  2.544   -8.415  1.00 84.26  ? 7   ILE B CD1 1 
ATOM   775  N N   . GLN B 1 3  ? -2.081  2.998   -5.318  1.00 81.61  ? 8   GLN B N   1 
ATOM   776  C CA  . GLN B 1 3  ? -1.183  3.681   -4.361  1.00 78.75  ? 8   GLN B CA  1 
ATOM   777  C C   . GLN B 1 3  ? 0.058   4.093   -5.152  1.00 77.90  ? 8   GLN B C   1 
ATOM   778  O O   . GLN B 1 3  ? 0.612   3.228   -5.839  1.00 81.37  ? 8   GLN B O   1 
ATOM   779  C CB  . GLN B 1 3  ? -0.859  2.746   -3.188  1.00 81.97  ? 8   GLN B CB  1 
ATOM   780  C CG  . GLN B 1 3  ? -0.970  3.391   -1.808  1.00 85.39  ? 8   GLN B CG  1 
ATOM   781  C CD  . GLN B 1 3  ? -2.383  3.829   -1.499  1.00 89.27  ? 8   GLN B CD  1 
ATOM   782  O OE1 . GLN B 1 3  ? -3.338  3.080   -1.697  1.00 88.92  ? 8   GLN B OE1 1 
ATOM   783  N NE2 . GLN B 1 3  ? -2.530  5.063   -1.045  1.00 80.58  ? 8   GLN B NE2 1 
ATOM   784  N N   . VAL B 1 4  ? 0.421   5.374   -5.095  1.00 80.90  ? 9   VAL B N   1 
ATOM   785  C CA  . VAL B 1 4  ? 1.563   5.981   -5.834  1.00 74.30  ? 9   VAL B CA  1 
ATOM   786  C C   . VAL B 1 4  ? 2.549   6.525   -4.805  1.00 73.27  ? 9   VAL B C   1 
ATOM   787  O O   . VAL B 1 4  ? 2.126   7.249   -3.896  1.00 68.33  ? 9   VAL B O   1 
ATOM   788  C CB  . VAL B 1 4  ? 1.103   7.105   -6.781  1.00 83.73  ? 9   VAL B CB  1 
ATOM   789  C CG1 . VAL B 1 4  ? 2.263   7.607   -7.630  1.00 87.02  ? 9   VAL B CG1 1 
ATOM   790  C CG2 . VAL B 1 4  ? -0.063  6.680   -7.660  1.00 82.76  ? 9   VAL B CG2 1 
ATOM   791  N N   . TYR B 1 5  ? 3.831   6.209   -4.950  1.00 71.18  ? 10  TYR B N   1 
ATOM   792  C CA  . TYR B 1 5  ? 4.854   6.578   -3.946  1.00 75.33  ? 10  TYR B CA  1 
ATOM   793  C C   . TYR B 1 5  ? 6.237   6.403   -4.564  1.00 72.42  ? 10  TYR B C   1 
ATOM   794  O O   . TYR B 1 5  ? 6.358   5.697   -5.588  1.00 70.76  ? 10  TYR B O   1 
ATOM   795  C CB  . TYR B 1 5  ? 4.656   5.735   -2.681  1.00 75.17  ? 10  TYR B CB  1 
ATOM   796  C CG  . TYR B 1 5  ? 4.823   4.251   -2.898  1.00 65.92  ? 10  TYR B CG  1 
ATOM   797  C CD1 . TYR B 1 5  ? 6.029   3.631   -2.623  1.00 63.82  ? 10  TYR B CD1 1 
ATOM   798  C CD2 . TYR B 1 5  ? 3.790   3.472   -3.397  1.00 59.29  ? 10  TYR B CD2 1 
ATOM   799  C CE1 . TYR B 1 5  ? 6.211   2.277   -2.838  1.00 62.14  ? 10  TYR B CE1 1 
ATOM   800  C CE2 . TYR B 1 5  ? 3.952   2.113   -3.610  1.00 61.12  ? 10  TYR B CE2 1 
ATOM   801  C CZ  . TYR B 1 5  ? 5.170   1.515   -3.338  1.00 61.47  ? 10  TYR B CZ  1 
ATOM   802  O OH  . TYR B 1 5  ? 5.346   0.180   -3.551  1.00 63.85  ? 10  TYR B OH  1 
ATOM   803  N N   . SER B 1 6  ? 7.238   7.034   -3.956  1.00 62.87  ? 11  SER B N   1 
ATOM   804  C CA  . SER B 1 6  ? 8.664   6.959   -4.366  1.00 66.83  ? 11  SER B CA  1 
ATOM   805  C C   . SER B 1 6  ? 9.353   5.932   -3.474  1.00 61.37  ? 11  SER B C   1 
ATOM   806  O O   . SER B 1 6  ? 9.027   5.890   -2.289  1.00 65.29  ? 11  SER B O   1 
ATOM   807  C CB  . SER B 1 6  ? 9.338   8.313   -4.274  1.00 73.05  ? 11  SER B CB  1 
ATOM   808  O OG  . SER B 1 6  ? 9.111   8.914   -3.003  1.00 76.54  ? 11  SER B OG  1 
ATOM   809  N N   . ARG B 1 7  ? 10.264  5.121   -4.009  1.00 68.38  ? 12  ARG B N   1 
ATOM   810  C CA  . ARG B 1 7  ? 10.972  4.106   -3.183  1.00 78.11  ? 12  ARG B CA  1 
ATOM   811  C C   . ARG B 1 7  ? 11.536  4.804   -1.938  1.00 86.15  ? 12  ARG B C   1 
ATOM   812  O O   . ARG B 1 7  ? 11.140  4.420   -0.826  1.00 91.02  ? 12  ARG B O   1 
ATOM   813  C CB  . ARG B 1 7  ? 12.069  3.391   -3.968  1.00 74.29  ? 12  ARG B CB  1 
ATOM   814  C CG  . ARG B 1 7  ? 12.859  2.423   -3.102  1.00 81.13  ? 12  ARG B CG  1 
ATOM   815  C CD  . ARG B 1 7  ? 13.845  1.557   -3.849  1.00 89.37  ? 12  ARG B CD  1 
ATOM   816  N NE  . ARG B 1 7  ? 14.180  0.394   -3.042  1.00 95.70  ? 12  ARG B NE  1 
ATOM   817  C CZ  . ARG B 1 7  ? 13.365  -0.643  -2.821  1.00 109.14 ? 12  ARG B CZ  1 
ATOM   818  N NH1 . ARG B 1 7  ? 12.149  -0.676  -3.350  1.00 108.21 ? 12  ARG B NH1 1 
ATOM   819  N NH2 . ARG B 1 7  ? 13.771  -1.652  -2.068  1.00 115.26 ? 12  ARG B NH2 1 
ATOM   820  N N   . HIS B 1 8  ? 12.404  5.804   -2.134  1.00 93.58  ? 13  HIS B N   1 
ATOM   821  C CA  . HIS B 1 8  ? 13.011  6.627   -1.054  1.00 91.27  ? 13  HIS B CA  1 
ATOM   822  C C   . HIS B 1 8  ? 12.346  7.998   -1.055  1.00 98.81  ? 13  HIS B C   1 
ATOM   823  O O   . HIS B 1 8  ? 11.795  8.417   -2.073  1.00 96.19  ? 13  HIS B O   1 
ATOM   824  C CB  . HIS B 1 8  ? 14.531  6.723   -1.228  1.00 92.73  ? 13  HIS B CB  1 
ATOM   825  C CG  . HIS B 1 8  ? 15.260  5.424   -1.073  1.00 95.42  ? 13  HIS B CG  1 
ATOM   826  N ND1 . HIS B 1 8  ? 15.638  4.634   -2.152  1.00 96.86  ? 13  HIS B ND1 1 
ATOM   827  C CD2 . HIS B 1 8  ? 15.703  4.781   0.027   1.00 95.42  ? 13  HIS B CD2 1 
ATOM   828  C CE1 . HIS B 1 8  ? 16.263  3.560   -1.719  1.00 92.11  ? 13  HIS B CE1 1 
ATOM   829  N NE2 . HIS B 1 8  ? 16.325  3.630   -0.386  1.00 101.76 ? 13  HIS B NE2 1 
ATOM   830  N N   . PRO B 1 9  ? 12.313  8.713   0.094   1.00 117.25 ? 14  PRO B N   1 
ATOM   831  C CA  . PRO B 1 9  ? 11.841  10.099  0.111   1.00 117.15 ? 14  PRO B CA  1 
ATOM   832  C C   . PRO B 1 9  ? 12.699  10.951  -0.839  1.00 112.77 ? 14  PRO B C   1 
ATOM   833  O O   . PRO B 1 9  ? 13.862  10.638  -1.008  1.00 112.72 ? 14  PRO B O   1 
ATOM   834  C CB  . PRO B 1 9  ? 11.978  10.524  1.579   1.00 114.56 ? 14  PRO B CB  1 
ATOM   835  C CG  . PRO B 1 9  ? 11.986  9.214   2.350   1.00 116.89 ? 14  PRO B CG  1 
ATOM   836  C CD  . PRO B 1 9  ? 12.673  8.220   1.433   1.00 118.07 ? 14  PRO B CD  1 
ATOM   837  N N   . ALA B 1 10 ? 12.113  11.994  -1.428  1.00 110.75 ? 15  ALA B N   1 
ATOM   838  C CA  . ALA B 1 10 ? 12.639  12.676  -2.634  1.00 124.24 ? 15  ALA B CA  1 
ATOM   839  C C   . ALA B 1 10 ? 13.570  13.839  -2.263  1.00 134.80 ? 15  ALA B C   1 
ATOM   840  O O   . ALA B 1 10 ? 13.128  14.752  -1.547  1.00 143.61 ? 15  ALA B O   1 
ATOM   841  C CB  . ALA B 1 10 ? 11.484  13.146  -3.479  1.00 124.87 ? 15  ALA B CB  1 
ATOM   842  N N   . GLU B 1 11 ? 14.816  13.799  -2.748  1.00 141.92 ? 16  GLU B N   1 
ATOM   843  C CA  . GLU B 1 11 ? 15.687  14.995  -2.925  1.00 136.62 ? 16  GLU B CA  1 
ATOM   844  C C   . GLU B 1 11 ? 15.781  15.282  -4.428  1.00 133.21 ? 16  GLU B C   1 
ATOM   845  O O   . GLU B 1 11 ? 16.239  14.393  -5.178  1.00 130.49 ? 16  GLU B O   1 
ATOM   846  C CB  . GLU B 1 11 ? 17.088  14.807  -2.329  1.00 135.79 ? 16  GLU B CB  1 
ATOM   847  C CG  . GLU B 1 11 ? 17.881  16.114  -2.260  1.00 138.24 ? 16  GLU B CG  1 
ATOM   848  C CD  . GLU B 1 11 ? 18.622  16.568  -3.507  1.00 142.37 ? 16  GLU B CD  1 
ATOM   849  O OE1 . GLU B 1 11 ? 18.848  17.786  -3.663  1.00 141.60 ? 16  GLU B OE1 1 
ATOM   850  O OE2 . GLU B 1 11 ? 19.012  15.688  -4.301  1.00 131.96 ? 16  GLU B OE2 1 
ATOM   851  N N   . ASN B 1 12 ? 15.341  16.469  -4.848  1.00 132.61 ? 17  ASN B N   1 
ATOM   852  C CA  . ASN B 1 12 ? 15.413  16.910  -6.262  1.00 125.90 ? 17  ASN B CA  1 
ATOM   853  C C   . ASN B 1 12 ? 16.875  16.819  -6.714  1.00 121.76 ? 17  ASN B C   1 
ATOM   854  O O   . ASN B 1 12 ? 17.759  17.296  -5.973  1.00 109.46 ? 17  ASN B O   1 
ATOM   855  C CB  . ASN B 1 12 ? 14.800  18.297  -6.447  1.00 120.98 ? 17  ASN B CB  1 
ATOM   856  C CG  . ASN B 1 12 ? 13.291  18.272  -6.336  1.00 118.87 ? 17  ASN B CG  1 
ATOM   857  O OD1 . ASN B 1 12 ? 12.708  17.340  -5.786  1.00 114.29 ? 17  ASN B OD1 1 
ATOM   858  N ND2 . ASN B 1 12 ? 12.639  19.291  -6.866  1.00 112.72 ? 17  ASN B ND2 1 
ATOM   859  N N   . GLY B 1 13 ? 17.112  16.175  -7.861  1.00 119.89 ? 18  GLY B N   1 
ATOM   860  C CA  . GLY B 1 13 ? 18.448  16.013  -8.465  1.00 110.59 ? 18  GLY B CA  1 
ATOM   861  C C   . GLY B 1 13 ? 19.067  14.664  -8.142  1.00 106.63 ? 18  GLY B C   1 
ATOM   862  O O   . GLY B 1 13 ? 20.083  14.329  -8.777  1.00 99.35  ? 18  GLY B O   1 
ATOM   863  N N   . LYS B 1 14 ? 18.483  13.906  -7.205  1.00 109.57 ? 19  LYS B N   1 
ATOM   864  C CA  . LYS B 1 14 ? 18.915  12.521  -6.870  1.00 118.06 ? 19  LYS B CA  1 
ATOM   865  C C   . LYS B 1 14 ? 18.007  11.505  -7.573  1.00 126.63 ? 19  LYS B C   1 
ATOM   866  O O   . LYS B 1 14 ? 16.783  11.550  -7.342  1.00 125.85 ? 19  LYS B O   1 
ATOM   867  C CB  . LYS B 1 14 ? 18.876  12.275  -5.359  1.00 117.90 ? 19  LYS B CB  1 
ATOM   868  C CG  . LYS B 1 14 ? 20.180  12.539  -4.616  1.00 122.80 ? 19  LYS B CG  1 
ATOM   869  C CD  . LYS B 1 14 ? 20.102  12.194  -3.142  1.00 126.53 ? 19  LYS B CD  1 
ATOM   870  C CE  . LYS B 1 14 ? 20.032  10.705  -2.865  1.00 125.39 ? 19  LYS B CE  1 
ATOM   871  N NZ  . LYS B 1 14 ? 21.380  10.114  -2.685  1.00 125.06 ? 19  LYS B NZ  1 
ATOM   872  N N   . SER B 1 15 ? 18.600  10.600  -8.359  1.00 131.07 ? 20  SER B N   1 
ATOM   873  C CA  . SER B 1 15 ? 17.901  9.464   -9.015  1.00 132.20 ? 20  SER B CA  1 
ATOM   874  C C   . SER B 1 15 ? 17.135  8.672   -7.950  1.00 132.70 ? 20  SER B C   1 
ATOM   875  O O   . SER B 1 15 ? 17.668  8.532   -6.834  1.00 129.05 ? 20  SER B O   1 
ATOM   876  C CB  . SER B 1 15 ? 18.860  8.581   -9.758  1.00 132.64 ? 20  SER B CB  1 
ATOM   877  O OG  . SER B 1 15 ? 18.157  7.575   -10.469 1.00 126.36 ? 20  SER B OG  1 
ATOM   878  N N   . ASN B 1 16 ? 15.937  8.188   -8.294  1.00 128.45 ? 21  ASN B N   1 
ATOM   879  C CA  . ASN B 1 16 ? 15.007  7.473   -7.376  1.00 123.34 ? 21  ASN B CA  1 
ATOM   880  C C   . ASN B 1 16 ? 14.140  6.518   -8.215  1.00 115.81 ? 21  ASN B C   1 
ATOM   881  O O   . ASN B 1 16 ? 14.455  6.339   -9.408  1.00 120.19 ? 21  ASN B O   1 
ATOM   882  C CB  . ASN B 1 16 ? 14.211  8.485   -6.540  1.00 126.42 ? 21  ASN B CB  1 
ATOM   883  C CG  . ASN B 1 16 ? 13.642  7.921   -5.251  1.00 127.92 ? 21  ASN B CG  1 
ATOM   884  O OD1 . ASN B 1 16 ? 14.265  7.083   -4.605  1.00 135.22 ? 21  ASN B OD1 1 
ATOM   885  N ND2 . ASN B 1 16 ? 12.459  8.377   -4.873  1.00 125.46 ? 21  ASN B ND2 1 
ATOM   886  N N   . PHE B 1 17 ? 13.131  5.885   -7.606  1.00 103.85 ? 22  PHE B N   1 
ATOM   887  C CA  . PHE B 1 17 ? 12.127  5.013   -8.271  1.00 85.48  ? 22  PHE B CA  1 
ATOM   888  C C   . PHE B 1 17 ? 10.722  5.446   -7.871  1.00 72.39  ? 22  PHE B C   1 
ATOM   889  O O   . PHE B 1 17 ? 10.480  5.674   -6.678  1.00 82.22  ? 22  PHE B O   1 
ATOM   890  C CB  . PHE B 1 17 ? 12.315  3.554   -7.873  1.00 85.27  ? 22  PHE B CB  1 
ATOM   891  C CG  . PHE B 1 17 ? 13.437  2.854   -8.591  1.00 89.84  ? 22  PHE B CG  1 
ATOM   892  C CD1 . PHE B 1 17 ? 14.745  2.978   -8.151  1.00 88.57  ? 22  PHE B CD1 1 
ATOM   893  C CD2 . PHE B 1 17 ? 13.179  2.045   -9.687  1.00 94.79  ? 22  PHE B CD2 1 
ATOM   894  C CE1 . PHE B 1 17 ? 15.775  2.306   -8.793  1.00 90.09  ? 22  PHE B CE1 1 
ATOM   895  C CE2 . PHE B 1 17 ? 14.208  1.367   -10.324 1.00 96.95  ? 22  PHE B CE2 1 
ATOM   896  C CZ  . PHE B 1 17 ? 15.505  1.504   -9.880  1.00 94.93  ? 22  PHE B CZ  1 
ATOM   897  N N   . LEU B 1 18 ? 9.839   5.588   -8.856  1.00 69.23  ? 23  LEU B N   1 
ATOM   898  C CA  . LEU B 1 18 ? 8.399   5.871   -8.653  1.00 66.34  ? 23  LEU B CA  1 
ATOM   899  C C   . LEU B 1 18 ? 7.635   4.552   -8.820  1.00 71.54  ? 23  LEU B C   1 
ATOM   900  O O   . LEU B 1 18 ? 7.998   3.757   -9.722  1.00 64.64  ? 23  LEU B O   1 
ATOM   901  C CB  . LEU B 1 18 ? 7.935   6.915   -9.665  1.00 62.84  ? 23  LEU B CB  1 
ATOM   902  C CG  . LEU B 1 18 ? 6.461   7.290   -9.564  1.00 64.56  ? 23  LEU B CG  1 
ATOM   903  C CD1 . LEU B 1 18 ? 6.183   8.022   -8.265  1.00 68.95  ? 23  LEU B CD1 1 
ATOM   904  C CD2 . LEU B 1 18 ? 6.020   8.116   -10.759 1.00 73.11  ? 23  LEU B CD2 1 
ATOM   905  N N   . ASN B 1 19 ? 6.636   4.319   -7.967  1.00 71.07  ? 24  ASN B N   1 
ATOM   906  C CA  . ASN B 1 19 ? 5.900   3.032   -7.893  1.00 70.63  ? 24  ASN B CA  1 
ATOM   907  C C   . ASN B 1 19 ? 4.396   3.292   -7.929  1.00 66.51  ? 24  ASN B C   1 
ATOM   908  O O   . ASN B 1 19 ? 3.926   4.198   -7.238  1.00 68.45  ? 24  ASN B O   1 
ATOM   909  C CB  . ASN B 1 19 ? 6.261   2.214   -6.656  1.00 72.37  ? 24  ASN B CB  1 
ATOM   910  C CG  . ASN B 1 19 ? 7.747   1.981   -6.499  1.00 78.84  ? 24  ASN B CG  1 
ATOM   911  O OD1 . ASN B 1 19 ? 8.472   2.877   -6.095  1.00 95.73  ? 24  ASN B OD1 1 
ATOM   912  N ND2 . ASN B 1 19 ? 8.212   0.779   -6.780  1.00 77.94  ? 24  ASN B ND2 1 
ATOM   913  N N   . CYS B 1 20 ? 3.694   2.519   -8.749  1.00 67.45  ? 25  CYS B N   1 
ATOM   914  C CA  . CYS B 1 20 ? 2.221   2.436   -8.766  1.00 64.15  ? 25  CYS B CA  1 
ATOM   915  C C   . CYS B 1 20 ? 1.798   1.014   -8.405  1.00 65.81  ? 25  CYS B C   1 
ATOM   916  O O   . CYS B 1 20 ? 2.079   0.100   -9.193  1.00 65.71  ? 25  CYS B O   1 
ATOM   917  C CB  . CYS B 1 20 ? 1.674   2.790   -10.130 1.00 67.02  ? 25  CYS B CB  1 
ATOM   918  S SG  . CYS B 1 20 ? -0.118  2.964   -10.075 1.00 75.62  ? 25  CYS B SG  1 
ATOM   919  N N   . TYR B 1 21 ? 1.174   0.846   -7.241  1.00 66.07  ? 26  TYR B N   1 
ATOM   920  C CA  . TYR B 1 21 ? 0.621   -0.445  -6.760  1.00 67.92  ? 26  TYR B CA  1 
ATOM   921  C C   . TYR B 1 21 ? -0.870  -0.452  -7.085  1.00 61.64  ? 26  TYR B C   1 
ATOM   922  O O   . TYR B 1 21 ? -1.539  0.520   -6.743  1.00 56.34  ? 26  TYR B O   1 
ATOM   923  C CB  . TYR B 1 21 ? 0.912   -0.669  -5.272  1.00 70.69  ? 26  TYR B CB  1 
ATOM   924  C CG  . TYR B 1 21 ? 0.146   -1.815  -4.660  1.00 71.38  ? 26  TYR B CG  1 
ATOM   925  C CD1 . TYR B 1 21 ? 0.656   -3.103  -4.635  1.00 71.41  ? 26  TYR B CD1 1 
ATOM   926  C CD2 . TYR B 1 21 ? -1.125  -1.609  -4.150  1.00 70.14  ? 26  TYR B CD2 1 
ATOM   927  C CE1 . TYR B 1 21 ? -0.064  -4.151  -4.082  1.00 73.62  ? 26  TYR B CE1 1 
ATOM   928  C CE2 . TYR B 1 21 ? -1.865  -2.649  -3.612  1.00 72.90  ? 26  TYR B CE2 1 
ATOM   929  C CZ  . TYR B 1 21 ? -1.333  -3.926  -3.580  1.00 73.11  ? 26  TYR B CZ  1 
ATOM   930  O OH  . TYR B 1 21 ? -2.048  -4.950  -3.033  1.00 73.94  ? 26  TYR B OH  1 
ATOM   931  N N   . VAL B 1 22 ? -1.336  -1.507  -7.762  1.00 59.89  ? 27  VAL B N   1 
ATOM   932  C CA  . VAL B 1 22 ? -2.748  -1.665  -8.208  1.00 59.14  ? 27  VAL B CA  1 
ATOM   933  C C   . VAL B 1 22 ? -3.225  -3.060  -7.816  1.00 64.25  ? 27  VAL B C   1 
ATOM   934  O O   . VAL B 1 22 ? -2.458  -4.025  -8.034  1.00 62.87  ? 27  VAL B O   1 
ATOM   935  C CB  . VAL B 1 22 ? -2.902  -1.455  -9.719  1.00 61.74  ? 27  VAL B CB  1 
ATOM   936  C CG1 . VAL B 1 22 ? -4.335  -1.696  -10.177 1.00 61.61  ? 27  VAL B CG1 1 
ATOM   937  C CG2 . VAL B 1 22 ? -2.437  -0.076  -10.130 1.00 67.33  ? 27  VAL B CG2 1 
ATOM   938  N N   . SER B 1 23 ? -4.456  -3.141  -7.304  1.00 60.13  ? 28  SER B N   1 
ATOM   939  C CA  . SER B 1 23 ? -5.085  -4.384  -6.813  1.00 64.98  ? 28  SER B CA  1 
ATOM   940  C C   . SER B 1 23 ? -6.527  -4.427  -7.303  1.00 65.09  ? 28  SER B C   1 
ATOM   941  O O   . SER B 1 23 ? -7.138  -3.352  -7.402  1.00 66.11  ? 28  SER B O   1 
ATOM   942  C CB  . SER B 1 23 ? -4.986  -4.449  -5.316  1.00 69.60  ? 28  SER B CB  1 
ATOM   943  O OG  . SER B 1 23 ? -6.016  -3.682  -4.716  1.00 62.77  ? 28  SER B OG  1 
ATOM   944  N N   . GLY B 1 24 ? -7.017  -5.623  -7.623  1.00 72.50  ? 29  GLY B N   1 
ATOM   945  C CA  . GLY B 1 24 ? -8.356  -5.843  -8.198  1.00 74.16  ? 29  GLY B CA  1 
ATOM   946  C C   . GLY B 1 24 ? -8.724  -7.318  -8.214  1.00 75.90  ? 29  GLY B C   1 
ATOM   947  O O   . GLY B 1 24 ? -8.031  -8.107  -7.539  1.00 74.93  ? 29  GLY B O   1 
ATOM   948  N N   . PHE B 1 25 ? -9.782  -7.676  -8.950  1.00 79.32  ? 30  PHE B N   1 
ATOM   949  C CA  . PHE B 1 25 ? -10.431 -9.004  -8.885  1.00 82.20  ? 30  PHE B CA  1 
ATOM   950  C C   . PHE B 1 25 ? -10.753 -9.533  -10.274 1.00 84.74  ? 30  PHE B C   1 
ATOM   951  O O   . PHE B 1 25 ? -10.693 -8.794  -11.247 1.00 79.40  ? 30  PHE B O   1 
ATOM   952  C CB  . PHE B 1 25 ? -11.689 -8.940  -8.016  1.00 79.93  ? 30  PHE B CB  1 
ATOM   953  C CG  . PHE B 1 25 ? -11.364 -8.865  -6.548  1.00 87.58  ? 30  PHE B CG  1 
ATOM   954  C CD1 . PHE B 1 25 ? -11.335 -7.646  -5.889  1.00 88.50  ? 30  PHE B CD1 1 
ATOM   955  C CD2 . PHE B 1 25 ? -11.020 -10.011 -5.838  1.00 86.24  ? 30  PHE B CD2 1 
ATOM   956  C CE1 . PHE B 1 25 ? -11.004 -7.582  -4.544  1.00 82.27  ? 30  PHE B CE1 1 
ATOM   957  C CE2 . PHE B 1 25 ? -10.680 -9.944  -4.497  1.00 85.74  ? 30  PHE B CE2 1 
ATOM   958  C CZ  . PHE B 1 25 ? -10.680 -8.729  -3.850  1.00 85.02  ? 30  PHE B CZ  1 
ATOM   959  N N   . HIS B 1 26 ? -11.117 -10.816 -10.299 1.00 111.05 ? 31  HIS B N   1 
ATOM   960  C CA  . HIS B 1 26 ? -11.758 -11.525 -11.436 1.00 126.74 ? 31  HIS B CA  1 
ATOM   961  C C   . HIS B 1 26 ? -10.753 -11.620 -12.579 1.00 127.58 ? 31  HIS B C   1 
ATOM   962  O O   . HIS B 1 26 ? -9.585  -11.259 -12.409 1.00 110.67 ? 31  HIS B O   1 
ATOM   963  C CB  . HIS B 1 26 ? -13.086 -10.819 -11.776 1.00 138.63 ? 31  HIS B CB  1 
ATOM   964  C CG  . HIS B 1 26 ? -14.018 -10.710 -10.610 1.00 148.78 ? 31  HIS B CG  1 
ATOM   965  N ND1 . HIS B 1 26 ? -14.739 -9.559  -10.337 1.00 151.75 ? 31  HIS B ND1 1 
ATOM   966  C CD2 . HIS B 1 26 ? -14.326 -11.586 -9.627  1.00 145.59 ? 31  HIS B CD2 1 
ATOM   967  C CE1 . HIS B 1 26 ? -15.464 -9.742  -9.250  1.00 143.82 ? 31  HIS B CE1 1 
ATOM   968  N NE2 . HIS B 1 26 ? -15.228 -10.977 -8.795  1.00 141.73 ? 31  HIS B NE2 1 
ATOM   969  N N   . PRO B 1 27 ? -11.155 -12.175 -13.749 1.00 137.07 ? 32  PRO B N   1 
ATOM   970  C CA  . PRO B 1 27 ? -10.503 -11.848 -15.021 1.00 135.27 ? 32  PRO B CA  1 
ATOM   971  C C   . PRO B 1 27 ? -10.879 -10.416 -15.442 1.00 127.03 ? 32  PRO B C   1 
ATOM   972  O O   . PRO B 1 27 ? -11.994 -9.988  -15.157 1.00 113.49 ? 32  PRO B O   1 
ATOM   973  C CB  . PRO B 1 27 ? -11.026 -12.918 -15.999 1.00 133.71 ? 32  PRO B CB  1 
ATOM   974  C CG  . PRO B 1 27 ? -12.353 -13.357 -15.404 1.00 134.45 ? 32  PRO B CG  1 
ATOM   975  C CD  . PRO B 1 27 ? -12.206 -13.196 -13.903 1.00 134.29 ? 32  PRO B CD  1 
ATOM   976  N N   . SER B 1 28 ? -9.960  -9.702  -16.100 1.00 123.35 ? 33  SER B N   1 
ATOM   977  C CA  . SER B 1 28 ? -10.110 -8.250  -16.377 1.00 123.86 ? 33  SER B CA  1 
ATOM   978  C C   . SER B 1 28 ? -9.123  -7.764  -17.447 1.00 117.14 ? 33  SER B C   1 
ATOM   979  O O   . SER B 1 28 ? -7.961  -8.226  -17.467 1.00 106.12 ? 33  SER B O   1 
ATOM   980  C CB  . SER B 1 28 ? -9.984  -7.468  -15.099 1.00 119.55 ? 33  SER B CB  1 
ATOM   981  O OG  . SER B 1 28 ? -8.774  -7.790  -14.432 1.00 118.04 ? 33  SER B OG  1 
ATOM   982  N N   . ASP B 1 29 ? -9.601  -6.854  -18.303 1.00 118.07 ? 34  ASP B N   1 
ATOM   983  C CA  . ASP B 1 29 ? -8.854  -6.249  -19.439 1.00 111.91 ? 34  ASP B CA  1 
ATOM   984  C C   . ASP B 1 29 ? -8.364  -4.869  -18.999 1.00 111.56 ? 34  ASP B C   1 
ATOM   985  O O   . ASP B 1 29 ? -8.575  -3.894  -19.744 1.00 130.07 ? 34  ASP B O   1 
ATOM   986  C CB  . ASP B 1 29 ? -9.724  -6.170  -20.698 1.00 113.02 ? 34  ASP B CB  1 
ATOM   987  C CG  . ASP B 1 29 ? -10.199 -7.511  -21.240 1.00 108.87 ? 34  ASP B CG  1 
ATOM   988  O OD1 . ASP B 1 29 ? -10.011 -8.533  -20.551 1.00 94.18  ? 34  ASP B OD1 1 
ATOM   989  O OD2 . ASP B 1 29 ? -10.753 -7.519  -22.353 1.00 108.11 ? 34  ASP B OD2 1 
ATOM   990  N N   . ILE B 1 30 ? -7.736  -4.799  -17.824 1.00 105.20 ? 35  ILE B N   1 
ATOM   991  C CA  . ILE B 1 30 ? -7.229  -3.539  -17.199 1.00 98.62  ? 35  ILE B CA  1 
ATOM   992  C C   . ILE B 1 30 ? -5.821  -3.233  -17.728 1.00 98.24  ? 35  ILE B C   1 
ATOM   993  O O   . ILE B 1 30 ? -5.048  -4.187  -17.890 1.00 99.92  ? 35  ILE B O   1 
ATOM   994  C CB  . ILE B 1 30 ? -7.231  -3.666  -15.661 1.00 105.08 ? 35  ILE B CB  1 
ATOM   995  C CG1 . ILE B 1 30 ? -7.019  -2.308  -14.984 1.00 106.73 ? 35  ILE B CG1 1 
ATOM   996  C CG2 . ILE B 1 30 ? -6.227  -4.710  -15.175 1.00 107.06 ? 35  ILE B CG2 1 
ATOM   997  C CD1 . ILE B 1 30 ? -8.303  -1.537  -14.783 1.00 111.46 ? 35  ILE B CD1 1 
ATOM   998  N N   . GLU B 1 31 ? -5.489  -1.948  -17.932 1.00 88.33  ? 36  GLU B N   1 
ATOM   999  C CA  . GLU B 1 31 ? -4.136  -1.467  -18.336 1.00 77.62  ? 36  GLU B CA  1 
ATOM   1000 C C   . GLU B 1 31 ? -3.654  -0.364  -17.388 1.00 68.67  ? 36  GLU B C   1 
ATOM   1001 O O   . GLU B 1 31 ? -4.506  0.326   -16.817 1.00 67.37  ? 36  GLU B O   1 
ATOM   1002 C CB  . GLU B 1 31 ? -4.181  -0.927  -19.761 1.00 86.10  ? 36  GLU B CB  1 
ATOM   1003 C CG  . GLU B 1 31 ? -3.840  -1.963  -20.815 1.00 95.00  ? 36  GLU B CG  1 
ATOM   1004 C CD  . GLU B 1 31 ? -3.517  -1.372  -22.175 1.00 103.75 ? 36  GLU B CD  1 
ATOM   1005 O OE1 . GLU B 1 31 ? -4.177  -0.381  -22.569 1.00 95.40  ? 36  GLU B OE1 1 
ATOM   1006 O OE2 . GLU B 1 31 ? -2.597  -1.900  -22.843 1.00 118.11 ? 36  GLU B OE2 1 
ATOM   1007 N N   . VAL B 1 32 ? -2.334  -0.189  -17.258 1.00 63.02  ? 37  VAL B N   1 
ATOM   1008 C CA  . VAL B 1 32 ? -1.690  0.722   -16.266 1.00 68.41  ? 37  VAL B CA  1 
ATOM   1009 C C   . VAL B 1 32 ? -0.537  1.485   -16.935 1.00 64.75  ? 37  VAL B C   1 
ATOM   1010 O O   . VAL B 1 32 ? 0.198   0.842   -17.684 1.00 68.19  ? 37  VAL B O   1 
ATOM   1011 C CB  . VAL B 1 32 ? -1.183  -0.086  -15.051 1.00 69.03  ? 37  VAL B CB  1 
ATOM   1012 C CG1 . VAL B 1 32 ? -0.605  0.800   -13.955 1.00 68.83  ? 37  VAL B CG1 1 
ATOM   1013 C CG2 . VAL B 1 32 ? -2.268  -0.985  -14.483 1.00 69.06  ? 37  VAL B CG2 1 
ATOM   1014 N N   . ASP B 1 33 ? -0.347  2.763   -16.580 1.00 65.35  ? 38  ASP B N   1 
ATOM   1015 C CA  . ASP B 1 33 ? 0.745   3.640   -17.083 1.00 74.58  ? 38  ASP B CA  1 
ATOM   1016 C C   . ASP B 1 33 ? 1.202   4.642   -16.003 1.00 74.90  ? 38  ASP B C   1 
ATOM   1017 O O   . ASP B 1 33 ? 0.367   5.087   -15.210 1.00 91.21  ? 38  ASP B O   1 
ATOM   1018 C CB  . ASP B 1 33 ? 0.298   4.350   -18.369 1.00 79.27  ? 38  ASP B CB  1 
ATOM   1019 C CG  . ASP B 1 33 ? 0.031   3.408   -19.537 1.00 80.75  ? 38  ASP B CG  1 
ATOM   1020 O OD1 . ASP B 1 33 ? 0.980   2.736   -19.989 1.00 88.11  ? 38  ASP B OD1 1 
ATOM   1021 O OD2 . ASP B 1 33 ? -1.127  3.339   -19.979 1.00 80.14  ? 38  ASP B OD2 1 
ATOM   1022 N N   . LEU B 1 34 ? 2.501   4.952   -15.973 1.00 75.77  ? 39  LEU B N   1 
ATOM   1023 C CA  . LEU B 1 34 ? 3.126   6.097   -15.247 1.00 78.38  ? 39  LEU B CA  1 
ATOM   1024 C C   . LEU B 1 34 ? 3.263   7.276   -16.219 1.00 86.07  ? 39  LEU B C   1 
ATOM   1025 O O   . LEU B 1 34 ? 3.744   7.053   -17.354 1.00 82.21  ? 39  LEU B O   1 
ATOM   1026 C CB  . LEU B 1 34 ? 4.507   5.686   -14.716 1.00 76.13  ? 39  LEU B CB  1 
ATOM   1027 C CG  . LEU B 1 34 ? 4.543   4.518   -13.724 1.00 78.69  ? 39  LEU B CG  1 
ATOM   1028 C CD1 . LEU B 1 34 ? 5.971   4.219   -13.287 1.00 83.78  ? 39  LEU B CD1 1 
ATOM   1029 C CD2 . LEU B 1 34 ? 3.675   4.779   -12.494 1.00 74.30  ? 39  LEU B CD2 1 
ATOM   1030 N N   . LEU B 1 35 ? 2.863   8.485   -15.807 1.00 90.57  ? 40  LEU B N   1 
ATOM   1031 C CA  . LEU B 1 35 ? 2.889   9.712   -16.660 1.00 86.06  ? 40  LEU B CA  1 
ATOM   1032 C C   . LEU B 1 35 ? 3.948   10.681  -16.128 1.00 91.22  ? 40  LEU B C   1 
ATOM   1033 O O   . LEU B 1 35 ? 4.104   10.738  -14.893 1.00 89.35  ? 40  LEU B O   1 
ATOM   1034 C CB  . LEU B 1 35 ? 1.510   10.375  -16.657 1.00 75.11  ? 40  LEU B CB  1 
ATOM   1035 C CG  . LEU B 1 35 ? 0.329   9.421   -16.800 1.00 71.75  ? 40  LEU B CG  1 
ATOM   1036 C CD1 . LEU B 1 35 ? -0.968  10.187  -16.992 1.00 73.87  ? 40  LEU B CD1 1 
ATOM   1037 C CD2 . LEU B 1 35 ? 0.538   8.455   -17.947 1.00 69.40  ? 40  LEU B CD2 1 
ATOM   1038 N N   . LYS B 1 36 ? 4.674   11.354  -17.030 1.00 93.43  ? 41  LYS B N   1 
ATOM   1039 C CA  . LYS B 1 36 ? 5.537   12.529  -16.729 1.00 93.92  ? 41  LYS B CA  1 
ATOM   1040 C C   . LYS B 1 36 ? 4.911   13.762  -17.379 1.00 92.14  ? 41  LYS B C   1 
ATOM   1041 O O   . LYS B 1 36 ? 4.740   13.743  -18.620 1.00 95.86  ? 41  LYS B O   1 
ATOM   1042 C CB  . LYS B 1 36 ? 6.967   12.337  -17.237 1.00 94.74  ? 41  LYS B CB  1 
ATOM   1043 C CG  . LYS B 1 36 ? 7.895   13.525  -17.005 1.00 97.27  ? 41  LYS B CG  1 
ATOM   1044 C CD  . LYS B 1 36 ? 9.285   13.346  -17.580 1.00 99.24  ? 41  LYS B CD  1 
ATOM   1045 C CE  . LYS B 1 36 ? 10.337  14.202  -16.902 1.00 101.55 ? 41  LYS B CE  1 
ATOM   1046 N NZ  . LYS B 1 36 ? 11.674  13.554  -16.917 1.00 105.44 ? 41  LYS B NZ  1 
ATOM   1047 N N   . ASN B 1 37 ? 4.548   14.753  -16.556 1.00 87.73  ? 42  ASN B N   1 
ATOM   1048 C CA  . ASN B 1 37 ? 3.870   16.003  -16.983 1.00 90.10  ? 42  ASN B CA  1 
ATOM   1049 C C   . ASN B 1 37 ? 2.728   15.632  -17.932 1.00 93.13  ? 42  ASN B C   1 
ATOM   1050 O O   . ASN B 1 37 ? 2.461   16.418  -18.849 1.00 108.55 ? 42  ASN B O   1 
ATOM   1051 C CB  . ASN B 1 37 ? 4.869   16.988  -17.596 1.00 82.17  ? 42  ASN B CB  1 
ATOM   1052 C CG  . ASN B 1 37 ? 5.875   17.456  -16.568 1.00 85.94  ? 42  ASN B CG  1 
ATOM   1053 O OD1 . ASN B 1 37 ? 5.491   18.026  -15.548 1.00 95.78  ? 42  ASN B OD1 1 
ATOM   1054 N ND2 . ASN B 1 37 ? 7.152   17.203  -16.811 1.00 80.76  ? 42  ASN B ND2 1 
ATOM   1055 N N   . GLY B 1 38 ? 2.092   14.475  -17.714 1.00 87.11  ? 43  GLY B N   1 
ATOM   1056 C CA  . GLY B 1 38 ? 0.843   14.104  -18.398 1.00 91.17  ? 43  GLY B CA  1 
ATOM   1057 C C   . GLY B 1 38 ? 1.038   13.151  -19.560 1.00 92.63  ? 43  GLY B C   1 
ATOM   1058 O O   . GLY B 1 38 ? 0.002   12.731  -20.121 1.00 98.63  ? 43  GLY B O   1 
ATOM   1059 N N   . GLU B 1 39 ? 2.274   12.787  -19.925 1.00 98.75  ? 44  GLU B N   1 
ATOM   1060 C CA  . GLU B 1 39 ? 2.476   11.819  -21.039 1.00 109.30 ? 44  GLU B CA  1 
ATOM   1061 C C   . GLU B 1 39 ? 3.112   10.522  -20.524 1.00 100.77 ? 44  GLU B C   1 
ATOM   1062 O O   . GLU B 1 39 ? 3.982   10.565  -19.629 1.00 96.63  ? 44  GLU B O   1 
ATOM   1063 C CB  . GLU B 1 39 ? 3.201   12.424  -22.247 1.00 119.40 ? 44  GLU B CB  1 
ATOM   1064 C CG  . GLU B 1 39 ? 4.452   13.210  -21.849 1.00 126.61 ? 44  GLU B CG  1 
ATOM   1065 C CD  . GLU B 1 39 ? 5.751   12.425  -21.649 1.00 135.54 ? 44  GLU B CD  1 
ATOM   1066 O OE1 . GLU B 1 39 ? 5.870   11.286  -22.165 1.00 130.36 ? 44  GLU B OE1 1 
ATOM   1067 O OE2 . GLU B 1 39 ? 6.654   12.957  -20.966 1.00 129.66 ? 44  GLU B OE2 1 
ATOM   1068 N N   . ARG B 1 40 ? 2.610   9.413   -21.075 1.00 94.10  ? 45  ARG B N   1 
ATOM   1069 C CA  . ARG B 1 40 ? 2.970   8.011   -20.761 1.00 88.63  ? 45  ARG B CA  1 
ATOM   1070 C C   . ARG B 1 40 ? 4.488   7.827   -20.802 1.00 91.58  ? 45  ARG B C   1 
ATOM   1071 O O   . ARG B 1 40 ? 5.137   8.331   -21.743 1.00 97.75  ? 45  ARG B O   1 
ATOM   1072 C CB  . ARG B 1 40 ? 2.262   7.082   -21.751 1.00 89.26  ? 45  ARG B CB  1 
ATOM   1073 C CG  . ARG B 1 40 ? 3.137   5.977   -22.316 1.00 89.60  ? 45  ARG B CG  1 
ATOM   1074 C CD  . ARG B 1 40 ? 2.333   4.723   -22.583 1.00 92.68  ? 45  ARG B CD  1 
ATOM   1075 N NE  . ARG B 1 40 ? 3.140   3.569   -22.223 1.00 97.63  ? 45  ARG B NE  1 
ATOM   1076 C CZ  . ARG B 1 40 ? 3.077   2.376   -22.800 1.00 99.48  ? 45  ARG B CZ  1 
ATOM   1077 N NH1 . ARG B 1 40 ? 2.243   2.151   -23.800 1.00 101.44 ? 45  ARG B NH1 1 
ATOM   1078 N NH2 . ARG B 1 40 ? 3.867   1.408   -22.369 1.00 101.30 ? 45  ARG B NH2 1 
ATOM   1079 N N   . ILE B 1 41 ? 5.018   7.106   -19.813 1.00 86.30  ? 46  ILE B N   1 
ATOM   1080 C CA  . ILE B 1 41 ? 6.458   6.735   -19.715 1.00 77.38  ? 46  ILE B CA  1 
ATOM   1081 C C   . ILE B 1 41 ? 6.594   5.359   -20.353 1.00 76.65  ? 46  ILE B C   1 
ATOM   1082 O O   . ILE B 1 41 ? 5.713   4.522   -20.119 1.00 86.53  ? 46  ILE B O   1 
ATOM   1083 C CB  . ILE B 1 41 ? 6.947   6.733   -18.257 1.00 75.17  ? 46  ILE B CB  1 
ATOM   1084 C CG1 . ILE B 1 41 ? 6.506   7.997   -17.512 1.00 78.49  ? 46  ILE B CG1 1 
ATOM   1085 C CG2 . ILE B 1 41 ? 8.448   6.519   -18.208 1.00 75.33  ? 46  ILE B CG2 1 
ATOM   1086 C CD1 . ILE B 1 41 ? 7.452   8.458   -16.437 1.00 77.27  ? 46  ILE B CD1 1 
ATOM   1087 N N   . GLU B 1 42 ? 7.649   5.135   -21.129 1.00 77.77  ? 47  GLU B N   1 
ATOM   1088 C CA  . GLU B 1 42 ? 7.760   3.902   -21.944 1.00 81.73  ? 47  GLU B CA  1 
ATOM   1089 C C   . GLU B 1 42 ? 8.782   2.995   -21.241 1.00 76.63  ? 47  GLU B C   1 
ATOM   1090 O O   . GLU B 1 42 ? 9.660   3.525   -20.526 1.00 79.37  ? 47  GLU B O   1 
ATOM   1091 C CB  . GLU B 1 42 ? 7.972   4.292   -23.418 1.00 73.73  ? 47  GLU B CB  1 
ATOM   1092 C CG  . GLU B 1 42 ? 9.415   4.426   -23.867 1.00 82.30  ? 47  GLU B CG  1 
ATOM   1093 C CD  . GLU B 1 42 ? 9.538   4.498   -25.382 1.00 87.13  ? 47  GLU B CD  1 
ATOM   1094 O OE1 . GLU B 1 42 ? 9.623   3.417   -26.027 1.00 93.91  ? 47  GLU B OE1 1 
ATOM   1095 O OE2 . GLU B 1 42 ? 9.494   5.626   -25.921 1.00 69.05  ? 47  GLU B OE2 1 
ATOM   1096 N N   . LYS B 1 43 ? 8.621   1.678   -21.387 1.00 74.93  ? 48  LYS B N   1 
ATOM   1097 C CA  . LYS B 1 43 ? 9.569   0.636   -20.896 1.00 77.24  ? 48  LYS B CA  1 
ATOM   1098 C C   . LYS B 1 43 ? 9.492   0.541   -19.363 1.00 70.14  ? 48  LYS B C   1 
ATOM   1099 O O   . LYS B 1 43 ? 10.481  0.137   -18.711 1.00 81.27  ? 48  LYS B O   1 
ATOM   1100 C CB  . LYS B 1 43 ? 10.977  0.940   -21.419 1.00 79.87  ? 48  LYS B CB  1 
ATOM   1101 C CG  . LYS B 1 43 ? 11.090  0.993   -22.937 1.00 78.37  ? 48  LYS B CG  1 
ATOM   1102 C CD  . LYS B 1 43 ? 11.341  -0.358  -23.581 1.00 76.88  ? 48  LYS B CD  1 
ATOM   1103 C CE  . LYS B 1 43 ? 10.928  -0.415  -25.035 1.00 73.47  ? 48  LYS B CE  1 
ATOM   1104 N NZ  . LYS B 1 43 ? 11.017  -1.797  -25.560 1.00 75.70  ? 48  LYS B NZ  1 
ATOM   1105 N N   . VAL B 1 44 ? 8.325   0.865   -18.807 1.00 65.64  ? 49  VAL B N   1 
ATOM   1106 C CA  . VAL B 1 44 ? 8.018   0.795   -17.347 1.00 66.30  ? 49  VAL B CA  1 
ATOM   1107 C C   . VAL B 1 44 ? 7.994   -0.675  -16.909 1.00 65.30  ? 49  VAL B C   1 
ATOM   1108 O O   . VAL B 1 44 ? 7.212   -1.456  -17.478 1.00 68.15  ? 49  VAL B O   1 
ATOM   1109 C CB  . VAL B 1 44 ? 6.685   1.495   -17.030 1.00 66.06  ? 49  VAL B CB  1 
ATOM   1110 C CG1 . VAL B 1 44 ? 6.209   1.202   -15.622 1.00 69.14  ? 49  VAL B CG1 1 
ATOM   1111 C CG2 . VAL B 1 44 ? 6.789   2.989   -17.253 1.00 69.30  ? 49  VAL B CG2 1 
ATOM   1112 N N   . GLU B 1 45 ? 8.798   -1.027  -15.907 1.00 61.63  ? 50  GLU B N   1 
ATOM   1113 C CA  . GLU B 1 45 ? 8.884   -2.416  -15.398 1.00 61.11  ? 50  GLU B CA  1 
ATOM   1114 C C   . GLU B 1 45 ? 7.658   -2.703  -14.520 1.00 62.81  ? 50  GLU B C   1 
ATOM   1115 O O   . GLU B 1 45 ? 7.126   -1.738  -13.906 1.00 63.16  ? 50  GLU B O   1 
ATOM   1116 C CB  . GLU B 1 45 ? 10.200  -2.612  -14.652 1.00 62.56  ? 50  GLU B CB  1 
ATOM   1117 C CG  . GLU B 1 45 ? 11.423  -2.276  -15.486 1.00 66.65  ? 50  GLU B CG  1 
ATOM   1118 C CD  . GLU B 1 45 ? 11.757  -3.246  -16.610 1.00 68.78  ? 50  GLU B CD  1 
ATOM   1119 O OE1 . GLU B 1 45 ? 10.910  -4.091  -16.976 1.00 65.03  ? 50  GLU B OE1 1 
ATOM   1120 O OE2 . GLU B 1 45 ? 12.904  -3.181  -17.104 1.00 73.16  ? 50  GLU B OE2 1 
ATOM   1121 N N   . HIS B 1 46 ? 7.204   -3.960  -14.483 1.00 59.03  ? 51  HIS B N   1 
ATOM   1122 C CA  . HIS B 1 46 ? 6.176   -4.423  -13.515 1.00 56.41  ? 51  HIS B CA  1 
ATOM   1123 C C   . HIS B 1 46 ? 6.444   -5.876  -13.111 1.00 56.97  ? 51  HIS B C   1 
ATOM   1124 O O   . HIS B 1 46 ? 7.066   -6.628  -13.835 1.00 59.70  ? 51  HIS B O   1 
ATOM   1125 C CB  . HIS B 1 46 ? 4.777   -4.190  -14.075 1.00 49.59  ? 51  HIS B CB  1 
ATOM   1126 C CG  . HIS B 1 46 ? 4.519   -4.916  -15.345 1.00 59.23  ? 51  HIS B CG  1 
ATOM   1127 N ND1 . HIS B 1 46 ? 3.682   -6.002  -15.401 1.00 58.61  ? 51  HIS B ND1 1 
ATOM   1128 C CD2 . HIS B 1 46 ? 4.936   -4.695  -16.613 1.00 62.85  ? 51  HIS B CD2 1 
ATOM   1129 C CE1 . HIS B 1 46 ? 3.583   -6.427  -16.646 1.00 55.17  ? 51  HIS B CE1 1 
ATOM   1130 N NE2 . HIS B 1 46 ? 4.363   -5.653  -17.407 1.00 56.80  ? 51  HIS B NE2 1 
ATOM   1131 N N   . CYS B 1 47 ? 5.620   -5.934  -12.054 1.00 45.84  ? 52  CYS B N   1 
ATOM   1132 C CA  . CYS B 1 47 ? 5.495   -7.082  -11.166 1.00 50.07  ? 52  CYS B CA  1 
ATOM   1133 C C   . CYS B 1 47 ? 4.005   -7.443  -11.121 1.00 47.48  ? 52  CYS B C   1 
ATOM   1134 O O   . CYS B 1 47 ? 3.264   -6.440  -10.866 1.00 59.33  ? 52  CYS B O   1 
ATOM   1135 C CB  . CYS B 1 47 ? 5.956   -6.678  -9.760  1.00 62.67  ? 52  CYS B CB  1 
ATOM   1136 S SG  . CYS B 1 47 ? 7.630   -7.288  -9.382  1.00 100.83 ? 52  CYS B SG  1 
ATOM   1137 N N   . ASP B 1 48 ? 3.675   -8.680  -11.608 1.00 52.29  ? 53  ASP B N   1 
ATOM   1138 C CA  . ASP B 1 48 ? 2.238   -9.145  -11.594 1.00 52.40  ? 53  ASP B CA  1 
ATOM   1139 C C   . ASP B 1 48 ? 2.114   -10.374 -10.687 1.00 51.09  ? 53  ASP B C   1 
ATOM   1140 O O   . ASP B 1 48 ? 2.855   -11.365 -10.894 1.00 49.70  ? 53  ASP B O   1 
ATOM   1141 C CB  . ASP B 1 48 ? 1.737   -9.453  -13.005 1.00 56.04  ? 53  ASP B CB  1 
ATOM   1142 C CG  . ASP B 1 48 ? 1.732   -8.233  -13.909 1.00 63.78  ? 53  ASP B CG  1 
ATOM   1143 O OD1 . ASP B 1 48 ? 2.366   -7.229  -13.530 1.00 64.63  ? 53  ASP B OD1 1 
ATOM   1144 O OD2 . ASP B 1 48 ? 1.082   -8.289  -14.972 1.00 79.07  ? 53  ASP B OD2 1 
ATOM   1145 N N   . LEU B 1 49 ? 1.213   -10.307 -9.710  1.00 52.81  ? 54  LEU B N   1 
ATOM   1146 C CA  . LEU B 1 49 ? 0.895   -11.440 -8.808  1.00 55.14  ? 54  LEU B CA  1 
ATOM   1147 C C   . LEU B 1 49 ? -0.603  -11.708 -8.868  1.00 52.44  ? 54  LEU B C   1 
ATOM   1148 O O   . LEU B 1 49 ? -1.361  -10.745 -8.699  1.00 56.21  ? 54  LEU B O   1 
ATOM   1149 C CB  . LEU B 1 49 ? 1.342   -11.081 -7.390  1.00 55.31  ? 54  LEU B CB  1 
ATOM   1150 C CG  . LEU B 1 49 ? 1.122   -12.142 -6.325  1.00 62.98  ? 54  LEU B CG  1 
ATOM   1151 C CD1 . LEU B 1 49 ? 1.677   -13.489 -6.755  1.00 64.96  ? 54  LEU B CD1 1 
ATOM   1152 C CD2 . LEU B 1 49 ? 1.772   -11.697 -5.018  1.00 63.23  ? 54  LEU B CD2 1 
ATOM   1153 N N   . SER B 1 50 ? -1.010  -12.962 -9.080  1.00 52.80  ? 55  SER B N   1 
ATOM   1154 C CA  . SER B 1 50 ? -2.441  -13.361 -9.013  1.00 54.02  ? 55  SER B CA  1 
ATOM   1155 C C   . SER B 1 50 ? -2.626  -14.701 -8.278  1.00 51.87  ? 55  SER B C   1 
ATOM   1156 O O   . SER B 1 50 ? -1.724  -15.553 -8.326  1.00 52.42  ? 55  SER B O   1 
ATOM   1157 C CB  . SER B 1 50 ? -3.035  -13.376 -10.393 1.00 50.56  ? 55  SER B CB  1 
ATOM   1158 O OG  . SER B 1 50 ? -2.508  -14.463 -11.111 1.00 60.80  ? 55  SER B OG  1 
ATOM   1159 N N   . PHE B 1 51 ? -3.771  -14.857 -7.623  1.00 52.37  ? 56  PHE B N   1 
ATOM   1160 C CA  . PHE B 1 51 ? -4.152  -16.036 -6.809  1.00 57.46  ? 56  PHE B CA  1 
ATOM   1161 C C   . PHE B 1 51 ? -5.488  -16.563 -7.321  1.00 53.11  ? 56  PHE B C   1 
ATOM   1162 O O   . PHE B 1 51 ? -6.435  -15.764 -7.388  1.00 55.15  ? 56  PHE B O   1 
ATOM   1163 C CB  . PHE B 1 51 ? -4.355  -15.702 -5.325  1.00 60.55  ? 56  PHE B CB  1 
ATOM   1164 C CG  . PHE B 1 51 ? -3.230  -14.989 -4.633  1.00 68.29  ? 56  PHE B CG  1 
ATOM   1165 C CD1 . PHE B 1 51 ? -3.493  -13.996 -3.699  1.00 77.68  ? 56  PHE B CD1 1 
ATOM   1166 C CD2 . PHE B 1 51 ? -1.914  -15.346 -4.853  1.00 80.86  ? 56  PHE B CD2 1 
ATOM   1167 C CE1 . PHE B 1 51 ? -2.460  -13.351 -3.032  1.00 79.42  ? 56  PHE B CE1 1 
ATOM   1168 C CE2 . PHE B 1 51 ? -0.885  -14.696 -4.191  1.00 81.97  ? 56  PHE B CE2 1 
ATOM   1169 C CZ  . PHE B 1 51 ? -1.156  -13.700 -3.282  1.00 74.85  ? 56  PHE B CZ  1 
ATOM   1170 N N   . SER B 1 52 ? -5.557  -17.854 -7.644  1.00 49.19  ? 57  SER B N   1 
ATOM   1171 C CA  . SER B 1 52 ? -6.785  -18.510 -8.157  1.00 54.70  ? 57  SER B CA  1 
ATOM   1172 C C   . SER B 1 52 ? -7.825  -18.569 -7.031  1.00 61.42  ? 57  SER B C   1 
ATOM   1173 O O   . SER B 1 52 ? -8.980  -18.232 -7.282  1.00 64.91  ? 57  SER B O   1 
ATOM   1174 C CB  . SER B 1 52 ? -6.478  -19.868 -8.739  1.00 54.17  ? 57  SER B CB  1 
ATOM   1175 O OG  . SER B 1 52 ? -5.926  -20.736 -7.770  1.00 54.78  ? 57  SER B OG  1 
ATOM   1176 N N   . LYS B 1 53 ? -7.412  -18.940 -5.821  1.00 58.18  ? 58  LYS B N   1 
ATOM   1177 C CA  . LYS B 1 53 ? -8.281  -19.025 -4.623  1.00 61.27  ? 58  LYS B CA  1 
ATOM   1178 C C   . LYS B 1 53 ? -9.366  -17.932 -4.621  1.00 62.26  ? 58  LYS B C   1 
ATOM   1179 O O   . LYS B 1 53 ? -10.513 -18.286 -4.278  1.00 60.51  ? 58  LYS B O   1 
ATOM   1180 C CB  . LYS B 1 53 ? -7.427  -18.956 -3.355  1.00 70.29  ? 58  LYS B CB  1 
ATOM   1181 C CG  . LYS B 1 53 ? -8.196  -19.019 -2.044  1.00 75.02  ? 58  LYS B CG  1 
ATOM   1182 C CD  . LYS B 1 53 ? -8.793  -20.377 -1.777  1.00 81.62  ? 58  LYS B CD  1 
ATOM   1183 C CE  . LYS B 1 53 ? -8.846  -20.724 -0.305  1.00 86.70  ? 58  LYS B CE  1 
ATOM   1184 N NZ  . LYS B 1 53 ? -9.184  -22.154 -0.111  1.00 94.78  ? 58  LYS B NZ  1 
ATOM   1185 N N   . ASP B 1 54 ? -9.068  -16.663 -4.939  1.00 59.03  ? 59  ASP B N   1 
ATOM   1186 C CA  . ASP B 1 54 ? -10.089 -15.575 -4.842  1.00 61.16  ? 59  ASP B CA  1 
ATOM   1187 C C   . ASP B 1 54 ? -10.086 -14.652 -6.067  1.00 57.83  ? 59  ASP B C   1 
ATOM   1188 O O   . ASP B 1 54 ? -10.632 -13.523 -5.958  1.00 58.53  ? 59  ASP B O   1 
ATOM   1189 C CB  . ASP B 1 54 ? -9.909  -14.744 -3.571  1.00 64.81  ? 59  ASP B CB  1 
ATOM   1190 C CG  . ASP B 1 54 ? -8.543  -14.096 -3.489  1.00 71.51  ? 59  ASP B CG  1 
ATOM   1191 O OD1 . ASP B 1 54 ? -7.687  -14.398 -4.373  1.00 69.14  ? 59  ASP B OD1 1 
ATOM   1192 O OD2 . ASP B 1 54 ? -8.359  -13.285 -2.559  1.00 76.19  ? 59  ASP B OD2 1 
ATOM   1193 N N   . TRP B 1 55 ? -9.574  -15.118 -7.206  1.00 59.32  ? 60  TRP B N   1 
ATOM   1194 C CA  . TRP B 1 55 ? -9.583  -14.349 -8.477  1.00 57.47  ? 60  TRP B CA  1 
ATOM   1195 C C   . TRP B 1 55 ? -8.943  -12.977 -8.244  1.00 56.16  ? 60  TRP B C   1 
ATOM   1196 O O   . TRP B 1 55 ? -9.446  -11.993 -8.804  1.00 58.96  ? 60  TRP B O   1 
ATOM   1197 C CB  . TRP B 1 55 ? -11.023 -14.208 -8.998  1.00 60.46  ? 60  TRP B CB  1 
ATOM   1198 C CG  . TRP B 1 55 ? -11.622 -15.491 -9.467  1.00 64.60  ? 60  TRP B CG  1 
ATOM   1199 C CD1 . TRP B 1 55 ? -11.603 -15.968 -10.743 1.00 68.15  ? 60  TRP B CD1 1 
ATOM   1200 C CD2 . TRP B 1 55 ? -12.310 -16.477 -8.677  1.00 68.88  ? 60  TRP B CD2 1 
ATOM   1201 N NE1 . TRP B 1 55 ? -12.219 -17.186 -10.803 1.00 75.23  ? 60  TRP B NE1 1 
ATOM   1202 C CE2 . TRP B 1 55 ? -12.669 -17.525 -9.553  1.00 70.77  ? 60  TRP B CE2 1 
ATOM   1203 C CE3 . TRP B 1 55 ? -12.665 -16.587 -7.327  1.00 67.98  ? 60  TRP B CE3 1 
ATOM   1204 C CZ2 . TRP B 1 55 ? -13.366 -18.655 -9.122  1.00 62.80  ? 60  TRP B CZ2 1 
ATOM   1205 C CZ3 . TRP B 1 55 ? -13.356 -17.702 -6.904  1.00 63.99  ? 60  TRP B CZ3 1 
ATOM   1206 C CH2 . TRP B 1 55 ? -13.700 -18.721 -7.790  1.00 63.68  ? 60  TRP B CH2 1 
ATOM   1207 N N   . SER B 1 56 ? -7.914  -12.895 -7.406  1.00 53.49  ? 61  SER B N   1 
ATOM   1208 C CA  . SER B 1 56 ? -7.296  -11.605 -7.013  1.00 56.10  ? 61  SER B CA  1 
ATOM   1209 C C   . SER B 1 56 ? -6.003  -11.432 -7.800  1.00 50.69  ? 61  SER B C   1 
ATOM   1210 O O   . SER B 1 56 ? -5.322  -12.442 -8.033  1.00 48.45  ? 61  SER B O   1 
ATOM   1211 C CB  . SER B 1 56 ? -7.067  -11.526 -5.519  1.00 56.78  ? 61  SER B CB  1 
ATOM   1212 O OG  . SER B 1 56 ? -5.986  -12.356 -5.138  1.00 60.02  ? 61  SER B OG  1 
ATOM   1213 N N   . PHE B 1 57 ? -5.683  -10.189 -8.163  1.00 51.97  ? 62  PHE B N   1 
ATOM   1214 C CA  . PHE B 1 57 ? -4.395  -9.794  -8.799  1.00 57.19  ? 62  PHE B CA  1 
ATOM   1215 C C   . PHE B 1 57 ? -3.812  -8.567  -8.093  1.00 54.08  ? 62  PHE B C   1 
ATOM   1216 O O   . PHE B 1 57 ? -4.581  -7.725  -7.601  1.00 57.12  ? 62  PHE B O   1 
ATOM   1217 C CB  . PHE B 1 57 ? -4.575  -9.497  -10.286 1.00 55.42  ? 62  PHE B CB  1 
ATOM   1218 C CG  . PHE B 1 57 ? -5.405  -8.279  -10.604 1.00 54.32  ? 62  PHE B CG  1 
ATOM   1219 C CD1 . PHE B 1 57 ? -4.862  -7.005  -10.557 1.00 53.87  ? 62  PHE B CD1 1 
ATOM   1220 C CD2 . PHE B 1 57 ? -6.734  -8.414  -10.968 1.00 57.45  ? 62  PHE B CD2 1 
ATOM   1221 C CE1 . PHE B 1 57 ? -5.635  -5.892  -10.853 1.00 56.91  ? 62  PHE B CE1 1 
ATOM   1222 C CE2 . PHE B 1 57 ? -7.501  -7.303  -11.286 1.00 60.89  ? 62  PHE B CE2 1 
ATOM   1223 C CZ  . PHE B 1 57 ? -6.949  -6.043  -11.229 1.00 58.46  ? 62  PHE B CZ  1 
ATOM   1224 N N   . TYR B 1 58 ? -2.483  -8.499  -8.057  1.00 55.22  ? 63  TYR B N   1 
ATOM   1225 C CA  . TYR B 1 58 ? -1.677  -7.424  -7.440  1.00 54.79  ? 63  TYR B CA  1 
ATOM   1226 C C   . TYR B 1 58 ? -0.550  -7.048  -8.394  1.00 56.98  ? 63  TYR B C   1 
ATOM   1227 O O   . TYR B 1 58 ? 0.265   -7.945  -8.743  1.00 51.79  ? 63  TYR B O   1 
ATOM   1228 C CB  . TYR B 1 58 ? -1.127  -7.900  -6.096  1.00 61.87  ? 63  TYR B CB  1 
ATOM   1229 C CG  . TYR B 1 58 ? -2.211  -8.408  -5.188  1.00 66.74  ? 63  TYR B CG  1 
ATOM   1230 C CD1 . TYR B 1 58 ? -2.510  -9.761  -5.089  1.00 68.38  ? 63  TYR B CD1 1 
ATOM   1231 C CD2 . TYR B 1 58 ? -2.980  -7.516  -4.470  1.00 68.64  ? 63  TYR B CD2 1 
ATOM   1232 C CE1 . TYR B 1 58 ? -3.522  -10.211 -4.254  1.00 76.57  ? 63  TYR B CE1 1 
ATOM   1233 C CE2 . TYR B 1 58 ? -3.995  -7.947  -3.635  1.00 76.42  ? 63  TYR B CE2 1 
ATOM   1234 C CZ  . TYR B 1 58 ? -4.264  -9.298  -3.520  1.00 77.21  ? 63  TYR B CZ  1 
ATOM   1235 O OH  . TYR B 1 58 ? -5.262  -9.695  -2.682  1.00 74.25  ? 63  TYR B OH  1 
ATOM   1236 N N   . LEU B 1 59 ? -0.530  -5.769  -8.790  1.00 56.67  ? 64  LEU B N   1 
ATOM   1237 C CA  . LEU B 1 59 ? 0.382   -5.213  -9.825  1.00 53.05  ? 64  LEU B CA  1 
ATOM   1238 C C   . LEU B 1 59 ? 1.187   -4.064  -9.209  1.00 56.33  ? 64  LEU B C   1 
ATOM   1239 O O   . LEU B 1 59 ? 0.598   -3.206  -8.522  1.00 60.03  ? 64  LEU B O   1 
ATOM   1240 C CB  . LEU B 1 59 ? -0.443  -4.706  -11.007 1.00 51.61  ? 64  LEU B CB  1 
ATOM   1241 C CG  . LEU B 1 59 ? -1.522  -5.639  -11.558 1.00 50.01  ? 64  LEU B CG  1 
ATOM   1242 C CD1 . LEU B 1 59 ? -2.282  -4.959  -12.676 1.00 49.08  ? 64  LEU B CD1 1 
ATOM   1243 C CD2 . LEU B 1 59 ? -0.957  -6.950  -12.065 1.00 54.05  ? 64  LEU B CD2 1 
ATOM   1244 N N   . LEU B 1 60 ? 2.495   -4.075  -9.403  1.00 56.68  ? 65  LEU B N   1 
ATOM   1245 C CA  . LEU B 1 60 ? 3.373   -2.920  -9.108  1.00 63.44  ? 65  LEU B CA  1 
ATOM   1246 C C   . LEU B 1 60 ? 4.098   -2.513  -10.396 1.00 61.38  ? 65  LEU B C   1 
ATOM   1247 O O   . LEU B 1 60 ? 4.940   -3.321  -10.883 1.00 55.81  ? 65  LEU B O   1 
ATOM   1248 C CB  . LEU B 1 60 ? 4.384   -3.289  -8.020  1.00 61.50  ? 65  LEU B CB  1 
ATOM   1249 C CG  . LEU B 1 60 ? 5.312   -2.137  -7.625  1.00 66.35  ? 65  LEU B CG  1 
ATOM   1250 C CD1 . LEU B 1 60 ? 4.747   -1.399  -6.423  1.00 68.77  ? 65  LEU B CD1 1 
ATOM   1251 C CD2 . LEU B 1 60 ? 6.734   -2.613  -7.354  1.00 70.77  ? 65  LEU B CD2 1 
ATOM   1252 N N   . TYR B 1 61 ? 3.771   -1.326  -10.909 1.00 58.87  ? 66  TYR B N   1 
ATOM   1253 C CA  . TYR B 1 61 ? 4.492   -0.626  -12.010 1.00 60.28  ? 66  TYR B CA  1 
ATOM   1254 C C   . TYR B 1 61 ? 5.542   0.316   -11.400 1.00 60.34  ? 66  TYR B C   1 
ATOM   1255 O O   . TYR B 1 61 ? 5.172   1.138   -10.542 1.00 60.89  ? 66  TYR B O   1 
ATOM   1256 C CB  . TYR B 1 61 ? 3.459   0.064   -12.906 1.00 56.01  ? 66  TYR B CB  1 
ATOM   1257 C CG  . TYR B 1 61 ? 2.760   -0.895  -13.839 1.00 60.62  ? 66  TYR B CG  1 
ATOM   1258 C CD1 . TYR B 1 61 ? 1.888   -1.859  -13.355 1.00 66.34  ? 66  TYR B CD1 1 
ATOM   1259 C CD2 . TYR B 1 61 ? 3.032   -0.906  -15.198 1.00 55.23  ? 66  TYR B CD2 1 
ATOM   1260 C CE1 . TYR B 1 61 ? 1.270   -2.771  -14.200 1.00 66.37  ? 66  TYR B CE1 1 
ATOM   1261 C CE2 . TYR B 1 61 ? 2.417   -1.803  -16.052 1.00 57.50  ? 66  TYR B CE2 1 
ATOM   1262 C CZ  . TYR B 1 61 ? 1.534   -2.741  -15.556 1.00 65.63  ? 66  TYR B CZ  1 
ATOM   1263 O OH  . TYR B 1 61 ? 0.915   -3.611  -16.410 1.00 69.77  ? 66  TYR B OH  1 
ATOM   1264 N N   . TYR B 1 62 ? 6.810   0.185   -11.783 1.00 58.11  ? 67  TYR B N   1 
ATOM   1265 C CA  . TYR B 1 62 ? 7.904   1.028   -11.239 1.00 61.09  ? 67  TYR B CA  1 
ATOM   1266 C C   . TYR B 1 62 ? 8.847   1.501   -12.355 1.00 70.40  ? 67  TYR B C   1 
ATOM   1267 O O   . TYR B 1 62 ? 8.963   0.837   -13.406 1.00 64.28  ? 67  TYR B O   1 
ATOM   1268 C CB  . TYR B 1 62 ? 8.652   0.289   -10.134 1.00 56.72  ? 67  TYR B CB  1 
ATOM   1269 C CG  . TYR B 1 62 ? 9.453   -0.906  -10.578 1.00 59.80  ? 67  TYR B CG  1 
ATOM   1270 C CD1 . TYR B 1 62 ? 10.822  -0.802  -10.755 1.00 60.55  ? 67  TYR B CD1 1 
ATOM   1271 C CD2 . TYR B 1 62 ? 8.856   -2.133  -10.824 1.00 66.06  ? 67  TYR B CD2 1 
ATOM   1272 C CE1 . TYR B 1 62 ? 11.587  -1.887  -11.156 1.00 60.30  ? 67  TYR B CE1 1 
ATOM   1273 C CE2 . TYR B 1 62 ? 9.608   -3.231  -11.218 1.00 66.96  ? 67  TYR B CE2 1 
ATOM   1274 C CZ  . TYR B 1 62 ? 10.977  -3.104  -11.388 1.00 62.00  ? 67  TYR B CZ  1 
ATOM   1275 O OH  . TYR B 1 62 ? 11.733  -4.160  -11.796 1.00 68.02  ? 67  TYR B OH  1 
ATOM   1276 N N   . THR B 1 63 ? 9.525   2.621   -12.106 1.00 72.57  ? 68  THR B N   1 
ATOM   1277 C CA  . THR B 1 63 ? 10.469  3.239   -13.065 1.00 74.36  ? 68  THR B CA  1 
ATOM   1278 C C   . THR B 1 63 ? 11.523  4.030   -12.292 1.00 80.79  ? 68  THR B C   1 
ATOM   1279 O O   . THR B 1 63 ? 11.152  4.663   -11.289 1.00 81.01  ? 68  THR B O   1 
ATOM   1280 C CB  . THR B 1 63 ? 9.702   4.111   -14.066 1.00 76.87  ? 68  THR B CB  1 
ATOM   1281 O OG1 . THR B 1 63 ? 10.480  4.241   -15.252 1.00 72.44  ? 68  THR B OG1 1 
ATOM   1282 C CG2 . THR B 1 63 ? 9.365   5.484   -13.527 1.00 79.75  ? 68  THR B CG2 1 
ATOM   1283 N N   . GLU B 1 64 ? 12.773  3.981   -12.755 1.00 84.72  ? 69  GLU B N   1 
ATOM   1284 C CA  . GLU B 1 64 ? 13.837  4.947   -12.368 1.00 85.65  ? 69  GLU B CA  1 
ATOM   1285 C C   . GLU B 1 64 ? 13.346  6.341   -12.749 1.00 78.15  ? 69  GLU B C   1 
ATOM   1286 O O   . GLU B 1 64 ? 12.756  6.495   -13.833 1.00 76.75  ? 69  GLU B O   1 
ATOM   1287 C CB  . GLU B 1 64 ? 15.168  4.683   -13.083 1.00 98.11  ? 69  GLU B CB  1 
ATOM   1288 C CG  . GLU B 1 64 ? 16.125  3.789   -12.310 1.00 107.76 ? 69  GLU B CG  1 
ATOM   1289 C CD  . GLU B 1 64 ? 17.402  3.399   -13.044 1.00 118.08 ? 69  GLU B CD  1 
ATOM   1290 O OE1 . GLU B 1 64 ? 17.793  4.125   -13.984 1.00 111.29 ? 69  GLU B OE1 1 
ATOM   1291 O OE2 . GLU B 1 64 ? 18.012  2.365   -12.672 1.00 124.89 ? 69  GLU B OE2 1 
ATOM   1292 N N   . PHE B 1 65 ? 13.588  7.324   -11.896 1.00 83.89  ? 70  PHE B N   1 
ATOM   1293 C CA  . PHE B 1 65 ? 13.380  8.754   -12.233 1.00 90.44  ? 70  PHE B CA  1 
ATOM   1294 C C   . PHE B 1 65 ? 14.319  9.591   -11.369 1.00 90.99  ? 70  PHE B C   1 
ATOM   1295 O O   . PHE B 1 65 ? 14.777  9.104   -10.318 1.00 78.34  ? 70  PHE B O   1 
ATOM   1296 C CB  . PHE B 1 65 ? 11.911  9.158   -12.081 1.00 87.63  ? 70  PHE B CB  1 
ATOM   1297 C CG  . PHE B 1 65 ? 11.437  9.402   -10.671 1.00 86.45  ? 70  PHE B CG  1 
ATOM   1298 C CD1 . PHE B 1 65 ? 10.639  10.497  -10.379 1.00 86.24  ? 70  PHE B CD1 1 
ATOM   1299 C CD2 . PHE B 1 65 ? 11.716  8.504   -9.650  1.00 87.70  ? 70  PHE B CD2 1 
ATOM   1300 C CE1 . PHE B 1 65 ? 10.163  10.712  -9.093  1.00 87.34  ? 70  PHE B CE1 1 
ATOM   1301 C CE2 . PHE B 1 65 ? 11.246  8.722   -8.364  1.00 83.10  ? 70  PHE B CE2 1 
ATOM   1302 C CZ  . PHE B 1 65 ? 10.466  9.822   -8.089  1.00 87.86  ? 70  PHE B CZ  1 
ATOM   1303 N N   . THR B 1 66 ? 14.615  10.798  -11.843 1.00 99.95  ? 71  THR B N   1 
ATOM   1304 C CA  . THR B 1 66 ? 15.295  11.871  -11.087 1.00 104.55 ? 71  THR B CA  1 
ATOM   1305 C C   . THR B 1 66 ? 14.249  12.950  -10.847 1.00 100.57 ? 71  THR B C   1 
ATOM   1306 O O   . THR B 1 66 ? 13.862  13.658  -11.768 1.00 84.08  ? 71  THR B O   1 
ATOM   1307 C CB  . THR B 1 66 ? 16.549  12.314  -11.841 1.00 113.44 ? 71  THR B CB  1 
ATOM   1308 O OG1 . THR B 1 66 ? 17.258  11.103  -12.101 1.00 109.89 ? 71  THR B OG1 1 
ATOM   1309 C CG2 . THR B 1 66 ? 17.420  13.278  -11.066 1.00 119.13 ? 71  THR B CG2 1 
ATOM   1310 N N   . PRO B 1 67 ? 13.715  13.069  -9.612  1.00 118.38 ? 72  PRO B N   1 
ATOM   1311 C CA  . PRO B 1 67 ? 12.666  14.043  -9.329  1.00 125.89 ? 72  PRO B CA  1 
ATOM   1312 C C   . PRO B 1 67 ? 13.229  15.460  -9.505  1.00 143.60 ? 72  PRO B C   1 
ATOM   1313 O O   . PRO B 1 67 ? 14.392  15.677  -9.185  1.00 141.69 ? 72  PRO B O   1 
ATOM   1314 C CB  . PRO B 1 67 ? 12.290  13.744  -7.872  1.00 123.32 ? 72  PRO B CB  1 
ATOM   1315 C CG  . PRO B 1 67 ? 13.567  13.176  -7.286  1.00 121.09 ? 72  PRO B CG  1 
ATOM   1316 C CD  . PRO B 1 67 ? 14.148  12.340  -8.408  1.00 122.58 ? 72  PRO B CD  1 
ATOM   1317 N N   . THR B 1 68 ? 12.405  16.362  -10.045 1.00 153.36 ? 73  THR B N   1 
ATOM   1318 C CA  . THR B 1 68 ? 12.747  17.775  -10.348 1.00 151.77 ? 73  THR B CA  1 
ATOM   1319 C C   . THR B 1 68 ? 11.608  18.672  -9.867  1.00 152.05 ? 73  THR B C   1 
ATOM   1320 O O   . THR B 1 68 ? 10.479  18.159  -9.721  1.00 150.83 ? 73  THR B O   1 
ATOM   1321 C CB  . THR B 1 68 ? 12.965  17.983  -11.850 1.00 145.46 ? 73  THR B CB  1 
ATOM   1322 O OG1 . THR B 1 68 ? 11.721  17.677  -12.479 1.00 144.97 ? 73  THR B OG1 1 
ATOM   1323 C CG2 . THR B 1 68 ? 14.077  17.131  -12.419 1.00 137.03 ? 73  THR B CG2 1 
ATOM   1324 N N   . GLU B 1 69 ? 11.895  19.961  -9.662  1.00 149.44 ? 74  GLU B N   1 
ATOM   1325 C CA  . GLU B 1 69 ? 10.908  20.985  -9.223  1.00 147.43 ? 74  GLU B CA  1 
ATOM   1326 C C   . GLU B 1 69 ? 9.811   21.127  -10.293 1.00 140.26 ? 74  GLU B C   1 
ATOM   1327 O O   . GLU B 1 69 ? 8.629   21.216  -9.913  1.00 127.05 ? 74  GLU B O   1 
ATOM   1328 C CB  . GLU B 1 69 ? 11.610  22.319  -8.936  1.00 152.47 ? 74  GLU B CB  1 
ATOM   1329 C CG  . GLU B 1 69 ? 12.585  22.263  -7.764  1.00 156.01 ? 74  GLU B CG  1 
ATOM   1330 C CD  . GLU B 1 69 ? 13.234  23.578  -7.355  1.00 150.45 ? 74  GLU B CD  1 
ATOM   1331 O OE1 . GLU B 1 69 ? 13.522  24.407  -8.244  1.00 140.43 ? 74  GLU B OE1 1 
ATOM   1332 O OE2 . GLU B 1 69 ? 13.474  23.764  -6.141  1.00 144.44 ? 74  GLU B OE2 1 
ATOM   1333 N N   . LYS B 1 70 ? 10.187  21.132  -11.577 1.00 141.74 ? 75  LYS B N   1 
ATOM   1334 C CA  . LYS B 1 70 ? 9.275   21.352  -12.733 1.00 145.01 ? 75  LYS B CA  1 
ATOM   1335 C C   . LYS B 1 70 ? 8.268   20.198  -12.842 1.00 139.35 ? 75  LYS B C   1 
ATOM   1336 O O   . LYS B 1 70 ? 7.070   20.474  -13.072 1.00 139.63 ? 75  LYS B O   1 
ATOM   1337 C CB  . LYS B 1 70 ? 10.095  21.489  -14.025 1.00 150.97 ? 75  LYS B CB  1 
ATOM   1338 C CG  . LYS B 1 70 ? 9.317   21.455  -15.339 1.00 150.31 ? 75  LYS B CG  1 
ATOM   1339 C CD  . LYS B 1 70 ? 10.186  21.637  -16.564 1.00 152.09 ? 75  LYS B CD  1 
ATOM   1340 C CE  . LYS B 1 70 ? 10.983  22.925  -16.525 1.00 150.27 ? 75  LYS B CE  1 
ATOM   1341 N NZ  . LYS B 1 70 ? 11.489  23.292  -17.866 1.00 143.59 ? 75  LYS B NZ  1 
ATOM   1342 N N   . ASP B 1 71 ? 8.743   18.954  -12.752 1.00 130.32 ? 76  ASP B N   1 
ATOM   1343 C CA  . ASP B 1 71 ? 8.051   17.794  -13.382 1.00 125.74 ? 76  ASP B CA  1 
ATOM   1344 C C   . ASP B 1 71 ? 6.912   17.317  -12.476 1.00 117.11 ? 76  ASP B C   1 
ATOM   1345 O O   . ASP B 1 71 ? 7.072   17.364  -11.243 1.00 106.75 ? 76  ASP B O   1 
ATOM   1346 C CB  . ASP B 1 71 ? 9.042   16.691  -13.753 1.00 122.27 ? 76  ASP B CB  1 
ATOM   1347 C CG  . ASP B 1 71 ? 9.940   17.058  -14.924 1.00 124.87 ? 76  ASP B CG  1 
ATOM   1348 O OD1 . ASP B 1 71 ? 9.492   17.838  -15.804 1.00 126.67 ? 76  ASP B OD1 1 
ATOM   1349 O OD2 . ASP B 1 71 ? 11.085  16.567  -14.945 1.00 124.13 ? 76  ASP B OD2 1 
ATOM   1350 N N   . GLU B 1 72 ? 5.793   16.924  -13.091 1.00 111.39 ? 77  GLU B N   1 
ATOM   1351 C CA  . GLU B 1 72 ? 4.583   16.374  -12.426 1.00 118.96 ? 77  GLU B CA  1 
ATOM   1352 C C   . GLU B 1 72 ? 4.420   14.912  -12.855 1.00 123.91 ? 77  GLU B C   1 
ATOM   1353 O O   . GLU B 1 72 ? 4.441   14.644  -14.075 1.00 133.76 ? 77  GLU B O   1 
ATOM   1354 C CB  . GLU B 1 72 ? 3.338   17.182  -12.799 1.00 115.69 ? 77  GLU B CB  1 
ATOM   1355 C CG  . GLU B 1 72 ? 2.060   16.625  -12.190 1.00 123.67 ? 77  GLU B CG  1 
ATOM   1356 C CD  . GLU B 1 72 ? 0.762   17.019  -12.876 1.00 126.57 ? 77  GLU B CD  1 
ATOM   1357 O OE1 . GLU B 1 72 ? 0.813   17.799  -13.851 1.00 123.53 ? 77  GLU B OE1 1 
ATOM   1358 O OE2 . GLU B 1 72 ? -0.303  16.534  -12.433 1.00 121.21 ? 77  GLU B OE2 1 
ATOM   1359 N N   . TYR B 1 73 ? 4.268   14.005  -11.889 1.00 112.96 ? 78  TYR B N   1 
ATOM   1360 C CA  . TYR B 1 73 ? 4.166   12.542  -12.108 1.00 105.88 ? 78  TYR B CA  1 
ATOM   1361 C C   . TYR B 1 73 ? 2.798   12.053  -11.616 1.00 96.93  ? 78  TYR B C   1 
ATOM   1362 O O   . TYR B 1 73 ? 2.250   12.627  -10.659 1.00 96.24  ? 78  TYR B O   1 
ATOM   1363 C CB  . TYR B 1 73 ? 5.334   11.827  -11.420 1.00 113.41 ? 78  TYR B CB  1 
ATOM   1364 C CG  . TYR B 1 73 ? 6.698   12.100  -12.007 1.00 118.01 ? 78  TYR B CG  1 
ATOM   1365 C CD1 . TYR B 1 73 ? 7.592   12.955  -11.378 1.00 119.36 ? 78  TYR B CD1 1 
ATOM   1366 C CD2 . TYR B 1 73 ? 7.114   11.491  -13.184 1.00 113.86 ? 78  TYR B CD2 1 
ATOM   1367 C CE1 . TYR B 1 73 ? 8.851   13.208  -11.908 1.00 115.28 ? 78  TYR B CE1 1 
ATOM   1368 C CE2 . TYR B 1 73 ? 8.370   11.728  -13.721 1.00 117.58 ? 78  TYR B CE2 1 
ATOM   1369 C CZ  . TYR B 1 73 ? 9.249   12.581  -13.078 1.00 109.54 ? 78  TYR B CZ  1 
ATOM   1370 O OH  . TYR B 1 73 ? 10.485  12.806  -13.620 1.00 106.83 ? 78  TYR B OH  1 
ATOM   1371 N N   . ALA B 1 74 ? 2.262   11.016  -12.265 1.00 88.18  ? 79  ALA B N   1 
ATOM   1372 C CA  . ALA B 1 74 ? 0.970   10.376  -11.933 1.00 87.36  ? 79  ALA B CA  1 
ATOM   1373 C C   . ALA B 1 74 ? 0.987   8.898   -12.341 1.00 85.92  ? 79  ALA B C   1 
ATOM   1374 O O   . ALA B 1 74 ? 1.978   8.465   -12.948 1.00 88.14  ? 79  ALA B O   1 
ATOM   1375 C CB  . ALA B 1 74 ? -0.155  11.114  -12.610 1.00 79.56  ? 79  ALA B CB  1 
ATOM   1376 N N   . CYS B 1 75 ? -0.071  8.162   -11.992 1.00 77.34  ? 80  CYS B N   1 
ATOM   1377 C CA  . CYS B 1 75 ? -0.347  6.771   -12.435 1.00 76.40  ? 80  CYS B CA  1 
ATOM   1378 C C   . CYS B 1 75 ? -1.791  6.713   -12.940 1.00 75.26  ? 80  CYS B C   1 
ATOM   1379 O O   . CYS B 1 75 ? -2.645  7.290   -12.249 1.00 72.50  ? 80  CYS B O   1 
ATOM   1380 C CB  . CYS B 1 75 ? -0.121  5.789   -11.290 1.00 80.11  ? 80  CYS B CB  1 
ATOM   1381 S SG  . CYS B 1 75 ? -0.525  4.078   -11.713 1.00 91.43  ? 80  CYS B SG  1 
ATOM   1382 N N   . ARG B 1 76 ? -2.058  6.066   -14.088 1.00 74.54  ? 81  ARG B N   1 
ATOM   1383 C CA  . ARG B 1 76 ? -3.389  6.107   -14.764 1.00 80.93  ? 81  ARG B CA  1 
ATOM   1384 C C   . ARG B 1 76 ? -3.852  4.685   -15.098 1.00 77.58  ? 81  ARG B C   1 
ATOM   1385 O O   . ARG B 1 76 ? -3.036  3.910   -15.626 1.00 77.77  ? 81  ARG B O   1 
ATOM   1386 C CB  . ARG B 1 76 ? -3.345  7.055   -15.973 1.00 92.30  ? 81  ARG B CB  1 
ATOM   1387 C CG  . ARG B 1 76 ? -3.104  8.528   -15.695 1.00 103.25 ? 81  ARG B CG  1 
ATOM   1388 C CD  . ARG B 1 76 ? -3.001  9.279   -17.013 1.00 112.89 ? 81  ARG B CD  1 
ATOM   1389 N NE  . ARG B 1 76 ? -4.180  9.131   -17.860 1.00 122.79 ? 81  ARG B NE  1 
ATOM   1390 C CZ  . ARG B 1 76 ? -4.285  9.509   -19.137 1.00 124.96 ? 81  ARG B CZ  1 
ATOM   1391 N NH1 . ARG B 1 76 ? -3.275  10.082  -19.775 1.00 125.35 ? 81  ARG B NH1 1 
ATOM   1392 N NH2 . ARG B 1 76 ? -5.421  9.309   -19.780 1.00 126.02 ? 81  ARG B NH2 1 
ATOM   1393 N N   . VAL B 1 77 ? -5.127  4.374   -14.841 1.00 81.50  ? 82  VAL B N   1 
ATOM   1394 C CA  . VAL B 1 77 ? -5.688  2.991   -14.926 1.00 79.76  ? 82  VAL B CA  1 
ATOM   1395 C C   . VAL B 1 77 ? -6.965  2.958   -15.767 1.00 84.25  ? 82  VAL B C   1 
ATOM   1396 O O   . VAL B 1 77 ? -7.987  3.430   -15.260 1.00 89.01  ? 82  VAL B O   1 
ATOM   1397 C CB  . VAL B 1 77 ? -5.984  2.456   -13.516 1.00 81.14  ? 82  VAL B CB  1 
ATOM   1398 C CG1 . VAL B 1 77 ? -6.529  1.039   -13.542 1.00 79.07  ? 82  VAL B CG1 1 
ATOM   1399 C CG2 . VAL B 1 77 ? -4.758  2.558   -12.631 1.00 81.90  ? 82  VAL B CG2 1 
ATOM   1400 N N   . ASN B 1 78 ? -6.923  2.306   -16.937 1.00 101.81 ? 83  ASN B N   1 
ATOM   1401 C CA  . ASN B 1 78 ? -8.073  2.155   -17.875 1.00 109.79 ? 83  ASN B CA  1 
ATOM   1402 C C   . ASN B 1 78 ? -8.263  0.670   -18.219 1.00 108.29 ? 83  ASN B C   1 
ATOM   1403 O O   . ASN B 1 78 ? -7.787  -0.182  -17.451 1.00 97.14  ? 83  ASN B O   1 
ATOM   1404 C CB  . ASN B 1 78 ? -7.941  3.029   -19.132 1.00 117.03 ? 83  ASN B CB  1 
ATOM   1405 C CG  . ASN B 1 78 ? -6.600  2.918   -19.827 1.00 123.32 ? 83  ASN B CG  1 
ATOM   1406 O OD1 . ASN B 1 78 ? -5.655  2.356   -19.280 1.00 133.30 ? 83  ASN B OD1 1 
ATOM   1407 N ND2 . ASN B 1 78 ? -6.516  3.428   -21.045 1.00 113.48 ? 83  ASN B ND2 1 
ATOM   1408 N N   . HIS B 1 79 ? -8.952  0.380   -19.333 1.00 123.87 ? 84  HIS B N   1 
ATOM   1409 C CA  . HIS B 1 79 ? -9.536  -0.947  -19.683 1.00 123.13 ? 84  HIS B CA  1 
ATOM   1410 C C   . HIS B 1 79 ? -9.585  -1.122  -21.210 1.00 112.83 ? 84  HIS B C   1 
ATOM   1411 O O   . HIS B 1 79 ? -9.592  -2.290  -21.662 1.00 95.23  ? 84  HIS B O   1 
ATOM   1412 C CB  . HIS B 1 79 ? -10.917 -1.067  -19.022 1.00 125.74 ? 84  HIS B CB  1 
ATOM   1413 C CG  . HIS B 1 79 ? -11.442 -2.464  -19.042 1.00 129.56 ? 84  HIS B CG  1 
ATOM   1414 N ND1 . HIS B 1 79 ? -12.041 -3.010  -20.165 1.00 129.15 ? 84  HIS B ND1 1 
ATOM   1415 C CD2 . HIS B 1 79 ? -11.502 -3.410  -18.082 1.00 132.85 ? 84  HIS B CD2 1 
ATOM   1416 C CE1 . HIS B 1 79 ? -12.433 -4.239  -19.895 1.00 132.33 ? 84  HIS B CE1 1 
ATOM   1417 N NE2 . HIS B 1 79 ? -12.117 -4.508  -18.624 1.00 134.35 ? 84  HIS B NE2 1 
ATOM   1418 N N   . GLN B 1 84 ? -12.423 6.901   -19.241 1.00 113.97 ? 89  GLN B N   1 
ATOM   1419 C CA  . GLN B 1 84 ? -12.664 6.127   -17.994 1.00 115.04 ? 89  GLN B CA  1 
ATOM   1420 C C   . GLN B 1 84 ? -11.462 6.118   -17.050 1.00 117.78 ? 89  GLN B C   1 
ATOM   1421 O O   . GLN B 1 84 ? -11.671 6.071   -15.839 1.00 109.53 ? 89  GLN B O   1 
ATOM   1422 C CB  . GLN B 1 84 ? -13.081 4.691   -18.324 1.00 118.17 ? 89  GLN B CB  1 
ATOM   1423 C CG  . GLN B 1 84 ? -14.563 4.558   -18.649 1.00 120.52 ? 89  GLN B CG  1 
ATOM   1424 C CD  . GLN B 1 84 ? -15.474 5.049   -17.547 1.00 123.87 ? 89  GLN B CD  1 
ATOM   1425 O OE1 . GLN B 1 84 ? -16.678 5.196   -17.737 1.00 119.33 ? 89  GLN B OE1 1 
ATOM   1426 N NE2 . GLN B 1 84 ? -14.916 5.313   -16.374 1.00 123.96 ? 89  GLN B NE2 1 
ATOM   1427 N N   . PRO B 1 85 ? -10.195 6.134   -17.534 1.00 126.28 ? 90  PRO B N   1 
ATOM   1428 C CA  . PRO B 1 85 ? -9.048  5.840   -16.678 1.00 122.39 ? 90  PRO B CA  1 
ATOM   1429 C C   . PRO B 1 85 ? -8.972  6.780   -15.474 1.00 114.28 ? 90  PRO B C   1 
ATOM   1430 O O   . PRO B 1 85 ? -9.273  7.948   -15.623 1.00 122.26 ? 90  PRO B O   1 
ATOM   1431 C CB  . PRO B 1 85 ? -7.802  6.044   -17.556 1.00 126.78 ? 90  PRO B CB  1 
ATOM   1432 C CG  . PRO B 1 85 ? -8.300  6.844   -18.733 1.00 131.37 ? 90  PRO B CG  1 
ATOM   1433 C CD  . PRO B 1 85 ? -9.766  6.492   -18.893 1.00 132.27 ? 90  PRO B CD  1 
ATOM   1434 N N   . LYS B 1 86 ? -8.556  6.239   -14.326 1.00 98.53  ? 91  LYS B N   1 
ATOM   1435 C CA  . LYS B 1 86 ? -8.462  6.971   -13.040 1.00 97.43  ? 91  LYS B CA  1 
ATOM   1436 C C   . LYS B 1 86 ? -7.002  7.367   -12.829 1.00 94.05  ? 91  LYS B C   1 
ATOM   1437 O O   . LYS B 1 86 ? -6.117  6.496   -13.010 1.00 91.97  ? 91  LYS B O   1 
ATOM   1438 C CB  . LYS B 1 86 ? -9.026  6.105   -11.910 1.00 102.48 ? 91  LYS B CB  1 
ATOM   1439 C CG  . LYS B 1 86 ? -10.332 5.401   -12.274 1.00 113.00 ? 91  LYS B CG  1 
ATOM   1440 C CD  . LYS B 1 86 ? -11.240 5.081   -11.104 1.00 118.10 ? 91  LYS B CD  1 
ATOM   1441 C CE  . LYS B 1 86 ? -12.596 4.565   -11.541 1.00 121.40 ? 91  LYS B CE  1 
ATOM   1442 N NZ  . LYS B 1 86 ? -13.383 4.023   -10.408 1.00 123.55 ? 91  LYS B NZ  1 
ATOM   1443 N N   . ILE B 1 87 ? -6.764  8.643   -12.524 1.00 92.01  ? 92  ILE B N   1 
ATOM   1444 C CA  . ILE B 1 87 ? -5.396  9.229   -12.422 1.00 90.28  ? 92  ILE B CA  1 
ATOM   1445 C C   . ILE B 1 87 ? -5.130  9.587   -10.961 1.00 89.29  ? 92  ILE B C   1 
ATOM   1446 O O   . ILE B 1 87 ? -5.934  10.329  -10.385 1.00 99.55  ? 92  ILE B O   1 
ATOM   1447 C CB  . ILE B 1 87 ? -5.233  10.441  -13.357 1.00 90.87  ? 92  ILE B CB  1 
ATOM   1448 C CG1 . ILE B 1 87 ? -5.451  10.031  -14.818 1.00 95.89  ? 92  ILE B CG1 1 
ATOM   1449 C CG2 . ILE B 1 87 ? -3.889  11.128  -13.129 1.00 91.30  ? 92  ILE B CG2 1 
ATOM   1450 C CD1 . ILE B 1 87 ? -4.774  10.915  -15.847 1.00 98.23  ? 92  ILE B CD1 1 
ATOM   1451 N N   . VAL B 1 88 ? -4.046  9.053   -10.405 1.00 73.88  ? 93  VAL B N   1 
ATOM   1452 C CA  . VAL B 1 88 ? -3.582  9.332   -9.022  1.00 83.56  ? 93  VAL B CA  1 
ATOM   1453 C C   . VAL B 1 88 ? -2.210  9.999   -9.135  1.00 85.65  ? 93  VAL B C   1 
ATOM   1454 O O   . VAL B 1 88 ? -1.293  9.366   -9.687  1.00 79.88  ? 93  VAL B O   1 
ATOM   1455 C CB  . VAL B 1 88 ? -3.545  8.041   -8.177  1.00 91.69  ? 93  VAL B CB  1 
ATOM   1456 C CG1 . VAL B 1 88 ? -3.171  8.322   -6.730  1.00 93.09  ? 93  VAL B CG1 1 
ATOM   1457 C CG2 . VAL B 1 88 ? -4.868  7.286   -8.245  1.00 86.18  ? 93  VAL B CG2 1 
ATOM   1458 N N   . LYS B 1 89 ? -2.101  11.247  -8.672  1.00 80.68  ? 94  LYS B N   1 
ATOM   1459 C CA  . LYS B 1 89 ? -0.845  12.033  -8.673  1.00 85.67  ? 94  LYS B CA  1 
ATOM   1460 C C   . LYS B 1 89 ? 0.026   11.532  -7.526  1.00 80.55  ? 94  LYS B C   1 
ATOM   1461 O O   . LYS B 1 89 ? -0.525  10.883  -6.631  1.00 90.21  ? 94  LYS B O   1 
ATOM   1462 C CB  . LYS B 1 89 ? -1.144  13.527  -8.534  1.00 98.34  ? 94  LYS B CB  1 
ATOM   1463 C CG  . LYS B 1 89 ? -1.904  14.129  -9.710  1.00 111.97 ? 94  LYS B CG  1 
ATOM   1464 C CD  . LYS B 1 89 ? -2.339  15.570  -9.518  1.00 113.30 ? 94  LYS B CD  1 
ATOM   1465 C CE  . LYS B 1 89 ? -3.255  16.047  -10.627 1.00 114.56 ? 94  LYS B CE  1 
ATOM   1466 N NZ  . LYS B 1 89 ? -3.833  17.381  -10.339 1.00 115.26 ? 94  LYS B NZ  1 
ATOM   1467 N N   . TRP B 1 90 ? 1.322   11.829  -7.562  1.00 77.29  ? 95  TRP B N   1 
ATOM   1468 C CA  . TRP B 1 90 ? 2.289   11.521  -6.476  1.00 85.03  ? 95  TRP B CA  1 
ATOM   1469 C C   . TRP B 1 90 ? 2.581   12.787  -5.659  1.00 95.82  ? 95  TRP B C   1 
ATOM   1470 O O   . TRP B 1 90 ? 2.569   13.874  -6.261  1.00 107.38 ? 95  TRP B O   1 
ATOM   1471 C CB  . TRP B 1 90 ? 3.558   10.943  -7.090  1.00 85.36  ? 95  TRP B CB  1 
ATOM   1472 C CG  . TRP B 1 90 ? 4.703   10.817  -6.138  1.00 89.62  ? 95  TRP B CG  1 
ATOM   1473 C CD1 . TRP B 1 90 ? 4.792   10.017  -5.035  1.00 92.72  ? 95  TRP B CD1 1 
ATOM   1474 C CD2 . TRP B 1 90 ? 5.958   11.504  -6.242  1.00 91.27  ? 95  TRP B CD2 1 
ATOM   1475 N NE1 . TRP B 1 90 ? 6.019   10.160  -4.443  1.00 94.04  ? 95  TRP B NE1 1 
ATOM   1476 C CE2 . TRP B 1 90 ? 6.754   11.068  -5.162  1.00 95.24  ? 95  TRP B CE2 1 
ATOM   1477 C CE3 . TRP B 1 90 ? 6.471   12.448  -7.137  1.00 88.95  ? 95  TRP B CE3 1 
ATOM   1478 C CZ2 . TRP B 1 90 ? 8.046   11.548  -4.963  1.00 97.31  ? 95  TRP B CZ2 1 
ATOM   1479 C CZ3 . TRP B 1 90 ? 7.749   12.915  -6.941  1.00 95.53  ? 95  TRP B CZ3 1 
ATOM   1480 C CH2 . TRP B 1 90 ? 8.525   12.466  -5.872  1.00 97.03  ? 95  TRP B CH2 1 
ATOM   1481 N N   . ASP B 1 91 ? 2.848   12.652  -4.352  1.00 95.36  ? 96  ASP B N   1 
ATOM   1482 C CA  . ASP B 1 91 ? 3.154   13.785  -3.433  1.00 90.15  ? 96  ASP B CA  1 
ATOM   1483 C C   . ASP B 1 91 ? 3.893   13.259  -2.198  1.00 85.83  ? 96  ASP B C   1 
ATOM   1484 O O   . ASP B 1 91 ? 5.088   12.981  -2.308  1.00 85.52  ? 96  ASP B O   1 
ATOM   1485 C CB  . ASP B 1 91 ? 1.870   14.534  -3.068  1.00 95.82  ? 96  ASP B CB  1 
ATOM   1486 C CG  . ASP B 1 91 ? 0.669   13.616  -2.923  1.00 97.76  ? 96  ASP B CG  1 
ATOM   1487 O OD1 . ASP B 1 91 ? 0.761   12.651  -2.133  1.00 102.11 ? 96  ASP B OD1 1 
ATOM   1488 O OD2 . ASP B 1 91 ? -0.343  13.857  -3.618  1.00 94.37  ? 96  ASP B OD2 1 
HETATM 1489 C C   . TRS C 2 .  ? 6.270   -5.288  -3.204  1.00 85.65  ? 101 TRS A C   1 
HETATM 1490 C C1  . TRS C 2 .  ? 7.482   -4.510  -2.692  1.00 89.47  ? 101 TRS A C1  1 
HETATM 1491 C C2  . TRS C 2 .  ? 6.719   -6.227  -4.319  1.00 81.87  ? 101 TRS A C2  1 
HETATM 1492 C C3  . TRS C 2 .  ? 5.170   -4.349  -3.713  1.00 89.43  ? 101 TRS A C3  1 
HETATM 1493 N N   . TRS C 2 .  ? 5.707   -6.130  -2.087  1.00 85.96  ? 101 TRS A N   1 
HETATM 1494 O O1  . TRS C 2 .  ? 8.659   -4.797  -3.437  1.00 87.21  ? 101 TRS A O1  1 
HETATM 1495 O O2  . TRS C 2 .  ? 8.036   -6.698  -4.095  1.00 74.48  ? 101 TRS A O2  1 
HETATM 1496 O O3  . TRS C 2 .  ? 4.749   -3.367  -2.769  1.00 81.43  ? 101 TRS A O3  1 
HETATM 1497 N N1  . SJK D 3 .  ? 1.065   -3.496  -1.104  1.00 91.19  ? 102 SJK A N1  1 
HETATM 1498 N N3  . SJK D 3 .  ? 1.292   -7.948  0.153   1.00 111.98 ? 102 SJK A N3  1 
HETATM 1499 C C4  . SJK D 3 .  ? 1.736   -4.643  -1.153  1.00 104.41 ? 102 SJK A C4  1 
HETATM 1500 C C5  . SJK D 3 .  ? 1.035   -1.085  -1.208  1.00 77.69  ? 102 SJK A C5  1 
HETATM 1501 C C6  . SJK D 3 .  ? 1.359   -2.346  -1.995  1.00 85.07  ? 102 SJK A C6  1 
HETATM 1502 C C7  . SJK D 3 .  ? 1.815   -7.000  -0.637  1.00 117.99 ? 102 SJK A C7  1 
HETATM 1503 C C8  . SJK D 3 .  ? 1.746   -9.344  0.098   1.00 122.23 ? 102 SJK A C8  1 
HETATM 1504 C C1  . SJK D 3 .  ? -0.127  -3.354  -0.526  1.00 87.76  ? 102 SJK A C1  1 
HETATM 1505 N N2  . SJK D 3 .  ? -0.744  -4.425  -0.007  1.00 103.05 ? 102 SJK A N2  1 
HETATM 1506 C C2  . SJK D 3 .  ? -0.113  -5.676  -0.038  1.00 117.48 ? 102 SJK A C2  1 
HETATM 1507 C C3  . SJK D 3 .  ? 1.150   -5.779  -0.609  1.00 118.96 ? 102 SJK A C3  1 
HETATM 1508 S S1  . SJK D 3 .  ? -0.372  -1.644  -0.278  1.00 87.56  ? 102 SJK A S1  1 
HETATM 1509 O O1  . SJK D 3 .  ? 2.850   -4.687  -1.670  1.00 121.81 ? 102 SJK A O1  1 
HETATM 1510 O O2  . SJK D 3 .  ? 2.807   -7.165  -1.345  1.00 118.40 ? 102 SJK A O2  1 
HETATM 1511 C C9  . SJK D 3 .  ? 3.172   -9.439  0.646   1.00 124.43 ? 102 SJK A C9  1 
HETATM 1512 S S2  . SJK D 3 .  ? 3.226   -9.774  2.444   1.00 118.95 ? 102 SJK A S2  1 
HETATM 1513 N N1  . SJK E 3 .  ? 11.900  -3.085  -7.388  1.00 138.33 ? 101 SJK B N1  1 
HETATM 1514 N N3  . SJK E 3 .  ? 10.625  -7.462  -6.534  1.00 157.43 ? 101 SJK B N3  1 
HETATM 1515 C C4  . SJK E 3 .  ? 11.051  -3.905  -6.777  1.00 151.07 ? 101 SJK B C4  1 
HETATM 1516 C C5  . SJK E 3 .  ? 12.891  -0.896  -7.624  1.00 132.05 ? 101 SJK B C5  1 
HETATM 1517 C C6  . SJK E 3 .  ? 11.583  -1.668  -7.695  1.00 132.78 ? 101 SJK B C6  1 
HETATM 1518 C C7  . SJK E 3 .  ? 10.379  -6.170  -6.281  1.00 160.46 ? 101 SJK B C7  1 
HETATM 1519 C C8  . SJK E 3 .  ? 9.900   -8.542  -5.847  1.00 157.72 ? 101 SJK B C8  1 
HETATM 1520 C C1  . SJK E 3 .  ? 12.958  -3.495  -8.087  1.00 137.69 ? 101 SJK B C1  1 
HETATM 1521 N N2  . SJK E 3 .  ? 13.173  -4.807  -8.257  1.00 142.25 ? 101 SJK B N2  1 
HETATM 1522 C C2  . SJK E 3 .  ? 12.311  -5.737  -7.662  1.00 156.85 ? 101 SJK B C2  1 
HETATM 1523 C C3  . SJK E 3 .  ? 11.242  -5.275  -6.904  1.00 160.04 ? 101 SJK B C3  1 
HETATM 1524 S S1  . SJK E 3 .  ? 14.012  -2.115  -8.269  1.00 141.57 ? 101 SJK B S1  1 
HETATM 1525 O O1  . SJK E 3 .  ? 10.118  -3.450  -6.116  1.00 155.52 ? 101 SJK B O1  1 
HETATM 1526 O O2  . SJK E 3 .  ? 9.468   -5.771  -5.558  1.00 156.79 ? 101 SJK B O2  1 
HETATM 1527 C C9  . SJK E 3 .  ? 8.628   -8.880  -6.628  1.00 151.46 ? 101 SJK B C9  1 
HETATM 1528 S S2  . SJK E 3 .  ? 7.758   -7.397  -7.254  1.00 153.18 ? 101 SJK B S2  1 
HETATM 1529 O O   . HOH F 4 .  ? 4.621   -6.231  15.339  1.00 59.58  ? 201 HOH A O   1 
HETATM 1530 O O   . HOH F 4 .  ? 8.406   6.332   19.514  1.00 79.44  ? 202 HOH A O   1 
HETATM 1531 O O   . HOH F 4 .  ? 12.038  6.005   19.090  1.00 72.89  ? 203 HOH A O   1 
HETATM 1532 O O   . HOH F 4 .  ? -8.890  4.064   18.150  1.00 78.93  ? 204 HOH A O   1 
HETATM 1533 O O   . HOH F 4 .  ? 25.558  -6.834  -3.469  1.00 52.96  ? 205 HOH A O   1 
HETATM 1534 O O   . HOH F 4 .  ? -11.250 -0.697  3.426   1.00 60.23  ? 206 HOH A O   1 
HETATM 1535 O O   . HOH F 4 .  ? -9.569  0.681   17.804  1.00 64.39  ? 207 HOH A O   1 
HETATM 1536 O O   . HOH F 4 .  ? -8.222  3.729   5.991   1.00 68.99  ? 208 HOH A O   1 
HETATM 1537 O O   . HOH F 4 .  ? 17.123  -2.647  10.938  1.00 72.56  ? 209 HOH A O   1 
HETATM 1538 O O   . HOH F 4 .  ? -9.892  -9.812  19.749  1.00 62.15  ? 210 HOH A O   1 
HETATM 1539 O O   . HOH F 4 .  ? 7.453   4.045   8.705   1.00 61.78  ? 211 HOH A O   1 
HETATM 1540 O O   . HOH F 4 .  ? -2.680  11.931  13.875  1.00 68.89  ? 212 HOH A O   1 
HETATM 1541 O O   . HOH F 4 .  ? -20.159 -2.934  -1.993  1.00 68.56  ? 213 HOH A O   1 
HETATM 1542 O O   . HOH F 4 .  ? 16.465  3.397   20.575  1.00 68.18  ? 214 HOH A O   1 
HETATM 1543 O O   . HOH F 4 .  ? 1.920   13.733  9.897   1.00 71.10  ? 215 HOH A O   1 
HETATM 1544 O O   . HOH F 4 .  ? 2.631   15.250  11.531  0.50 57.21  ? 216 HOH A O   1 
HETATM 1545 O O   . HOH G 4 .  ? -4.825  -19.598 -4.984  1.00 54.35  ? 201 HOH B O   1 
HETATM 1546 O O   . HOH G 4 .  ? -6.947  -12.391 -12.222 1.00 60.64  ? 202 HOH B O   1 
HETATM 1547 O O   . HOH G 4 .  ? 0.408   9.865   -1.338  1.00 81.74  ? 203 HOH B O   1 
HETATM 1548 O O   . HOH G 4 .  ? 2.665   10.253  -2.604  1.00 66.96  ? 204 HOH B O   1 
HETATM 1549 O O   . HOH G 4 .  ? -11.410 -3.992  -23.290 1.00 72.68  ? 205 HOH B O   1 
HETATM 1550 O O   . HOH G 4 .  ? -12.222 9.439   -17.601 1.00 73.21  ? 206 HOH B O   1 
HETATM 1551 O O   . HOH G 4 .  ? 12.954  11.304  -14.637 1.00 74.00  ? 207 HOH B O   1 
HETATM 1552 O O   . HOH G 4 .  ? 10.801  15.762  -3.302  1.00 77.29  ? 208 HOH B O   1 
HETATM 1553 O O   . HOH G 4 .  ? 17.511  20.505  -5.803  1.00 73.84  ? 209 HOH B O   1 
HETATM 1554 O O   . HOH G 4 .  ? 3.617   -7.586  -7.254  1.00 58.68  ? 210 HOH B O   1 
HETATM 1555 O O   . HOH G 4 .  ? -12.133 -7.904  -25.859 1.00 78.75  ? 211 HOH B O   1 
HETATM 1556 O O   . HOH G 4 .  ? -4.633  -7.780  -14.974 1.00 64.64  ? 212 HOH B O   1 
HETATM 1557 O O   . HOH G 4 .  ? -2.963  -9.678  -14.917 1.00 73.85  ? 213 HOH B O   1 
HETATM 1558 O O   . HOH G 4 .  ? -0.595  -5.732  -22.125 1.00 70.28  ? 214 HOH B O   1 
HETATM 1559 O O   . HOH G 4 .  ? -1.877  9.587   -0.343  1.00 65.86  ? 215 HOH B O   1 
HETATM 1560 O O   . HOH G 4 .  ? 21.438  18.183  -11.893 1.00 82.37  ? 216 HOH B O   1 
HETATM 1561 O O   . HOH G 4 .  ? -3.923  11.226  -0.242  1.00 77.52  ? 217 HOH B O   1 
# 
